data_2A4H
#
_entry.id   2A4H
#
_cell.length_a   1.000
_cell.length_b   1.000
_cell.length_c   1.000
_cell.angle_alpha   90.00
_cell.angle_beta   90.00
_cell.angle_gamma   90.00
#
_symmetry.space_group_name_H-M   'P 1'
#
_entity_poly.entity_id   1
_entity_poly.type   'polypeptide(L)'
_entity_poly.pdbx_seq_one_letter_code
;MASHHHHHHLDQQPAAQRTYAKAILEVCTCKFRAYPQIQAFIQSGRPAKFPNLQIKYVRGLDPVVKLLDASGKVQETLSI
TKWNTDTVEEFFETHLAKDGAGKNSYSVVEDADGDDDEDYLRTNRI
;
_entity_poly.pdbx_strand_id   A
#
# COMPACT_ATOMS: atom_id res chain seq x y z
N MET A 1 -22.02 20.99 3.41
CA MET A 1 -22.00 22.39 2.91
C MET A 1 -21.27 22.50 1.57
N ALA A 2 -20.40 21.52 1.29
CA ALA A 2 -19.64 21.52 0.05
C ALA A 2 -20.44 20.86 -1.08
N SER A 3 -21.07 19.74 -0.79
CA SER A 3 -21.86 19.02 -1.78
C SER A 3 -23.31 18.88 -1.33
N HIS A 4 -23.54 17.99 -0.37
CA HIS A 4 -24.89 17.76 0.15
C HIS A 4 -24.84 17.04 1.49
N HIS A 5 -24.77 17.81 2.57
CA HIS A 5 -24.73 17.23 3.91
C HIS A 5 -25.64 18.01 4.87
N HIS A 6 -26.71 17.36 5.31
CA HIS A 6 -27.66 17.98 6.22
C HIS A 6 -27.06 18.16 7.61
N HIS A 7 -26.86 17.04 8.31
CA HIS A 7 -26.29 17.08 9.66
C HIS A 7 -25.38 15.89 9.89
N HIS A 8 -24.07 16.11 9.78
CA HIS A 8 -23.09 15.05 9.98
C HIS A 8 -21.84 15.58 10.69
N HIS A 9 -22.05 16.22 11.84
CA HIS A 9 -20.94 16.78 12.61
C HIS A 9 -20.27 17.92 11.84
N LEU A 10 -19.51 17.57 10.82
CA LEU A 10 -18.82 18.57 10.01
C LEU A 10 -18.05 17.91 8.86
N ASP A 11 -17.10 17.04 9.21
CA ASP A 11 -16.30 16.34 8.21
C ASP A 11 -15.89 14.96 8.70
N GLN A 12 -15.50 14.09 7.77
CA GLN A 12 -15.09 12.74 8.11
C GLN A 12 -14.06 12.75 9.24
N GLN A 13 -13.08 13.64 9.13
CA GLN A 13 -12.03 13.75 10.14
C GLN A 13 -11.18 12.49 10.18
N PRO A 14 -9.85 12.63 10.16
CA PRO A 14 -8.93 11.49 10.19
C PRO A 14 -9.10 10.65 11.45
N ALA A 15 -8.93 9.34 11.31
CA ALA A 15 -9.07 8.42 12.44
C ALA A 15 -7.74 8.20 13.14
N ALA A 16 -6.70 7.93 12.36
CA ALA A 16 -5.37 7.69 12.93
C ALA A 16 -4.27 8.30 12.06
N GLN A 17 -3.81 7.52 11.08
CA GLN A 17 -2.74 7.98 10.20
C GLN A 17 -3.30 8.42 8.84
N ARG A 18 -4.59 8.75 8.82
CA ARG A 18 -5.25 9.18 7.59
C ARG A 18 -4.88 8.30 6.40
N THR A 19 -4.98 6.98 6.59
CA THR A 19 -4.65 6.03 5.54
C THR A 19 -5.22 6.45 4.19
N TYR A 20 -4.59 5.98 3.12
CA TYR A 20 -5.02 6.32 1.77
C TYR A 20 -5.77 5.16 1.13
N ALA A 21 -6.52 5.47 0.07
CA ALA A 21 -7.30 4.45 -0.63
C ALA A 21 -6.49 3.79 -1.74
N LYS A 22 -5.84 4.59 -2.58
CA LYS A 22 -5.05 4.05 -3.67
C LYS A 22 -3.66 4.67 -3.75
N ALA A 23 -2.74 3.93 -4.34
CA ALA A 23 -1.36 4.38 -4.52
C ALA A 23 -0.66 3.51 -5.56
N ILE A 24 0.05 4.15 -6.49
CA ILE A 24 0.73 3.42 -7.54
C ILE A 24 2.23 3.68 -7.55
N LEU A 25 2.99 2.61 -7.73
CA LEU A 25 4.43 2.70 -7.82
C LEU A 25 4.82 2.55 -9.28
N GLU A 26 4.88 3.67 -9.98
CA GLU A 26 5.20 3.66 -11.40
C GLU A 26 6.69 3.58 -11.64
N VAL A 27 7.15 2.37 -11.96
CA VAL A 27 8.56 2.11 -12.22
C VAL A 27 8.78 1.65 -13.65
N CYS A 28 10.05 1.63 -14.04
CA CYS A 28 10.46 1.20 -15.37
C CYS A 28 11.26 -0.11 -15.29
N THR A 29 11.67 -0.47 -14.07
CA THR A 29 12.46 -1.67 -13.84
C THR A 29 13.76 -1.68 -14.66
N CYS A 30 14.14 -0.50 -15.15
CA CYS A 30 15.36 -0.37 -15.92
C CYS A 30 16.49 0.14 -15.02
N LYS A 31 16.14 0.53 -13.79
CA LYS A 31 17.11 1.01 -12.82
C LYS A 31 17.72 -0.14 -12.02
N PHE A 32 17.50 -1.37 -12.47
CA PHE A 32 18.04 -2.54 -11.80
C PHE A 32 19.54 -2.39 -11.55
N ARG A 33 20.18 -1.56 -12.36
CA ARG A 33 21.62 -1.33 -12.24
C ARG A 33 21.91 -0.34 -11.12
N ALA A 34 21.17 0.76 -11.11
CA ALA A 34 21.36 1.81 -10.10
C ALA A 34 20.69 1.46 -8.78
N TYR A 35 19.40 1.15 -8.84
CA TYR A 35 18.65 0.81 -7.63
C TYR A 35 18.24 -0.65 -7.63
N PRO A 36 19.22 -1.57 -7.61
CA PRO A 36 18.97 -3.02 -7.61
C PRO A 36 18.20 -3.48 -6.36
N GLN A 37 18.13 -2.62 -5.36
CA GLN A 37 17.42 -2.95 -4.12
C GLN A 37 15.92 -2.69 -4.24
N ILE A 38 15.57 -1.59 -4.89
CA ILE A 38 14.18 -1.22 -5.08
C ILE A 38 13.38 -2.40 -5.63
N GLN A 39 13.47 -2.60 -6.95
CA GLN A 39 12.76 -3.71 -7.59
C GLN A 39 12.98 -5.01 -6.82
N ALA A 40 14.11 -5.09 -6.10
CA ALA A 40 14.43 -6.26 -5.31
C ALA A 40 13.25 -6.65 -4.42
N PHE A 41 12.74 -5.68 -3.66
CA PHE A 41 11.60 -5.92 -2.80
C PHE A 41 10.37 -6.23 -3.64
N ILE A 42 10.29 -5.58 -4.80
CA ILE A 42 9.18 -5.81 -5.72
C ILE A 42 9.19 -7.25 -6.18
N GLN A 43 10.39 -7.77 -6.36
CA GLN A 43 10.57 -9.16 -6.78
C GLN A 43 10.33 -10.09 -5.60
N SER A 44 10.53 -9.56 -4.38
CA SER A 44 10.33 -10.35 -3.17
C SER A 44 8.89 -10.81 -3.05
N GLY A 45 7.95 -9.87 -3.21
CA GLY A 45 6.54 -10.21 -3.13
C GLY A 45 5.80 -9.46 -2.04
N ARG A 46 6.51 -8.64 -1.27
CA ARG A 46 5.90 -7.89 -0.18
C ARG A 46 4.85 -6.91 -0.68
N PRO A 47 5.13 -6.17 -1.77
CA PRO A 47 4.17 -5.20 -2.33
C PRO A 47 2.98 -5.90 -2.99
N ALA A 48 3.18 -7.14 -3.39
CA ALA A 48 2.12 -7.91 -4.03
C ALA A 48 1.00 -8.18 -3.04
N LYS A 49 1.36 -8.23 -1.75
CA LYS A 49 0.39 -8.47 -0.69
C LYS A 49 -0.44 -7.22 -0.41
N PHE A 50 0.06 -6.06 -0.86
CA PHE A 50 -0.64 -4.80 -0.63
C PHE A 50 -1.66 -4.55 -1.74
N PRO A 51 -2.96 -4.73 -1.45
CA PRO A 51 -4.04 -4.52 -2.43
C PRO A 51 -4.18 -3.05 -2.84
N ASN A 52 -3.89 -2.16 -1.90
CA ASN A 52 -3.97 -0.73 -2.14
C ASN A 52 -2.79 -0.22 -2.97
N LEU A 53 -1.86 -1.11 -3.30
CA LEU A 53 -0.68 -0.72 -4.06
C LEU A 53 -0.67 -1.40 -5.43
N GLN A 54 -0.46 -0.60 -6.47
CA GLN A 54 -0.45 -1.08 -7.85
C GLN A 54 0.87 -1.75 -8.23
N ILE A 55 1.93 -0.94 -8.36
CA ILE A 55 3.25 -1.43 -8.75
C ILE A 55 3.32 -1.59 -10.26
N LYS A 56 3.06 -0.51 -10.98
CA LYS A 56 3.07 -0.53 -12.44
C LYS A 56 4.48 -0.44 -13.00
N TYR A 57 4.64 -0.90 -14.24
CA TYR A 57 5.92 -0.86 -14.93
C TYR A 57 5.84 0.14 -16.07
N VAL A 58 5.63 1.39 -15.68
CA VAL A 58 5.49 2.51 -16.61
C VAL A 58 6.36 2.35 -17.87
N ARG A 59 5.96 3.00 -18.95
CA ARG A 59 6.68 2.94 -20.22
C ARG A 59 8.18 2.95 -20.04
N GLY A 60 8.68 3.90 -19.26
CA GLY A 60 10.11 4.00 -19.02
C GLY A 60 10.50 5.28 -18.32
N LEU A 61 10.07 5.42 -17.07
CA LEU A 61 10.36 6.60 -16.28
C LEU A 61 11.15 6.21 -15.03
N ASP A 62 11.20 7.12 -14.06
CA ASP A 62 11.92 6.88 -12.82
C ASP A 62 10.97 6.37 -11.74
N PRO A 63 11.48 5.52 -10.83
CA PRO A 63 10.67 4.96 -9.74
C PRO A 63 10.11 6.04 -8.83
N VAL A 64 8.80 6.19 -8.83
CA VAL A 64 8.15 7.20 -7.99
C VAL A 64 6.90 6.68 -7.30
N VAL A 65 6.87 6.86 -5.98
CA VAL A 65 5.73 6.45 -5.18
C VAL A 65 4.56 7.41 -5.39
N LYS A 66 3.38 6.85 -5.61
CA LYS A 66 2.20 7.67 -5.84
C LYS A 66 1.03 7.23 -4.99
N LEU A 67 0.41 8.18 -4.31
CA LEU A 67 -0.75 7.91 -3.48
C LEU A 67 -1.96 8.62 -4.06
N LEU A 68 -2.82 7.87 -4.72
CA LEU A 68 -3.99 8.45 -5.37
C LEU A 68 -5.24 8.28 -4.53
N ASP A 69 -6.37 8.70 -5.10
CA ASP A 69 -7.65 8.60 -4.42
C ASP A 69 -8.56 7.61 -5.12
N ALA A 70 -8.68 7.76 -6.45
CA ALA A 70 -9.52 6.86 -7.24
C ALA A 70 -9.61 7.33 -8.69
N SER A 71 -9.75 8.64 -8.89
CA SER A 71 -9.86 9.21 -10.22
C SER A 71 -8.51 9.27 -10.91
N GLY A 72 -7.45 9.41 -10.11
CA GLY A 72 -6.10 9.49 -10.67
C GLY A 72 -5.39 10.77 -10.29
N LYS A 73 -5.96 11.52 -9.36
CA LYS A 73 -5.38 12.77 -8.91
C LYS A 73 -3.89 12.64 -8.59
N VAL A 74 -3.59 11.86 -7.55
CA VAL A 74 -2.23 11.62 -7.08
C VAL A 74 -1.89 12.61 -5.96
N GLN A 75 -2.17 12.18 -4.73
CA GLN A 75 -1.93 13.01 -3.57
C GLN A 75 -0.44 13.24 -3.33
N GLU A 76 0.33 12.15 -3.22
CA GLU A 76 1.76 12.29 -2.97
C GLU A 76 2.62 11.56 -3.98
N THR A 77 3.45 12.33 -4.68
CA THR A 77 4.38 11.78 -5.66
C THR A 77 5.82 12.07 -5.22
N LEU A 78 6.51 11.04 -4.75
CA LEU A 78 7.87 11.22 -4.26
C LEU A 78 8.85 10.29 -4.98
N SER A 79 9.96 10.87 -5.45
CA SER A 79 10.98 10.08 -6.15
C SER A 79 11.75 9.21 -5.17
N ILE A 80 11.82 7.92 -5.48
CA ILE A 80 12.51 6.97 -4.62
C ILE A 80 13.80 6.46 -5.25
N THR A 81 14.48 7.32 -5.99
CA THR A 81 15.74 6.95 -6.63
C THR A 81 16.92 7.04 -5.66
N LYS A 82 16.64 7.48 -4.42
CA LYS A 82 17.66 7.61 -3.41
C LYS A 82 17.05 8.08 -2.09
N TRP A 83 16.04 8.95 -2.20
CA TRP A 83 15.30 9.52 -1.08
C TRP A 83 15.43 8.71 0.22
N ASN A 84 14.92 7.47 0.23
CA ASN A 84 14.99 6.65 1.43
C ASN A 84 15.01 5.16 1.11
N THR A 85 14.20 4.73 0.13
CA THR A 85 14.11 3.33 -0.26
C THR A 85 13.88 2.44 0.97
N ASP A 86 13.59 1.16 0.73
CA ASP A 86 13.33 0.22 1.82
C ASP A 86 12.15 0.71 2.66
N THR A 87 12.39 1.68 3.54
CA THR A 87 11.33 2.24 4.37
C THR A 87 10.16 2.65 3.47
N VAL A 88 10.47 2.92 2.20
CA VAL A 88 9.45 3.28 1.24
C VAL A 88 8.44 2.15 1.12
N GLU A 89 8.96 0.92 1.05
CA GLU A 89 8.10 -0.25 0.97
C GLU A 89 7.09 -0.20 2.11
N GLU A 90 7.56 0.24 3.26
CA GLU A 90 6.72 0.38 4.43
C GLU A 90 5.75 1.53 4.23
N PHE A 91 6.19 2.54 3.49
CA PHE A 91 5.38 3.71 3.19
C PHE A 91 3.98 3.29 2.76
N PHE A 92 3.93 2.34 1.84
CA PHE A 92 2.67 1.83 1.32
C PHE A 92 1.95 0.96 2.36
N GLU A 93 2.58 -0.15 2.75
CA GLU A 93 1.96 -1.06 3.73
C GLU A 93 1.42 -0.30 4.93
N THR A 94 2.00 0.86 5.20
CA THR A 94 1.57 1.69 6.33
C THR A 94 0.49 2.69 5.92
N HIS A 95 0.80 3.54 4.95
CA HIS A 95 -0.14 4.54 4.48
C HIS A 95 -1.33 3.91 3.75
N LEU A 96 -1.19 2.65 3.36
CA LEU A 96 -2.26 1.95 2.66
C LEU A 96 -3.10 1.12 3.63
N ALA A 97 -4.13 0.48 3.11
CA ALA A 97 -5.02 -0.32 3.92
C ALA A 97 -5.07 -1.76 3.43
N LYS A 98 -4.61 -2.68 4.29
CA LYS A 98 -4.60 -4.09 3.96
C LYS A 98 -6.02 -4.66 3.94
N ASP A 99 -6.81 -4.25 2.96
CA ASP A 99 -8.19 -4.72 2.84
C ASP A 99 -8.24 -6.24 2.92
N GLY A 100 -7.15 -6.89 2.51
CA GLY A 100 -7.09 -8.34 2.54
C GLY A 100 -7.89 -9.00 1.43
N ALA A 101 -7.55 -8.66 0.18
CA ALA A 101 -8.25 -9.23 -0.97
C ALA A 101 -9.71 -8.82 -1.00
N GLY A 102 -10.06 -7.77 -0.25
CA GLY A 102 -11.43 -7.30 -0.22
C GLY A 102 -11.77 -6.50 -1.45
N LYS A 103 -11.66 -5.17 -1.35
CA LYS A 103 -11.95 -4.29 -2.47
C LYS A 103 -13.42 -4.37 -2.87
N ASN A 104 -14.04 -3.22 -3.05
CA ASN A 104 -15.45 -3.16 -3.43
C ASN A 104 -15.64 -3.58 -4.88
N SER A 105 -15.72 -4.89 -5.11
CA SER A 105 -15.92 -5.42 -6.45
C SER A 105 -17.28 -6.07 -6.58
N TYR A 106 -17.55 -6.66 -7.75
CA TYR A 106 -18.83 -7.32 -7.98
C TYR A 106 -19.15 -8.32 -6.88
N SER A 107 -20.40 -8.34 -6.45
CA SER A 107 -20.83 -9.25 -5.39
C SER A 107 -22.25 -9.76 -5.65
N VAL A 108 -23.23 -8.92 -5.36
CA VAL A 108 -24.63 -9.27 -5.56
C VAL A 108 -25.26 -8.44 -6.66
N VAL A 109 -26.54 -8.68 -6.92
CA VAL A 109 -27.27 -7.97 -7.96
C VAL A 109 -27.02 -6.46 -7.87
N GLU A 110 -26.46 -5.92 -8.93
CA GLU A 110 -26.18 -4.49 -8.99
C GLU A 110 -27.40 -3.74 -9.51
N ASP A 111 -27.31 -2.41 -9.52
CA ASP A 111 -28.41 -1.59 -9.99
C ASP A 111 -28.87 -2.02 -11.38
N ALA A 112 -29.95 -2.80 -11.42
CA ALA A 112 -30.49 -3.29 -12.68
C ALA A 112 -32.00 -3.47 -12.60
N ASP A 113 -32.64 -3.54 -13.76
CA ASP A 113 -34.10 -3.71 -13.82
C ASP A 113 -34.48 -4.72 -14.91
N GLY A 114 -34.92 -5.89 -14.48
CA GLY A 114 -35.31 -6.92 -15.44
C GLY A 114 -34.45 -8.17 -15.33
N ASP A 115 -33.77 -8.51 -16.41
CA ASP A 115 -32.90 -9.69 -16.44
C ASP A 115 -31.44 -9.28 -16.52
N ASP A 116 -30.61 -9.90 -15.69
CA ASP A 116 -29.18 -9.60 -15.68
C ASP A 116 -28.40 -10.71 -14.96
N ASP A 117 -28.90 -11.94 -15.07
CA ASP A 117 -28.25 -13.07 -14.43
C ASP A 117 -29.05 -14.36 -14.66
N GLU A 118 -28.76 -15.04 -15.77
CA GLU A 118 -29.44 -16.29 -16.10
C GLU A 118 -28.89 -17.45 -15.29
N ASP A 119 -29.55 -18.59 -15.36
CA ASP A 119 -29.11 -19.77 -14.63
C ASP A 119 -30.00 -20.97 -14.94
N TYR A 120 -29.68 -21.68 -16.02
CA TYR A 120 -30.42 -22.86 -16.43
C TYR A 120 -31.93 -22.58 -16.44
N LEU A 121 -32.72 -23.64 -16.39
CA LEU A 121 -34.17 -23.52 -16.39
C LEU A 121 -34.80 -24.40 -15.31
N ARG A 122 -35.14 -23.79 -14.19
CA ARG A 122 -35.74 -24.52 -13.08
C ARG A 122 -37.18 -24.91 -13.40
N THR A 123 -37.41 -26.21 -13.59
CA THR A 123 -38.73 -26.71 -13.89
C THR A 123 -39.64 -26.65 -12.66
N ASN A 124 -39.06 -26.97 -11.51
CA ASN A 124 -39.80 -26.94 -10.26
C ASN A 124 -40.98 -27.91 -10.29
N ARG A 125 -40.97 -28.88 -9.38
CA ARG A 125 -42.04 -29.87 -9.31
C ARG A 125 -42.22 -30.37 -7.88
N ILE A 126 -42.88 -29.58 -7.05
CA ILE A 126 -43.12 -29.94 -5.66
C ILE A 126 -43.90 -31.25 -5.56
N MET A 1 -17.55 28.42 18.04
CA MET A 1 -16.14 28.14 18.45
C MET A 1 -16.08 27.63 19.88
N ALA A 2 -16.78 26.53 20.14
CA ALA A 2 -16.80 25.94 21.46
C ALA A 2 -17.47 26.86 22.48
N SER A 3 -16.74 27.89 22.91
CA SER A 3 -17.27 28.85 23.87
C SER A 3 -16.26 29.97 24.13
N HIS A 4 -15.11 29.61 24.69
CA HIS A 4 -14.06 30.59 24.98
C HIS A 4 -12.72 30.12 24.42
N HIS A 5 -12.36 28.87 24.73
CA HIS A 5 -11.10 28.31 24.25
C HIS A 5 -11.29 27.61 22.91
N HIS A 6 -10.19 27.23 22.29
CA HIS A 6 -10.22 26.57 20.99
C HIS A 6 -9.78 25.11 21.11
N HIS A 7 -10.65 24.28 21.69
CA HIS A 7 -10.35 22.86 21.86
C HIS A 7 -11.16 22.02 20.89
N HIS A 8 -10.55 21.65 19.77
CA HIS A 8 -11.22 20.84 18.76
C HIS A 8 -10.37 19.62 18.38
N HIS A 9 -9.06 19.81 18.29
CA HIS A 9 -8.16 18.72 17.95
C HIS A 9 -7.98 17.74 19.09
N LEU A 10 -8.59 18.03 20.25
CA LEU A 10 -8.48 17.16 21.41
C LEU A 10 -7.06 17.14 21.95
N ASP A 11 -6.16 16.51 21.21
CA ASP A 11 -4.76 16.42 21.62
C ASP A 11 -3.82 16.78 20.48
N GLN A 12 -2.68 17.38 20.81
CA GLN A 12 -1.70 17.78 19.81
C GLN A 12 -1.43 16.67 18.81
N GLN A 13 -0.73 15.63 19.27
CA GLN A 13 -0.41 14.49 18.42
C GLN A 13 -1.67 13.78 17.94
N PRO A 14 -1.67 13.32 16.67
CA PRO A 14 -2.83 12.62 16.09
C PRO A 14 -3.22 11.40 16.89
N ALA A 15 -4.51 11.07 16.88
CA ALA A 15 -5.01 9.91 17.60
C ALA A 15 -5.22 8.72 16.67
N ALA A 16 -5.64 8.99 15.45
CA ALA A 16 -5.87 7.94 14.46
C ALA A 16 -4.75 7.88 13.44
N GLN A 17 -4.90 7.01 12.44
CA GLN A 17 -3.90 6.85 11.40
C GLN A 17 -4.23 7.76 10.20
N ARG A 18 -3.35 7.74 9.20
CA ARG A 18 -3.55 8.55 8.01
C ARG A 18 -3.37 7.71 6.75
N THR A 19 -4.04 6.58 6.73
CA THR A 19 -3.98 5.66 5.59
C THR A 19 -4.53 6.32 4.33
N TYR A 20 -4.32 5.64 3.20
CA TYR A 20 -4.79 6.14 1.92
C TYR A 20 -5.72 5.13 1.25
N ALA A 21 -6.34 5.55 0.15
CA ALA A 21 -7.28 4.70 -0.57
C ALA A 21 -6.59 3.92 -1.69
N LYS A 22 -5.48 4.43 -2.18
CA LYS A 22 -4.75 3.78 -3.26
C LYS A 22 -3.33 4.32 -3.42
N ALA A 23 -2.49 3.54 -4.09
CA ALA A 23 -1.11 3.92 -4.35
C ALA A 23 -0.54 3.14 -5.53
N ILE A 24 0.52 3.67 -6.15
CA ILE A 24 1.14 3.01 -7.28
C ILE A 24 2.64 3.25 -7.35
N LEU A 25 3.38 2.20 -7.66
CA LEU A 25 4.83 2.30 -7.80
C LEU A 25 5.17 2.24 -9.28
N GLU A 26 5.32 3.40 -9.88
CA GLU A 26 5.61 3.49 -11.31
C GLU A 26 7.11 3.49 -11.58
N VAL A 27 7.57 2.40 -12.20
CA VAL A 27 8.98 2.23 -12.54
C VAL A 27 9.13 1.55 -13.89
N CYS A 28 10.34 1.57 -14.44
CA CYS A 28 10.62 0.96 -15.73
C CYS A 28 11.72 -0.08 -15.63
N THR A 29 12.17 -0.37 -14.41
CA THR A 29 13.23 -1.34 -14.20
C THR A 29 14.53 -0.90 -14.89
N CYS A 30 14.59 0.38 -15.28
CA CYS A 30 15.77 0.92 -15.93
C CYS A 30 16.90 1.09 -14.92
N LYS A 31 16.51 1.28 -13.66
CA LYS A 31 17.48 1.46 -12.57
C LYS A 31 17.91 0.12 -11.98
N PHE A 32 17.67 -0.97 -12.71
CA PHE A 32 18.04 -2.30 -12.24
C PHE A 32 19.49 -2.34 -11.78
N ARG A 33 20.32 -1.48 -12.36
CA ARG A 33 21.74 -1.43 -12.03
C ARG A 33 22.00 -0.52 -10.83
N ALA A 34 21.53 0.71 -10.94
CA ALA A 34 21.72 1.70 -9.89
C ALA A 34 20.92 1.38 -8.63
N TYR A 35 19.60 1.25 -8.79
CA TYR A 35 18.72 0.98 -7.65
C TYR A 35 18.14 -0.43 -7.71
N PRO A 36 19.01 -1.45 -7.67
CA PRO A 36 18.58 -2.86 -7.72
C PRO A 36 17.77 -3.27 -6.49
N GLN A 37 17.84 -2.46 -5.44
CA GLN A 37 17.11 -2.75 -4.20
C GLN A 37 15.64 -2.42 -4.35
N ILE A 38 15.35 -1.33 -5.07
CA ILE A 38 13.98 -0.91 -5.29
C ILE A 38 13.13 -2.07 -5.79
N GLN A 39 13.22 -2.34 -7.09
CA GLN A 39 12.47 -3.46 -7.68
C GLN A 39 12.59 -4.71 -6.83
N ALA A 40 13.70 -4.81 -6.10
CA ALA A 40 13.92 -5.94 -5.22
C ALA A 40 12.76 -6.10 -4.26
N PHE A 41 12.46 -5.04 -3.52
CA PHE A 41 11.36 -5.07 -2.55
C PHE A 41 10.04 -5.30 -3.27
N ILE A 42 9.98 -4.91 -4.55
CA ILE A 42 8.78 -5.09 -5.34
C ILE A 42 8.57 -6.57 -5.66
N GLN A 43 9.66 -7.23 -6.02
CA GLN A 43 9.61 -8.65 -6.35
C GLN A 43 9.52 -9.50 -5.09
N SER A 44 9.92 -8.93 -3.95
CA SER A 44 9.88 -9.64 -2.68
C SER A 44 8.56 -10.38 -2.50
N GLY A 45 7.47 -9.77 -2.94
CA GLY A 45 6.17 -10.40 -2.83
C GLY A 45 5.27 -9.73 -1.81
N ARG A 46 5.88 -9.11 -0.80
CA ARG A 46 5.12 -8.44 0.25
C ARG A 46 4.24 -7.32 -0.32
N PRO A 47 4.76 -6.48 -1.23
CA PRO A 47 3.99 -5.40 -1.83
C PRO A 47 2.80 -5.93 -2.61
N ALA A 48 2.89 -7.18 -3.04
CA ALA A 48 1.82 -7.81 -3.80
C ALA A 48 0.60 -8.03 -2.91
N LYS A 49 0.83 -8.13 -1.60
CA LYS A 49 -0.25 -8.35 -0.65
C LYS A 49 -1.03 -7.07 -0.42
N PHE A 50 -0.43 -5.92 -0.73
CA PHE A 50 -1.08 -4.63 -0.53
C PHE A 50 -2.05 -4.34 -1.68
N PRO A 51 -3.38 -4.43 -1.42
CA PRO A 51 -4.40 -4.19 -2.44
C PRO A 51 -4.42 -2.75 -2.92
N ASN A 52 -4.24 -1.81 -2.00
CA ASN A 52 -4.22 -0.39 -2.31
C ASN A 52 -3.02 -0.03 -3.18
N LEU A 53 -2.07 -0.95 -3.31
CA LEU A 53 -0.87 -0.71 -4.10
C LEU A 53 -1.02 -1.32 -5.50
N GLN A 54 -0.51 -0.62 -6.50
CA GLN A 54 -0.63 -1.08 -7.89
C GLN A 54 0.66 -1.72 -8.42
N ILE A 55 1.81 -1.10 -8.18
CA ILE A 55 3.07 -1.62 -8.68
C ILE A 55 3.04 -1.69 -10.21
N LYS A 56 3.30 -0.57 -10.86
CA LYS A 56 3.29 -0.52 -12.31
C LYS A 56 4.71 -0.45 -12.87
N TYR A 57 4.94 -1.16 -13.97
CA TYR A 57 6.24 -1.17 -14.62
C TYR A 57 6.17 -0.32 -15.86
N VAL A 58 5.92 0.97 -15.61
CA VAL A 58 5.78 1.98 -16.64
C VAL A 58 6.68 1.72 -17.86
N ARG A 59 6.29 2.28 -19.00
CA ARG A 59 7.04 2.11 -20.23
C ARG A 59 8.50 2.51 -20.07
N GLY A 60 8.75 3.67 -19.47
CA GLY A 60 10.13 4.11 -19.31
C GLY A 60 10.27 5.45 -18.61
N LEU A 61 9.96 5.48 -17.32
CA LEU A 61 10.07 6.71 -16.54
C LEU A 61 10.95 6.47 -15.31
N ASP A 62 11.05 7.48 -14.46
CA ASP A 62 11.85 7.37 -13.25
C ASP A 62 11.03 6.77 -12.11
N PRO A 63 11.69 6.03 -11.19
CA PRO A 63 11.01 5.41 -10.05
C PRO A 63 10.39 6.45 -9.12
N VAL A 64 9.06 6.43 -9.02
CA VAL A 64 8.35 7.36 -8.16
C VAL A 64 7.24 6.66 -7.38
N VAL A 65 6.93 7.22 -6.22
CA VAL A 65 5.88 6.68 -5.37
C VAL A 65 4.59 7.43 -5.66
N LYS A 66 3.45 6.78 -5.49
CA LYS A 66 2.18 7.42 -5.79
C LYS A 66 1.10 7.08 -4.78
N LEU A 67 0.48 8.13 -4.26
CA LEU A 67 -0.63 7.98 -3.32
C LEU A 67 -1.87 8.50 -4.02
N LEU A 68 -2.90 7.70 -4.10
CA LEU A 68 -4.11 8.10 -4.80
C LEU A 68 -5.35 8.01 -3.92
N ASP A 69 -6.49 8.38 -4.49
CA ASP A 69 -7.75 8.34 -3.77
C ASP A 69 -8.68 7.27 -4.34
N ALA A 70 -8.84 7.27 -5.66
CA ALA A 70 -9.70 6.29 -6.31
C ALA A 70 -9.62 6.37 -7.83
N SER A 71 -10.15 7.45 -8.40
CA SER A 71 -10.15 7.63 -9.85
C SER A 71 -8.76 7.97 -10.37
N GLY A 72 -8.11 8.94 -9.72
CA GLY A 72 -6.79 9.34 -10.15
C GLY A 72 -6.37 10.69 -9.59
N LYS A 73 -6.73 10.94 -8.34
CA LYS A 73 -6.39 12.21 -7.69
C LYS A 73 -4.87 12.33 -7.50
N VAL A 74 -4.27 11.29 -6.95
CA VAL A 74 -2.84 11.29 -6.71
C VAL A 74 -2.45 12.29 -5.62
N GLN A 75 -2.80 11.95 -4.38
CA GLN A 75 -2.51 12.80 -3.24
C GLN A 75 -1.06 13.28 -3.23
N GLU A 76 -0.14 12.40 -3.64
CA GLU A 76 1.28 12.77 -3.63
C GLU A 76 2.08 11.97 -4.66
N THR A 77 3.26 12.49 -4.96
CA THR A 77 4.18 11.85 -5.90
C THR A 77 5.61 12.25 -5.55
N LEU A 78 6.36 11.32 -4.98
CA LEU A 78 7.73 11.60 -4.57
C LEU A 78 8.72 10.66 -5.26
N SER A 79 9.73 11.24 -5.90
CA SER A 79 10.73 10.44 -6.60
C SER A 79 11.54 9.61 -5.62
N ILE A 80 11.91 8.40 -6.04
CA ILE A 80 12.69 7.49 -5.19
C ILE A 80 13.86 6.89 -5.94
N THR A 81 14.65 7.74 -6.61
CA THR A 81 15.81 7.26 -7.34
C THR A 81 16.93 6.85 -6.40
N LYS A 82 16.93 7.42 -5.21
CA LYS A 82 17.94 7.10 -4.21
C LYS A 82 17.30 7.05 -2.82
N TRP A 83 16.86 8.21 -2.33
CA TRP A 83 16.21 8.33 -1.02
C TRP A 83 16.74 7.34 0.01
N ASN A 84 16.18 6.13 0.02
CA ASN A 84 16.58 5.11 0.98
C ASN A 84 15.96 3.73 0.69
N THR A 85 14.86 3.70 -0.06
CA THR A 85 14.18 2.46 -0.41
C THR A 85 13.94 1.61 0.83
N ASP A 86 13.58 0.34 0.64
CA ASP A 86 13.30 -0.54 1.77
C ASP A 86 12.14 0.01 2.59
N THR A 87 12.44 0.99 3.45
CA THR A 87 11.41 1.63 4.25
C THR A 87 10.27 2.08 3.35
N VAL A 88 10.58 2.32 2.08
CA VAL A 88 9.57 2.72 1.12
C VAL A 88 8.49 1.65 1.04
N GLU A 89 8.92 0.40 0.95
CA GLU A 89 7.98 -0.72 0.90
C GLU A 89 7.02 -0.61 2.08
N GLU A 90 7.57 -0.20 3.21
CA GLU A 90 6.77 0.00 4.42
C GLU A 90 5.91 1.24 4.27
N PHE A 91 6.42 2.20 3.51
CA PHE A 91 5.70 3.46 3.25
C PHE A 91 4.25 3.17 2.87
N PHE A 92 4.09 2.19 2.00
CA PHE A 92 2.77 1.79 1.54
C PHE A 92 2.03 0.98 2.59
N GLU A 93 2.56 -0.20 2.93
CA GLU A 93 1.91 -1.06 3.92
C GLU A 93 1.47 -0.27 5.16
N THR A 94 2.16 0.84 5.42
CA THR A 94 1.83 1.68 6.56
C THR A 94 0.82 2.76 6.19
N HIS A 95 0.83 3.17 4.92
CA HIS A 95 -0.10 4.20 4.45
C HIS A 95 -1.27 3.60 3.69
N LEU A 96 -1.27 2.29 3.51
CA LEU A 96 -2.35 1.61 2.79
C LEU A 96 -3.31 0.92 3.76
N ALA A 97 -4.35 0.30 3.20
CA ALA A 97 -5.35 -0.39 4.00
C ALA A 97 -5.70 -1.74 3.38
N LYS A 98 -5.68 -2.78 4.20
CA LYS A 98 -6.00 -4.13 3.73
C LYS A 98 -7.49 -4.30 3.50
N ASP A 99 -8.29 -3.46 4.14
CA ASP A 99 -9.75 -3.53 4.00
C ASP A 99 -10.42 -2.34 4.69
N GLY A 100 -11.66 -2.07 4.30
CA GLY A 100 -12.40 -0.97 4.88
C GLY A 100 -13.90 -1.20 4.87
N ALA A 101 -14.60 -0.53 5.79
CA ALA A 101 -16.05 -0.67 5.88
C ALA A 101 -16.73 0.69 6.06
N GLY A 102 -16.11 1.73 5.51
CA GLY A 102 -16.67 3.06 5.64
C GLY A 102 -15.79 3.99 6.46
N LYS A 103 -16.33 4.44 7.59
CA LYS A 103 -15.59 5.34 8.47
C LYS A 103 -15.40 6.70 7.82
N ASN A 104 -14.58 6.74 6.77
CA ASN A 104 -14.31 7.98 6.05
C ASN A 104 -15.22 8.11 4.82
N SER A 105 -16.47 8.47 5.06
CA SER A 105 -17.43 8.63 3.98
C SER A 105 -17.89 10.08 3.87
N TYR A 106 -18.88 10.32 3.00
CA TYR A 106 -19.41 11.66 2.81
C TYR A 106 -20.91 11.62 2.58
N SER A 107 -21.68 11.84 3.65
CA SER A 107 -23.14 11.82 3.57
C SER A 107 -23.64 10.53 2.93
N VAL A 108 -24.93 10.49 2.63
CA VAL A 108 -25.52 9.32 2.01
C VAL A 108 -24.73 8.87 0.78
N VAL A 109 -25.15 7.78 0.18
CA VAL A 109 -24.48 7.25 -1.01
C VAL A 109 -25.03 7.86 -2.28
N GLU A 110 -24.23 8.73 -2.90
CA GLU A 110 -24.64 9.40 -4.13
C GLU A 110 -24.80 8.39 -5.26
N ASP A 111 -25.80 8.62 -6.11
CA ASP A 111 -26.06 7.74 -7.24
C ASP A 111 -25.06 7.99 -8.37
N ALA A 112 -23.92 7.31 -8.32
CA ALA A 112 -22.90 7.46 -9.34
C ALA A 112 -22.52 6.12 -9.95
N ASP A 113 -23.38 5.11 -9.78
CA ASP A 113 -23.12 3.78 -10.32
C ASP A 113 -24.04 3.49 -11.49
N GLY A 114 -23.62 2.57 -12.35
CA GLY A 114 -24.42 2.21 -13.51
C GLY A 114 -23.80 2.68 -14.82
N ASP A 115 -22.54 3.08 -14.77
CA ASP A 115 -21.84 3.55 -15.96
C ASP A 115 -20.50 2.84 -16.11
N ASP A 116 -20.48 1.54 -15.79
CA ASP A 116 -19.27 0.75 -15.89
C ASP A 116 -19.45 -0.43 -16.84
N ASP A 117 -18.42 -1.25 -16.98
CA ASP A 117 -18.46 -2.41 -17.85
C ASP A 117 -17.40 -3.42 -17.46
N GLU A 118 -17.62 -4.68 -17.83
CA GLU A 118 -16.68 -5.75 -17.51
C GLU A 118 -16.55 -6.72 -18.68
N ASP A 119 -16.01 -6.25 -19.79
CA ASP A 119 -15.83 -7.08 -20.97
C ASP A 119 -14.64 -8.02 -20.79
N TYR A 120 -13.45 -7.46 -20.89
CA TYR A 120 -12.23 -8.23 -20.75
C TYR A 120 -11.17 -7.42 -20.00
N LEU A 121 -9.90 -7.79 -20.18
CA LEU A 121 -8.81 -7.09 -19.51
C LEU A 121 -8.55 -5.74 -20.17
N ARG A 122 -8.06 -5.76 -21.40
CA ARG A 122 -7.78 -4.54 -22.13
C ARG A 122 -8.76 -4.36 -23.30
N THR A 123 -9.18 -3.13 -23.53
CA THR A 123 -10.11 -2.83 -24.61
C THR A 123 -9.72 -1.53 -25.31
N ASN A 124 -8.87 -1.63 -26.32
CA ASN A 124 -8.42 -0.46 -27.07
C ASN A 124 -7.88 -0.87 -28.44
N ARG A 125 -8.49 -0.34 -29.49
CA ARG A 125 -8.07 -0.64 -30.86
C ARG A 125 -6.88 0.24 -31.27
N ILE A 126 -5.72 -0.04 -30.70
CA ILE A 126 -4.51 0.71 -31.01
C ILE A 126 -3.61 -0.04 -31.99
N MET A 1 -22.96 2.59 8.76
CA MET A 1 -23.51 2.41 7.40
C MET A 1 -22.64 3.14 6.36
N ALA A 2 -21.39 2.69 6.24
CA ALA A 2 -20.46 3.30 5.29
C ALA A 2 -20.39 2.49 4.01
N SER A 3 -20.37 3.19 2.87
CA SER A 3 -20.29 2.52 1.57
C SER A 3 -18.84 2.37 1.12
N HIS A 4 -18.18 3.50 0.88
CA HIS A 4 -16.78 3.49 0.44
C HIS A 4 -16.25 4.90 0.25
N HIS A 5 -16.47 5.75 1.25
CA HIS A 5 -16.02 7.13 1.19
C HIS A 5 -15.26 7.52 2.47
N HIS A 6 -14.16 8.24 2.30
CA HIS A 6 -13.35 8.67 3.44
C HIS A 6 -13.64 10.12 3.80
N HIS A 7 -14.06 10.89 2.80
CA HIS A 7 -14.37 12.31 3.00
C HIS A 7 -15.29 12.50 4.20
N HIS A 8 -15.04 13.54 4.98
CA HIS A 8 -15.85 13.84 6.16
C HIS A 8 -15.76 12.70 7.18
N HIS A 9 -14.90 12.88 8.17
CA HIS A 9 -14.71 11.87 9.21
C HIS A 9 -15.74 12.04 10.33
N LEU A 10 -16.31 10.91 10.78
CA LEU A 10 -17.30 10.93 11.84
C LEU A 10 -16.62 10.98 13.21
N ASP A 11 -17.40 11.30 14.24
CA ASP A 11 -16.87 11.39 15.60
C ASP A 11 -17.09 10.10 16.37
N GLN A 12 -16.86 8.96 15.71
CA GLN A 12 -17.03 7.66 16.34
C GLN A 12 -15.77 6.81 16.29
N GLN A 13 -14.81 7.22 15.46
CA GLN A 13 -13.56 6.48 15.32
C GLN A 13 -12.39 7.26 15.91
N PRO A 14 -11.46 6.57 16.61
CA PRO A 14 -10.29 7.20 17.23
C PRO A 14 -9.46 7.98 16.22
N ALA A 15 -8.51 8.76 16.71
CA ALA A 15 -7.64 9.55 15.86
C ALA A 15 -6.43 8.74 15.39
N ALA A 16 -6.70 7.63 14.70
CA ALA A 16 -5.63 6.78 14.20
C ALA A 16 -5.00 7.37 12.94
N GLN A 17 -4.11 6.60 12.32
CA GLN A 17 -3.43 7.04 11.11
C GLN A 17 -4.44 7.55 10.08
N ARG A 18 -3.93 8.16 9.01
CA ARG A 18 -4.77 8.69 7.95
C ARG A 18 -4.45 8.01 6.63
N THR A 19 -4.48 6.68 6.63
CA THR A 19 -4.19 5.90 5.43
C THR A 19 -4.92 6.46 4.21
N TYR A 20 -4.38 6.14 3.03
CA TYR A 20 -4.97 6.61 1.78
C TYR A 20 -5.86 5.55 1.15
N ALA A 21 -6.39 5.84 -0.03
CA ALA A 21 -7.28 4.91 -0.72
C ALA A 21 -6.57 4.16 -1.83
N LYS A 22 -5.49 4.73 -2.35
CA LYS A 22 -4.74 4.09 -3.42
C LYS A 22 -3.32 4.62 -3.54
N ALA A 23 -2.46 3.81 -4.16
CA ALA A 23 -1.06 4.15 -4.37
C ALA A 23 -0.50 3.35 -5.55
N ILE A 24 0.53 3.90 -6.20
CA ILE A 24 1.13 3.22 -7.35
C ILE A 24 2.64 3.40 -7.40
N LEU A 25 3.36 2.29 -7.48
CA LEU A 25 4.81 2.31 -7.55
C LEU A 25 5.23 2.15 -9.01
N GLU A 26 5.29 3.25 -9.74
CA GLU A 26 5.65 3.23 -11.15
C GLU A 26 7.16 3.19 -11.35
N VAL A 27 7.62 2.10 -11.96
CA VAL A 27 9.04 1.91 -12.25
C VAL A 27 9.22 1.29 -13.63
N CYS A 28 10.22 1.76 -14.35
CA CYS A 28 10.50 1.25 -15.69
C CYS A 28 11.62 0.22 -15.68
N THR A 29 11.97 -0.25 -14.49
CA THR A 29 13.04 -1.24 -14.34
C THR A 29 14.32 -0.77 -15.04
N CYS A 30 14.43 0.55 -15.24
CA CYS A 30 15.60 1.12 -15.88
C CYS A 30 16.75 1.19 -14.89
N LYS A 31 16.40 1.28 -13.61
CA LYS A 31 17.40 1.34 -12.54
C LYS A 31 17.91 -0.04 -12.13
N PHE A 32 17.63 -1.05 -12.94
CA PHE A 32 18.08 -2.42 -12.65
C PHE A 32 19.53 -2.43 -12.17
N ARG A 33 20.30 -1.46 -12.63
CA ARG A 33 21.71 -1.35 -12.25
C ARG A 33 21.89 -0.31 -11.15
N ALA A 34 21.22 0.82 -11.33
CA ALA A 34 21.31 1.93 -10.39
C ALA A 34 20.70 1.59 -9.03
N TYR A 35 19.39 1.37 -9.00
CA TYR A 35 18.70 1.08 -7.76
C TYR A 35 18.16 -0.35 -7.74
N PRO A 36 19.06 -1.35 -7.82
CA PRO A 36 18.67 -2.77 -7.81
C PRO A 36 17.94 -3.16 -6.53
N GLN A 37 18.10 -2.35 -5.48
CA GLN A 37 17.46 -2.62 -4.20
C GLN A 37 15.96 -2.33 -4.28
N ILE A 38 15.61 -1.28 -5.00
CA ILE A 38 14.21 -0.90 -5.15
C ILE A 38 13.40 -2.08 -5.65
N GLN A 39 13.51 -2.38 -6.95
CA GLN A 39 12.79 -3.50 -7.53
C GLN A 39 12.91 -4.74 -6.66
N ALA A 40 14.01 -4.82 -5.92
CA ALA A 40 14.26 -5.94 -5.04
C ALA A 40 13.04 -6.22 -4.16
N PHE A 41 12.65 -5.22 -3.38
CA PHE A 41 11.49 -5.35 -2.51
C PHE A 41 10.22 -5.57 -3.33
N ILE A 42 10.22 -5.03 -4.55
CA ILE A 42 9.09 -5.18 -5.45
C ILE A 42 8.90 -6.63 -5.85
N GLN A 43 10.02 -7.28 -6.16
CA GLN A 43 10.01 -8.68 -6.55
C GLN A 43 9.87 -9.59 -5.34
N SER A 44 10.27 -9.07 -4.17
CA SER A 44 10.18 -9.85 -2.94
C SER A 44 8.82 -10.50 -2.78
N GLY A 45 7.77 -9.73 -3.05
CA GLY A 45 6.41 -10.26 -2.94
C GLY A 45 5.60 -9.58 -1.85
N ARG A 46 6.25 -8.77 -1.02
CA ARG A 46 5.56 -8.07 0.06
C ARG A 46 4.51 -7.11 -0.48
N PRO A 47 4.82 -6.33 -1.53
CA PRO A 47 3.86 -5.39 -2.10
C PRO A 47 2.69 -6.10 -2.75
N ALA A 48 2.91 -7.33 -3.17
CA ALA A 48 1.85 -8.12 -3.79
C ALA A 48 0.69 -8.27 -2.83
N LYS A 49 1.00 -8.34 -1.54
CA LYS A 49 -0.02 -8.47 -0.52
C LYS A 49 -0.76 -7.15 -0.29
N PHE A 50 -0.19 -6.04 -0.78
CA PHE A 50 -0.82 -4.74 -0.63
C PHE A 50 -1.68 -4.41 -1.85
N PRO A 51 -3.01 -4.60 -1.75
CA PRO A 51 -3.93 -4.33 -2.86
C PRO A 51 -3.93 -2.86 -3.25
N ASN A 52 -4.12 -1.98 -2.26
CA ASN A 52 -4.13 -0.54 -2.51
C ASN A 52 -2.92 -0.13 -3.34
N LEU A 53 -1.83 -0.86 -3.19
CA LEU A 53 -0.60 -0.58 -3.91
C LEU A 53 -0.60 -1.28 -5.27
N GLN A 54 -0.57 -0.48 -6.32
CA GLN A 54 -0.62 -0.97 -7.70
C GLN A 54 0.67 -1.68 -8.13
N ILE A 55 1.81 -1.01 -7.96
CA ILE A 55 3.09 -1.58 -8.38
C ILE A 55 3.12 -1.74 -9.90
N LYS A 56 3.17 -0.63 -10.61
CA LYS A 56 3.18 -0.65 -12.07
C LYS A 56 4.60 -0.61 -12.61
N TYR A 57 4.80 -1.24 -13.76
CA TYR A 57 6.10 -1.27 -14.40
C TYR A 57 6.10 -0.33 -15.58
N VAL A 58 6.04 0.95 -15.24
CA VAL A 58 5.99 2.02 -16.22
C VAL A 58 6.94 1.77 -17.40
N ARG A 59 6.74 2.53 -18.48
CA ARG A 59 7.55 2.39 -19.67
C ARG A 59 8.25 3.69 -20.07
N GLY A 60 7.88 4.79 -19.43
CA GLY A 60 8.49 6.07 -19.77
C GLY A 60 8.77 6.97 -18.57
N LEU A 61 8.54 6.46 -17.37
CA LEU A 61 8.79 7.24 -16.16
C LEU A 61 9.84 6.59 -15.28
N ASP A 62 10.22 7.29 -14.22
CA ASP A 62 11.23 6.81 -13.28
C ASP A 62 10.56 6.26 -12.02
N PRO A 63 11.32 5.60 -11.13
CA PRO A 63 10.78 5.04 -9.89
C PRO A 63 10.21 6.12 -8.99
N VAL A 64 8.90 6.18 -8.93
CA VAL A 64 8.20 7.16 -8.11
C VAL A 64 7.05 6.53 -7.34
N VAL A 65 6.67 7.19 -6.24
CA VAL A 65 5.57 6.72 -5.41
C VAL A 65 4.34 7.59 -5.63
N LYS A 66 3.43 7.10 -6.47
CA LYS A 66 2.22 7.83 -6.78
C LYS A 66 1.07 7.48 -5.83
N LEU A 67 0.76 8.41 -4.93
CA LEU A 67 -0.35 8.23 -4.02
C LEU A 67 -1.62 8.73 -4.68
N LEU A 68 -2.73 8.01 -4.50
CA LEU A 68 -3.96 8.41 -5.16
C LEU A 68 -5.18 8.26 -4.26
N ASP A 69 -6.34 8.62 -4.80
CA ASP A 69 -7.61 8.52 -4.08
C ASP A 69 -8.69 7.94 -4.99
N ALA A 70 -9.88 7.82 -4.42
CA ALA A 70 -11.02 7.26 -5.15
C ALA A 70 -11.15 7.85 -6.56
N SER A 71 -11.17 9.18 -6.64
CA SER A 71 -11.28 9.86 -7.93
C SER A 71 -10.11 9.52 -8.84
N GLY A 72 -9.02 9.06 -8.23
CA GLY A 72 -7.84 8.71 -9.01
C GLY A 72 -6.84 9.84 -9.10
N LYS A 73 -7.01 10.87 -8.28
CA LYS A 73 -6.09 11.98 -8.29
C LYS A 73 -4.81 11.61 -7.57
N VAL A 74 -3.70 12.00 -8.14
CA VAL A 74 -2.40 11.70 -7.56
C VAL A 74 -2.05 12.71 -6.47
N GLN A 75 -2.50 12.44 -5.26
CA GLN A 75 -2.25 13.32 -4.12
C GLN A 75 -0.76 13.61 -3.96
N GLU A 76 0.08 12.59 -4.09
CA GLU A 76 1.51 12.78 -3.93
C GLU A 76 2.34 11.99 -4.93
N THR A 77 3.48 12.56 -5.30
CA THR A 77 4.40 11.93 -6.24
C THR A 77 5.83 12.23 -5.81
N LEU A 78 6.46 11.27 -5.16
CA LEU A 78 7.83 11.46 -4.68
C LEU A 78 8.80 10.50 -5.34
N SER A 79 9.81 11.04 -6.00
CA SER A 79 10.79 10.23 -6.69
C SER A 79 11.58 9.39 -5.68
N ILE A 80 11.59 8.08 -5.88
CA ILE A 80 12.30 7.17 -4.98
C ILE A 80 13.52 6.56 -5.65
N THR A 81 14.18 7.33 -6.52
CA THR A 81 15.37 6.85 -7.21
C THR A 81 16.36 6.24 -6.24
N LYS A 82 16.31 6.70 -4.99
CA LYS A 82 17.19 6.21 -3.95
C LYS A 82 16.54 6.38 -2.58
N TRP A 83 16.75 7.53 -1.95
CA TRP A 83 16.15 7.81 -0.64
C TRP A 83 16.67 6.86 0.44
N ASN A 84 16.31 5.59 0.32
CA ASN A 84 16.72 4.58 1.31
C ASN A 84 16.05 3.22 1.07
N THR A 85 14.97 3.19 0.27
CA THR A 85 14.26 1.95 -0.02
C THR A 85 13.92 1.21 1.27
N ASP A 86 13.53 -0.06 1.14
CA ASP A 86 13.17 -0.86 2.31
C ASP A 86 12.01 -0.21 3.06
N THR A 87 12.32 0.80 3.87
CA THR A 87 11.30 1.51 4.62
C THR A 87 10.18 1.95 3.69
N VAL A 88 10.52 2.13 2.41
CA VAL A 88 9.53 2.52 1.41
C VAL A 88 8.45 1.46 1.32
N GLU A 89 8.87 0.20 1.28
CA GLU A 89 7.94 -0.92 1.22
C GLU A 89 6.93 -0.79 2.35
N GLU A 90 7.43 -0.38 3.51
CA GLU A 90 6.58 -0.19 4.68
C GLU A 90 5.73 1.06 4.50
N PHE A 91 6.28 2.02 3.76
CA PHE A 91 5.59 3.28 3.48
C PHE A 91 4.15 3.02 3.04
N PHE A 92 4.00 2.09 2.11
CA PHE A 92 2.68 1.74 1.58
C PHE A 92 1.91 0.86 2.56
N GLU A 93 2.44 -0.29 2.90
CA GLU A 93 1.78 -1.22 3.82
C GLU A 93 1.25 -0.49 5.05
N THR A 94 1.89 0.61 5.41
CA THR A 94 1.48 1.38 6.56
C THR A 94 0.56 2.54 6.17
N HIS A 95 0.89 3.20 5.07
CA HIS A 95 0.09 4.34 4.60
C HIS A 95 -1.19 3.88 3.90
N LEU A 96 -1.23 2.60 3.51
CA LEU A 96 -2.41 2.05 2.82
C LEU A 96 -3.29 1.31 3.82
N ALA A 97 -4.46 0.89 3.35
CA ALA A 97 -5.40 0.17 4.19
C ALA A 97 -6.23 -0.82 3.38
N LYS A 98 -6.85 -1.77 4.06
CA LYS A 98 -7.68 -2.77 3.40
C LYS A 98 -8.96 -2.16 2.85
N ASP A 99 -9.68 -1.42 3.69
CA ASP A 99 -10.92 -0.77 3.27
C ASP A 99 -11.99 -1.81 2.95
N GLY A 100 -12.67 -2.28 3.98
CA GLY A 100 -13.72 -3.27 3.79
C GLY A 100 -14.14 -3.94 5.10
N ALA A 101 -15.38 -3.73 5.49
CA ALA A 101 -15.90 -4.30 6.72
C ALA A 101 -17.42 -4.27 6.73
N GLY A 102 -18.04 -5.43 6.49
CA GLY A 102 -19.48 -5.51 6.48
C GLY A 102 -20.11 -4.45 5.60
N LYS A 103 -19.73 -4.43 4.34
CA LYS A 103 -20.26 -3.45 3.39
C LYS A 103 -21.14 -4.11 2.33
N ASN A 104 -20.87 -5.38 2.06
CA ASN A 104 -21.63 -6.13 1.08
C ASN A 104 -22.98 -6.58 1.66
N SER A 105 -23.93 -5.66 1.69
CA SER A 105 -25.26 -5.96 2.21
C SER A 105 -25.18 -6.38 3.67
N TYR A 106 -26.27 -6.97 4.18
CA TYR A 106 -26.31 -7.43 5.57
C TYR A 106 -25.65 -8.79 5.72
N SER A 107 -25.64 -9.30 6.95
CA SER A 107 -25.04 -10.59 7.24
C SER A 107 -26.11 -11.61 7.61
N VAL A 108 -25.69 -12.74 8.17
CA VAL A 108 -26.63 -13.79 8.57
C VAL A 108 -27.78 -13.22 9.39
N VAL A 109 -28.74 -14.07 9.73
CA VAL A 109 -29.90 -13.65 10.51
C VAL A 109 -30.10 -14.52 11.74
N GLU A 110 -30.06 -13.89 12.90
CA GLU A 110 -30.24 -14.60 14.17
C GLU A 110 -31.68 -15.03 14.36
N ASP A 111 -31.89 -16.14 15.03
CA ASP A 111 -33.23 -16.66 15.29
C ASP A 111 -34.01 -15.71 16.19
N ALA A 112 -34.91 -14.94 15.58
CA ALA A 112 -35.72 -13.99 16.33
C ALA A 112 -37.19 -14.15 15.93
N ASP A 113 -37.94 -13.03 15.89
CA ASP A 113 -39.35 -13.05 15.52
C ASP A 113 -39.64 -14.06 14.39
N GLY A 114 -40.38 -15.10 14.73
CA GLY A 114 -40.71 -16.12 13.74
C GLY A 114 -41.80 -17.06 14.21
N ASP A 115 -42.87 -17.16 13.42
CA ASP A 115 -43.99 -18.03 13.77
C ASP A 115 -43.94 -19.33 12.97
N ASP A 116 -43.99 -19.22 11.64
CA ASP A 116 -43.95 -20.39 10.77
C ASP A 116 -42.54 -20.96 10.70
N ASP A 117 -41.62 -20.22 10.07
CA ASP A 117 -40.25 -20.66 9.93
C ASP A 117 -40.15 -21.93 9.11
N GLU A 118 -39.10 -22.03 8.28
CA GLU A 118 -38.90 -23.20 7.44
C GLU A 118 -38.97 -24.48 8.25
N ASP A 119 -40.15 -25.08 8.31
CA ASP A 119 -40.34 -26.31 9.06
C ASP A 119 -41.56 -27.07 8.54
N TYR A 120 -42.72 -26.57 8.88
CA TYR A 120 -43.97 -27.18 8.46
C TYR A 120 -43.99 -28.67 8.81
N LEU A 121 -44.82 -29.44 8.10
CA LEU A 121 -44.92 -30.87 8.36
C LEU A 121 -44.81 -31.66 7.07
N ARG A 122 -43.97 -32.69 7.08
CA ARG A 122 -43.77 -33.55 5.92
C ARG A 122 -44.81 -34.66 5.88
N THR A 123 -45.14 -35.18 7.05
CA THR A 123 -46.12 -36.24 7.17
C THR A 123 -47.51 -35.67 7.47
N ASN A 124 -48.54 -36.32 6.93
CA ASN A 124 -49.91 -35.87 7.12
C ASN A 124 -50.76 -36.98 7.74
N ARG A 125 -51.37 -36.69 8.89
CA ARG A 125 -52.21 -37.66 9.58
C ARG A 125 -51.40 -38.83 10.08
N ILE A 126 -50.90 -39.63 9.16
CA ILE A 126 -50.11 -40.81 9.49
C ILE A 126 -49.05 -41.08 8.43
N MET A 1 -1.03 21.20 23.99
CA MET A 1 -1.86 22.05 23.08
C MET A 1 -3.07 21.26 22.57
N ALA A 2 -4.19 21.37 23.28
CA ALA A 2 -5.40 20.67 22.90
C ALA A 2 -6.55 21.02 23.84
N SER A 3 -6.33 20.83 25.13
CA SER A 3 -7.34 21.12 26.14
C SER A 3 -8.59 20.25 25.95
N HIS A 4 -8.56 19.06 26.54
CA HIS A 4 -9.68 18.14 26.44
C HIS A 4 -10.44 18.07 27.75
N HIS A 5 -11.70 17.62 27.70
CA HIS A 5 -12.51 17.52 28.90
C HIS A 5 -13.85 16.84 28.60
N HIS A 6 -14.03 15.63 29.12
CA HIS A 6 -15.25 14.86 28.93
C HIS A 6 -15.42 14.39 27.49
N HIS A 7 -14.40 14.62 26.65
CA HIS A 7 -14.44 14.20 25.23
C HIS A 7 -15.82 14.40 24.62
N HIS A 8 -16.03 15.55 23.98
CA HIS A 8 -17.31 15.85 23.35
C HIS A 8 -17.10 16.47 21.97
N HIS A 9 -15.98 16.15 21.34
CA HIS A 9 -15.66 16.67 20.02
C HIS A 9 -15.90 15.61 18.95
N LEU A 10 -15.05 14.58 18.96
CA LEU A 10 -15.17 13.48 18.00
C LEU A 10 -14.49 12.22 18.54
N ASP A 11 -14.40 12.13 19.87
CA ASP A 11 -13.78 10.99 20.53
C ASP A 11 -12.47 10.60 19.84
N GLN A 12 -11.81 11.58 19.22
CA GLN A 12 -10.56 11.35 18.53
C GLN A 12 -10.67 10.16 17.58
N GLN A 13 -11.40 10.34 16.48
CA GLN A 13 -11.58 9.28 15.50
C GLN A 13 -10.23 8.66 15.11
N PRO A 14 -10.15 7.32 15.06
CA PRO A 14 -8.92 6.62 14.71
C PRO A 14 -8.19 7.26 13.52
N ALA A 15 -7.23 8.13 13.83
CA ALA A 15 -6.45 8.81 12.80
C ALA A 15 -4.98 8.85 13.16
N ALA A 16 -4.34 7.68 13.16
CA ALA A 16 -2.92 7.58 13.49
C ALA A 16 -2.07 7.31 12.24
N GLN A 17 -2.63 6.53 11.31
CA GLN A 17 -1.92 6.21 10.09
C GLN A 17 -2.54 6.92 8.88
N ARG A 18 -3.78 7.38 9.02
CA ARG A 18 -4.47 8.08 7.93
C ARG A 18 -4.23 7.42 6.58
N THR A 19 -4.46 6.11 6.52
CA THR A 19 -4.28 5.35 5.30
C THR A 19 -4.95 6.04 4.12
N TYR A 20 -4.56 5.66 2.91
CA TYR A 20 -5.12 6.23 1.70
C TYR A 20 -6.03 5.23 0.99
N ALA A 21 -6.66 5.68 -0.10
CA ALA A 21 -7.57 4.84 -0.86
C ALA A 21 -6.85 4.10 -1.98
N LYS A 22 -5.74 4.65 -2.47
CA LYS A 22 -4.99 4.02 -3.55
C LYS A 22 -3.59 4.60 -3.67
N ALA A 23 -2.74 3.87 -4.39
CA ALA A 23 -1.36 4.28 -4.63
C ALA A 23 -0.73 3.40 -5.70
N ILE A 24 0.39 3.84 -6.27
CA ILE A 24 1.05 3.07 -7.31
C ILE A 24 2.56 3.27 -7.32
N LEU A 25 3.29 2.17 -7.46
CA LEU A 25 4.75 2.21 -7.52
C LEU A 25 5.19 2.12 -8.97
N GLU A 26 5.20 3.28 -9.64
CA GLU A 26 5.57 3.34 -11.05
C GLU A 26 7.09 3.34 -11.24
N VAL A 27 7.58 2.29 -11.89
CA VAL A 27 9.01 2.14 -12.15
C VAL A 27 9.25 1.65 -13.58
N CYS A 28 10.19 2.26 -14.27
CA CYS A 28 10.50 1.89 -15.64
C CYS A 28 11.61 0.84 -15.69
N THR A 29 11.98 0.30 -14.53
CA THR A 29 13.04 -0.69 -14.45
C THR A 29 14.32 -0.20 -15.12
N CYS A 30 14.44 1.12 -15.29
CA CYS A 30 15.62 1.71 -15.91
C CYS A 30 16.78 1.66 -14.92
N LYS A 31 16.45 1.67 -13.63
CA LYS A 31 17.45 1.63 -12.57
C LYS A 31 17.81 0.19 -12.19
N PHE A 32 17.46 -0.76 -13.04
CA PHE A 32 17.75 -2.16 -12.78
C PHE A 32 19.20 -2.37 -12.34
N ARG A 33 20.08 -1.48 -12.77
CA ARG A 33 21.50 -1.57 -12.42
C ARG A 33 21.85 -0.71 -11.21
N ALA A 34 21.42 0.54 -11.23
CA ALA A 34 21.70 1.47 -10.16
C ALA A 34 20.96 1.14 -8.87
N TYR A 35 19.63 1.07 -8.95
CA TYR A 35 18.82 0.78 -7.77
C TYR A 35 18.18 -0.60 -7.85
N PRO A 36 19.00 -1.66 -7.93
CA PRO A 36 18.51 -3.04 -8.00
C PRO A 36 17.78 -3.47 -6.73
N GLN A 37 17.96 -2.70 -5.65
CA GLN A 37 17.32 -3.01 -4.38
C GLN A 37 15.84 -2.66 -4.43
N ILE A 38 15.53 -1.55 -5.09
CA ILE A 38 14.15 -1.10 -5.23
C ILE A 38 13.25 -2.25 -5.71
N GLN A 39 13.28 -2.50 -7.02
CA GLN A 39 12.49 -3.57 -7.59
C GLN A 39 12.65 -4.86 -6.78
N ALA A 40 13.79 -4.99 -6.11
CA ALA A 40 14.07 -6.15 -5.29
C ALA A 40 12.91 -6.44 -4.35
N PHE A 41 12.52 -5.43 -3.58
CA PHE A 41 11.42 -5.59 -2.64
C PHE A 41 10.11 -5.82 -3.41
N ILE A 42 10.03 -5.20 -4.60
CA ILE A 42 8.85 -5.37 -5.44
C ILE A 42 8.67 -6.84 -5.81
N GLN A 43 9.79 -7.50 -6.09
CA GLN A 43 9.79 -8.91 -6.45
C GLN A 43 9.70 -9.78 -5.19
N SER A 44 10.10 -9.21 -4.06
CA SER A 44 10.05 -9.93 -2.78
C SER A 44 8.72 -10.65 -2.60
N GLY A 45 7.62 -9.93 -2.80
CA GLY A 45 6.30 -10.52 -2.66
C GLY A 45 5.46 -9.84 -1.60
N ARG A 46 6.11 -9.12 -0.71
CA ARG A 46 5.42 -8.41 0.37
C ARG A 46 4.44 -7.37 -0.19
N PRO A 47 4.86 -6.57 -1.18
CA PRO A 47 4.00 -5.55 -1.77
C PRO A 47 2.78 -6.16 -2.45
N ALA A 48 2.89 -7.43 -2.82
CA ALA A 48 1.79 -8.13 -3.45
C ALA A 48 0.60 -8.17 -2.51
N LYS A 49 0.90 -8.24 -1.21
CA LYS A 49 -0.13 -8.27 -0.18
C LYS A 49 -0.82 -6.92 -0.04
N PHE A 50 -0.21 -5.88 -0.63
CA PHE A 50 -0.78 -4.54 -0.57
C PHE A 50 -1.60 -4.24 -1.83
N PRO A 51 -2.92 -4.48 -1.79
CA PRO A 51 -3.79 -4.24 -2.95
C PRO A 51 -3.78 -2.78 -3.37
N ASN A 52 -3.86 -1.88 -2.39
CA ASN A 52 -3.84 -0.45 -2.64
C ASN A 52 -2.60 -0.05 -3.43
N LEU A 53 -1.56 -0.88 -3.36
CA LEU A 53 -0.31 -0.62 -4.05
C LEU A 53 -0.27 -1.38 -5.37
N GLN A 54 -0.55 -0.65 -6.45
CA GLN A 54 -0.61 -1.19 -7.81
C GLN A 54 0.70 -1.85 -8.25
N ILE A 55 1.83 -1.21 -8.00
CA ILE A 55 3.11 -1.77 -8.42
C ILE A 55 3.16 -1.86 -9.95
N LYS A 56 3.27 -0.71 -10.61
CA LYS A 56 3.32 -0.69 -12.07
C LYS A 56 4.74 -0.60 -12.59
N TYR A 57 4.99 -1.27 -13.71
CA TYR A 57 6.29 -1.27 -14.35
C TYR A 57 6.25 -0.37 -15.57
N VAL A 58 6.14 0.92 -15.29
CA VAL A 58 6.06 1.95 -16.30
C VAL A 58 7.06 1.71 -17.44
N ARG A 59 6.93 2.48 -18.52
CA ARG A 59 7.81 2.32 -19.67
C ARG A 59 8.83 3.44 -19.79
N GLY A 60 8.58 4.57 -19.13
CA GLY A 60 9.51 5.68 -19.21
C GLY A 60 9.72 6.42 -17.91
N LEU A 61 8.67 6.56 -17.12
CA LEU A 61 8.76 7.28 -15.86
C LEU A 61 9.73 6.60 -14.90
N ASP A 62 10.41 7.42 -14.09
CA ASP A 62 11.37 6.92 -13.12
C ASP A 62 10.66 6.34 -11.89
N PRO A 63 11.40 5.66 -11.00
CA PRO A 63 10.83 5.07 -9.79
C PRO A 63 10.22 6.11 -8.86
N VAL A 64 8.90 6.09 -8.76
CA VAL A 64 8.20 7.04 -7.91
C VAL A 64 7.05 6.37 -7.15
N VAL A 65 6.69 6.97 -6.02
CA VAL A 65 5.60 6.46 -5.20
C VAL A 65 4.43 7.42 -5.27
N LYS A 66 3.41 7.05 -6.04
CA LYS A 66 2.25 7.91 -6.21
C LYS A 66 1.01 7.39 -5.51
N LEU A 67 0.55 8.15 -4.53
CA LEU A 67 -0.68 7.82 -3.81
C LEU A 67 -1.83 8.44 -4.57
N LEU A 68 -2.97 7.76 -4.63
CA LEU A 68 -4.09 8.27 -5.38
C LEU A 68 -5.41 8.13 -4.61
N ASP A 69 -6.48 8.56 -5.25
CA ASP A 69 -7.81 8.48 -4.66
C ASP A 69 -8.66 7.45 -5.38
N ALA A 70 -8.68 7.52 -6.71
CA ALA A 70 -9.46 6.59 -7.52
C ALA A 70 -9.45 6.97 -9.00
N SER A 71 -9.88 8.18 -9.30
CA SER A 71 -9.93 8.67 -10.68
C SER A 71 -8.53 8.91 -11.24
N GLY A 72 -7.56 9.09 -10.35
CA GLY A 72 -6.19 9.33 -10.79
C GLY A 72 -5.69 10.69 -10.35
N LYS A 73 -6.30 11.24 -9.31
CA LYS A 73 -5.91 12.53 -8.77
C LYS A 73 -4.42 12.54 -8.41
N VAL A 74 -3.97 11.49 -7.73
CA VAL A 74 -2.58 11.38 -7.33
C VAL A 74 -2.23 12.45 -6.29
N GLN A 75 -2.61 12.19 -5.04
CA GLN A 75 -2.36 13.12 -3.95
C GLN A 75 -0.87 13.42 -3.78
N GLU A 76 -0.02 12.42 -3.95
CA GLU A 76 1.42 12.62 -3.78
C GLU A 76 2.24 11.88 -4.82
N THR A 77 3.41 12.42 -5.12
CA THR A 77 4.34 11.82 -6.06
C THR A 77 5.76 12.18 -5.67
N LEU A 78 6.46 11.25 -5.03
CA LEU A 78 7.82 11.50 -4.57
C LEU A 78 8.80 10.52 -5.20
N SER A 79 9.79 11.07 -5.91
CA SER A 79 10.80 10.24 -6.57
C SER A 79 11.54 9.40 -5.54
N ILE A 80 11.84 8.15 -5.91
CA ILE A 80 12.55 7.24 -5.00
C ILE A 80 13.78 6.65 -5.66
N THR A 81 14.42 7.41 -6.53
CA THR A 81 15.63 6.95 -7.21
C THR A 81 16.64 6.40 -6.19
N LYS A 82 16.53 6.89 -4.97
CA LYS A 82 17.41 6.46 -3.88
C LYS A 82 16.68 6.64 -2.55
N TRP A 83 16.84 7.81 -1.93
CA TRP A 83 16.17 8.10 -0.66
C TRP A 83 16.59 7.14 0.45
N ASN A 84 16.18 5.88 0.34
CA ASN A 84 16.49 4.89 1.36
C ASN A 84 15.98 3.49 1.01
N THR A 85 14.98 3.41 0.12
CA THR A 85 14.42 2.12 -0.27
C THR A 85 14.04 1.32 0.97
N ASP A 86 13.61 0.07 0.78
CA ASP A 86 13.20 -0.78 1.90
C ASP A 86 12.09 -0.11 2.70
N THR A 87 12.48 0.84 3.56
CA THR A 87 11.53 1.60 4.36
C THR A 87 10.36 2.01 3.51
N VAL A 88 10.66 2.54 2.33
CA VAL A 88 9.65 2.96 1.39
C VAL A 88 8.56 1.90 1.26
N GLU A 89 9.00 0.64 1.12
CA GLU A 89 8.05 -0.47 1.02
C GLU A 89 7.04 -0.38 2.16
N GLU A 90 7.55 -0.01 3.33
CA GLU A 90 6.70 0.15 4.51
C GLU A 90 5.82 1.38 4.34
N PHE A 91 6.34 2.37 3.62
CA PHE A 91 5.61 3.61 3.37
C PHE A 91 4.18 3.30 2.92
N PHE A 92 4.07 2.35 2.01
CA PHE A 92 2.77 1.93 1.49
C PHE A 92 1.99 1.10 2.50
N GLU A 93 2.54 -0.04 2.89
CA GLU A 93 1.86 -0.92 3.85
C GLU A 93 1.36 -0.15 5.06
N THR A 94 2.03 0.95 5.39
CA THR A 94 1.64 1.77 6.55
C THR A 94 0.64 2.84 6.15
N HIS A 95 0.77 3.38 4.94
CA HIS A 95 -0.12 4.42 4.47
C HIS A 95 -1.31 3.85 3.69
N LEU A 96 -1.31 2.54 3.47
CA LEU A 96 -2.40 1.89 2.75
C LEU A 96 -3.21 1.00 3.68
N ALA A 97 -4.28 0.42 3.13
CA ALA A 97 -5.14 -0.46 3.91
C ALA A 97 -5.36 -1.79 3.20
N LYS A 98 -5.51 -2.85 3.99
CA LYS A 98 -5.72 -4.18 3.43
C LYS A 98 -7.17 -4.62 3.57
N ASP A 99 -8.05 -3.97 2.82
CA ASP A 99 -9.47 -4.30 2.85
C ASP A 99 -9.69 -5.77 2.48
N GLY A 100 -8.79 -6.30 1.66
CA GLY A 100 -8.90 -7.68 1.24
C GLY A 100 -8.08 -8.61 2.11
N ALA A 101 -7.99 -9.87 1.69
CA ALA A 101 -7.22 -10.87 2.44
C ALA A 101 -7.16 -12.19 1.69
N GLY A 102 -6.02 -12.46 1.06
CA GLY A 102 -5.86 -13.67 0.30
C GLY A 102 -6.50 -13.61 -1.06
N LYS A 103 -5.74 -13.97 -2.10
CA LYS A 103 -6.26 -13.94 -3.47
C LYS A 103 -5.23 -14.48 -4.45
N ASN A 104 -3.97 -14.08 -4.27
CA ASN A 104 -2.90 -14.53 -5.15
C ASN A 104 -1.97 -15.50 -4.42
N SER A 105 -1.41 -16.46 -5.18
CA SER A 105 -0.51 -17.45 -4.60
C SER A 105 0.76 -17.58 -5.44
N TYR A 106 1.60 -18.54 -5.07
CA TYR A 106 2.84 -18.77 -5.79
C TYR A 106 3.38 -20.18 -5.54
N SER A 107 4.30 -20.62 -6.39
CA SER A 107 4.88 -21.94 -6.27
C SER A 107 5.60 -22.12 -4.94
N VAL A 108 6.82 -21.60 -4.85
CA VAL A 108 7.61 -21.71 -3.63
C VAL A 108 8.58 -20.54 -3.49
N VAL A 109 9.32 -20.52 -2.38
CA VAL A 109 10.28 -19.46 -2.13
C VAL A 109 11.48 -19.99 -1.36
N GLU A 110 12.66 -19.43 -1.63
CA GLU A 110 13.88 -19.85 -0.96
C GLU A 110 14.33 -18.81 0.06
N ASP A 111 15.08 -19.27 1.05
CA ASP A 111 15.59 -18.39 2.09
C ASP A 111 16.91 -17.76 1.67
N ALA A 112 16.95 -16.44 1.58
CA ALA A 112 18.15 -15.72 1.18
C ALA A 112 18.73 -16.31 -0.11
N ASP A 113 19.97 -15.96 -0.42
CA ASP A 113 20.62 -16.45 -1.63
C ASP A 113 22.09 -16.03 -1.67
N GLY A 114 22.98 -17.00 -1.80
CA GLY A 114 24.39 -16.72 -1.86
C GLY A 114 25.01 -16.53 -0.49
N ASP A 115 26.11 -17.22 -0.23
CA ASP A 115 26.80 -17.12 1.05
C ASP A 115 28.31 -17.00 0.86
N ASP A 116 28.73 -16.58 -0.33
CA ASP A 116 30.15 -16.44 -0.63
C ASP A 116 30.37 -15.21 -1.52
N ASP A 117 31.64 -14.84 -1.68
CA ASP A 117 32.00 -13.69 -2.49
C ASP A 117 33.50 -13.44 -2.48
N GLU A 118 34.16 -13.80 -3.57
CA GLU A 118 35.62 -13.62 -3.68
C GLU A 118 35.95 -12.28 -4.33
N ASP A 119 35.72 -11.19 -3.61
CA ASP A 119 36.00 -9.86 -4.12
C ASP A 119 37.38 -9.39 -3.71
N TYR A 120 37.87 -9.92 -2.59
CA TYR A 120 39.19 -9.56 -2.09
C TYR A 120 40.13 -10.76 -2.11
N LEU A 121 39.85 -11.74 -1.25
CA LEU A 121 40.67 -12.94 -1.17
C LEU A 121 39.84 -14.12 -0.65
N ARG A 122 39.49 -14.06 0.63
CA ARG A 122 38.70 -15.12 1.25
C ARG A 122 37.37 -14.58 1.76
N THR A 123 37.44 -13.45 2.48
CA THR A 123 36.24 -12.83 3.02
C THR A 123 35.41 -13.83 3.81
N ASN A 124 35.93 -14.25 4.96
CA ASN A 124 35.24 -15.21 5.81
C ASN A 124 34.69 -14.53 7.06
N ARG A 125 35.59 -13.94 7.84
CA ARG A 125 35.21 -13.26 9.07
C ARG A 125 36.09 -12.03 9.29
N ILE A 126 36.46 -11.37 8.20
CA ILE A 126 37.29 -10.18 8.27
C ILE A 126 37.03 -9.25 7.08
N MET A 1 6.57 20.51 8.65
CA MET A 1 7.10 21.90 8.53
C MET A 1 6.83 22.49 7.15
N ALA A 2 6.33 23.72 7.12
CA ALA A 2 6.03 24.38 5.85
C ALA A 2 5.12 23.52 4.99
N SER A 3 3.83 23.52 5.31
CA SER A 3 2.85 22.74 4.57
C SER A 3 1.56 23.52 4.36
N HIS A 4 1.51 24.29 3.28
CA HIS A 4 0.33 25.09 2.97
C HIS A 4 -0.55 24.37 1.94
N HIS A 5 -0.50 23.04 1.96
CA HIS A 5 -1.28 22.24 1.02
C HIS A 5 -1.62 20.87 1.64
N HIS A 6 -1.67 20.82 2.96
CA HIS A 6 -1.98 19.57 3.66
C HIS A 6 -2.91 19.83 4.85
N HIS A 7 -3.85 20.77 4.66
CA HIS A 7 -4.79 21.11 5.72
C HIS A 7 -6.14 21.49 5.14
N HIS A 8 -7.21 21.03 5.79
CA HIS A 8 -8.56 21.31 5.34
C HIS A 8 -9.37 22.00 6.43
N HIS A 9 -9.38 21.39 7.60
CA HIS A 9 -10.10 21.95 8.75
C HIS A 9 -9.27 21.84 10.02
N LEU A 10 -8.72 20.65 10.27
CA LEU A 10 -7.90 20.42 11.45
C LEU A 10 -6.53 21.07 11.29
N ASP A 11 -5.84 21.26 12.40
CA ASP A 11 -4.52 21.87 12.38
C ASP A 11 -3.68 21.41 13.57
N GLN A 12 -3.87 20.15 13.96
CA GLN A 12 -3.12 19.58 15.08
C GLN A 12 -2.91 18.09 14.88
N GLN A 13 -3.99 17.32 14.98
CA GLN A 13 -3.92 15.87 14.81
C GLN A 13 -5.31 15.28 14.62
N PRO A 14 -5.43 14.30 13.70
CA PRO A 14 -6.71 13.64 13.41
C PRO A 14 -7.04 12.53 14.40
N ALA A 15 -8.22 11.95 14.26
CA ALA A 15 -8.65 10.88 15.15
C ALA A 15 -7.71 9.68 15.06
N ALA A 16 -7.73 9.01 13.92
CA ALA A 16 -6.87 7.85 13.70
C ALA A 16 -5.88 8.10 12.56
N GLN A 17 -5.19 7.05 12.14
CA GLN A 17 -4.22 7.17 11.07
C GLN A 17 -4.81 7.89 9.86
N ARG A 18 -3.98 8.15 8.87
CA ARG A 18 -4.43 8.84 7.66
C ARG A 18 -4.06 8.05 6.41
N THR A 19 -4.38 6.78 6.43
CA THR A 19 -4.10 5.90 5.30
C THR A 19 -4.65 6.48 4.01
N TYR A 20 -4.23 5.91 2.88
CA TYR A 20 -4.68 6.37 1.57
C TYR A 20 -5.41 5.26 0.82
N ALA A 21 -6.36 5.64 -0.03
CA ALA A 21 -7.13 4.68 -0.80
C ALA A 21 -6.23 3.86 -1.73
N LYS A 22 -5.77 4.51 -2.79
CA LYS A 22 -4.90 3.85 -3.76
C LYS A 22 -3.54 4.53 -3.86
N ALA A 23 -2.57 3.81 -4.39
CA ALA A 23 -1.22 4.33 -4.55
C ALA A 23 -0.38 3.38 -5.42
N ILE A 24 0.05 3.87 -6.57
CA ILE A 24 0.83 3.05 -7.49
C ILE A 24 2.33 3.32 -7.40
N LEU A 25 3.10 2.28 -7.71
CA LEU A 25 4.55 2.34 -7.73
C LEU A 25 5.01 2.15 -9.17
N GLU A 26 5.18 3.24 -9.90
CA GLU A 26 5.54 3.16 -11.30
C GLU A 26 7.05 3.24 -11.51
N VAL A 27 7.60 2.20 -12.13
CA VAL A 27 9.03 2.14 -12.42
C VAL A 27 9.24 1.53 -13.80
N CYS A 28 10.40 1.76 -14.40
CA CYS A 28 10.68 1.23 -15.72
C CYS A 28 11.79 0.17 -15.68
N THR A 29 12.26 -0.15 -14.49
CA THR A 29 13.31 -1.15 -14.33
C THR A 29 14.61 -0.71 -15.01
N CYS A 30 14.69 0.56 -15.40
CA CYS A 30 15.88 1.09 -16.04
C CYS A 30 16.99 1.29 -15.02
N LYS A 31 16.58 1.44 -13.76
CA LYS A 31 17.53 1.64 -12.66
C LYS A 31 17.97 0.31 -12.05
N PHE A 32 17.79 -0.78 -12.78
CA PHE A 32 18.17 -2.10 -12.31
C PHE A 32 19.63 -2.12 -11.84
N ARG A 33 20.42 -1.18 -12.35
CA ARG A 33 21.84 -1.08 -11.98
C ARG A 33 22.02 -0.30 -10.69
N ALA A 34 21.53 0.94 -10.68
CA ALA A 34 21.65 1.81 -9.54
C ALA A 34 20.81 1.34 -8.35
N TYR A 35 19.51 1.19 -8.56
CA TYR A 35 18.62 0.77 -7.49
C TYR A 35 18.07 -0.64 -7.75
N PRO A 36 18.95 -1.64 -7.78
CA PRO A 36 18.56 -3.03 -8.01
C PRO A 36 17.69 -3.60 -6.89
N GLN A 37 17.84 -3.05 -5.69
CA GLN A 37 17.07 -3.51 -4.54
C GLN A 37 15.62 -3.05 -4.62
N ILE A 38 15.41 -1.84 -5.16
CA ILE A 38 14.06 -1.30 -5.30
C ILE A 38 13.15 -2.32 -5.99
N GLN A 39 13.23 -2.37 -7.30
CA GLN A 39 12.43 -3.31 -8.08
C GLN A 39 12.50 -4.70 -7.49
N ALA A 40 13.59 -5.00 -6.79
CA ALA A 40 13.75 -6.31 -6.18
C ALA A 40 12.62 -6.59 -5.19
N PHE A 41 12.50 -5.74 -4.18
CA PHE A 41 11.46 -5.91 -3.18
C PHE A 41 10.09 -5.93 -3.85
N ILE A 42 9.97 -5.17 -4.93
CA ILE A 42 8.72 -5.10 -5.68
C ILE A 42 8.29 -6.49 -6.15
N GLN A 43 9.21 -7.19 -6.81
CA GLN A 43 8.93 -8.53 -7.31
C GLN A 43 9.03 -9.57 -6.19
N SER A 44 9.58 -9.17 -5.05
CA SER A 44 9.73 -10.08 -3.91
C SER A 44 8.43 -10.82 -3.62
N GLY A 45 7.39 -10.07 -3.25
CA GLY A 45 6.10 -10.66 -2.96
C GLY A 45 5.36 -9.97 -1.84
N ARG A 46 6.10 -9.26 -0.98
CA ARG A 46 5.51 -8.54 0.14
C ARG A 46 4.53 -7.46 -0.34
N PRO A 47 4.91 -6.67 -1.35
CA PRO A 47 4.05 -5.61 -1.88
C PRO A 47 2.76 -6.18 -2.47
N ALA A 48 2.81 -7.44 -2.86
CA ALA A 48 1.65 -8.10 -3.42
C ALA A 48 0.54 -8.18 -2.37
N LYS A 49 0.96 -8.24 -1.11
CA LYS A 49 0.02 -8.29 0.01
C LYS A 49 -0.68 -6.94 0.20
N PHE A 50 -0.16 -5.90 -0.45
CA PHE A 50 -0.75 -4.57 -0.34
C PHE A 50 -1.73 -4.32 -1.49
N PRO A 51 -3.03 -4.60 -1.27
CA PRO A 51 -4.06 -4.43 -2.30
C PRO A 51 -4.10 -3.00 -2.85
N ASN A 52 -4.22 -2.04 -1.94
CA ASN A 52 -4.25 -0.63 -2.33
C ASN A 52 -3.11 -0.31 -3.28
N LEU A 53 -1.94 -0.86 -3.00
CA LEU A 53 -0.77 -0.63 -3.82
C LEU A 53 -0.90 -1.36 -5.16
N GLN A 54 -0.63 -0.65 -6.25
CA GLN A 54 -0.75 -1.19 -7.60
C GLN A 54 0.54 -1.87 -8.07
N ILE A 55 1.67 -1.19 -7.90
CA ILE A 55 2.95 -1.72 -8.36
C ILE A 55 2.98 -1.85 -9.88
N LYS A 56 3.14 -0.72 -10.55
CA LYS A 56 3.18 -0.71 -12.01
C LYS A 56 4.60 -0.55 -12.51
N TYR A 57 4.86 -1.10 -13.69
CA TYR A 57 6.17 -1.01 -14.31
C TYR A 57 6.07 -0.16 -15.56
N VAL A 58 5.92 1.13 -15.31
CA VAL A 58 5.76 2.13 -16.34
C VAL A 58 6.60 1.87 -17.59
N ARG A 59 6.27 2.56 -18.67
CA ARG A 59 6.97 2.41 -19.94
C ARG A 59 8.44 2.81 -19.84
N GLY A 60 8.72 3.97 -19.26
CA GLY A 60 10.11 4.42 -19.16
C GLY A 60 10.29 5.71 -18.39
N LEU A 61 9.95 5.69 -17.10
CA LEU A 61 10.09 6.87 -16.25
C LEU A 61 10.94 6.52 -15.03
N ASP A 62 11.04 7.45 -14.09
CA ASP A 62 11.81 7.23 -12.88
C ASP A 62 10.94 6.59 -11.80
N PRO A 63 11.53 5.79 -10.91
CA PRO A 63 10.79 5.12 -9.84
C PRO A 63 10.19 6.13 -8.86
N VAL A 64 8.87 6.22 -8.88
CA VAL A 64 8.16 7.15 -8.00
C VAL A 64 6.97 6.49 -7.33
N VAL A 65 6.51 7.09 -6.24
CA VAL A 65 5.37 6.59 -5.49
C VAL A 65 4.22 7.58 -5.56
N LYS A 66 3.15 7.18 -6.25
CA LYS A 66 1.99 8.06 -6.42
C LYS A 66 0.79 7.57 -5.64
N LEU A 67 0.42 8.30 -4.59
CA LEU A 67 -0.73 7.96 -3.76
C LEU A 67 -1.99 8.58 -4.36
N LEU A 68 -2.69 7.79 -5.16
CA LEU A 68 -3.90 8.26 -5.81
C LEU A 68 -5.15 7.96 -5.01
N ASP A 69 -6.29 8.28 -5.61
CA ASP A 69 -7.58 8.07 -4.97
C ASP A 69 -8.29 6.85 -5.55
N ALA A 70 -8.43 6.83 -6.88
CA ALA A 70 -9.09 5.73 -7.55
C ALA A 70 -9.15 5.95 -9.06
N SER A 71 -9.67 7.10 -9.48
CA SER A 71 -9.78 7.42 -10.89
C SER A 71 -8.46 7.93 -11.46
N GLY A 72 -7.76 8.74 -10.67
CA GLY A 72 -6.49 9.28 -11.11
C GLY A 72 -6.26 10.71 -10.62
N LYS A 73 -6.62 10.95 -9.37
CA LYS A 73 -6.46 12.27 -8.76
C LYS A 73 -4.99 12.52 -8.41
N VAL A 74 -4.36 11.52 -7.79
CA VAL A 74 -2.98 11.64 -7.37
C VAL A 74 -2.91 12.58 -6.17
N GLN A 75 -2.52 12.04 -5.03
CA GLN A 75 -2.44 12.82 -3.80
C GLN A 75 -1.01 13.27 -3.53
N GLU A 76 -0.06 12.35 -3.71
CA GLU A 76 1.34 12.66 -3.48
C GLU A 76 2.25 11.92 -4.47
N THR A 77 3.38 12.55 -4.76
CA THR A 77 4.37 11.96 -5.66
C THR A 77 5.77 12.18 -5.07
N LEU A 78 6.46 11.08 -4.82
CA LEU A 78 7.79 11.17 -4.21
C LEU A 78 8.78 10.26 -4.93
N SER A 79 9.82 10.87 -5.49
CA SER A 79 10.84 10.13 -6.23
C SER A 79 11.61 9.22 -5.28
N ILE A 80 11.51 7.92 -5.51
CA ILE A 80 12.19 6.94 -4.67
C ILE A 80 13.48 6.44 -5.30
N THR A 81 14.21 7.35 -5.94
CA THR A 81 15.48 7.00 -6.59
C THR A 81 16.58 6.81 -5.55
N LYS A 82 16.43 7.47 -4.41
CA LYS A 82 17.39 7.38 -3.33
C LYS A 82 16.72 7.67 -1.98
N TRP A 83 17.09 8.78 -1.31
CA TRP A 83 16.49 9.14 -0.03
C TRP A 83 16.84 8.14 1.08
N ASN A 84 16.45 6.89 0.90
CA ASN A 84 16.72 5.86 1.91
C ASN A 84 16.14 4.49 1.54
N THR A 85 15.17 4.46 0.62
CA THR A 85 14.55 3.21 0.20
C THR A 85 14.17 2.36 1.41
N ASP A 86 13.96 1.06 1.20
CA ASP A 86 13.56 0.17 2.29
C ASP A 86 12.25 0.64 2.91
N THR A 87 12.35 1.66 3.77
CA THR A 87 11.19 2.23 4.40
C THR A 87 10.13 2.56 3.34
N VAL A 88 10.59 2.77 2.10
CA VAL A 88 9.68 3.05 1.00
C VAL A 88 8.62 1.96 0.90
N GLU A 89 9.08 0.71 1.00
CA GLU A 89 8.18 -0.43 0.97
C GLU A 89 7.20 -0.33 2.12
N GLU A 90 7.73 0.05 3.28
CA GLU A 90 6.90 0.22 4.47
C GLU A 90 5.97 1.40 4.30
N PHE A 91 6.43 2.39 3.56
CA PHE A 91 5.64 3.59 3.28
C PHE A 91 4.23 3.21 2.85
N PHE A 92 4.16 2.30 1.88
CA PHE A 92 2.88 1.83 1.37
C PHE A 92 2.11 1.00 2.40
N GLU A 93 2.70 -0.12 2.81
CA GLU A 93 2.04 -1.01 3.77
C GLU A 93 1.52 -0.24 4.98
N THR A 94 2.16 0.88 5.29
CA THR A 94 1.76 1.70 6.43
C THR A 94 0.77 2.78 6.01
N HIS A 95 1.01 3.40 4.87
CA HIS A 95 0.13 4.46 4.38
C HIS A 95 -1.14 3.89 3.75
N LEU A 96 -1.14 2.59 3.45
CA LEU A 96 -2.30 1.95 2.85
C LEU A 96 -3.07 1.15 3.89
N ALA A 97 -4.22 0.61 3.47
CA ALA A 97 -5.06 -0.17 4.37
C ALA A 97 -5.41 -1.52 3.77
N LYS A 98 -5.08 -2.59 4.49
CA LYS A 98 -5.36 -3.94 4.04
C LYS A 98 -6.87 -4.18 3.92
N ASP A 99 -7.64 -3.40 4.66
CA ASP A 99 -9.10 -3.53 4.63
C ASP A 99 -9.54 -4.88 5.17
N GLY A 100 -9.32 -5.93 4.38
CA GLY A 100 -9.70 -7.27 4.80
C GLY A 100 -10.76 -7.87 3.90
N ALA A 101 -10.49 -9.06 3.37
CA ALA A 101 -11.42 -9.75 2.50
C ALA A 101 -10.81 -11.05 1.97
N GLY A 102 -11.24 -12.17 2.53
CA GLY A 102 -10.73 -13.46 2.10
C GLY A 102 -9.21 -13.51 2.10
N LYS A 103 -8.59 -12.76 3.00
CA LYS A 103 -7.14 -12.71 3.10
C LYS A 103 -6.61 -13.96 3.79
N ASN A 104 -5.39 -14.37 3.40
CA ASN A 104 -4.77 -15.55 3.98
C ASN A 104 -3.99 -15.18 5.24
N SER A 105 -4.38 -15.78 6.36
CA SER A 105 -3.72 -15.51 7.64
C SER A 105 -2.25 -15.88 7.60
N TYR A 106 -1.90 -16.86 6.78
CA TYR A 106 -0.52 -17.30 6.64
C TYR A 106 0.29 -16.30 5.83
N SER A 107 1.60 -16.56 5.71
CA SER A 107 2.49 -15.68 4.97
C SER A 107 2.20 -15.76 3.47
N VAL A 108 2.68 -16.82 2.83
CA VAL A 108 2.48 -17.01 1.41
C VAL A 108 1.99 -18.43 1.11
N VAL A 109 1.76 -18.70 -0.17
CA VAL A 109 1.28 -20.01 -0.60
C VAL A 109 2.44 -21.01 -0.71
N GLU A 110 2.59 -21.83 0.32
CA GLU A 110 3.64 -22.83 0.34
C GLU A 110 3.25 -24.05 -0.51
N ASP A 111 4.23 -24.61 -1.20
CA ASP A 111 3.99 -25.77 -2.05
C ASP A 111 4.23 -27.07 -1.30
N ALA A 112 3.99 -27.06 0.01
CA ALA A 112 4.17 -28.25 0.84
C ALA A 112 2.84 -28.88 1.18
N ASP A 113 2.88 -30.02 1.88
CA ASP A 113 1.67 -30.72 2.26
C ASP A 113 1.96 -31.78 3.32
N GLY A 114 1.50 -31.53 4.54
CA GLY A 114 1.72 -32.47 5.63
C GLY A 114 3.03 -32.23 6.37
N ASP A 115 3.63 -31.06 6.14
CA ASP A 115 4.88 -30.72 6.79
C ASP A 115 4.75 -29.45 7.62
N ASP A 116 3.75 -29.41 8.48
CA ASP A 116 3.51 -28.25 9.34
C ASP A 116 2.92 -28.66 10.68
N ASP A 117 1.64 -29.00 10.68
CA ASP A 117 0.95 -29.42 11.88
C ASP A 117 1.09 -30.92 12.10
N GLU A 118 2.28 -31.33 12.58
CA GLU A 118 2.54 -32.75 12.82
C GLU A 118 2.74 -33.01 14.31
N ASP A 119 1.89 -32.40 15.13
CA ASP A 119 1.97 -32.59 16.58
C ASP A 119 0.73 -33.29 17.11
N TYR A 120 -0.39 -33.08 16.45
CA TYR A 120 -1.65 -33.69 16.84
C TYR A 120 -1.93 -34.95 16.02
N LEU A 121 -2.92 -35.69 16.46
CA LEU A 121 -3.31 -36.92 15.79
C LEU A 121 -2.16 -37.92 15.73
N ARG A 122 -1.41 -38.02 16.83
CA ARG A 122 -0.27 -38.93 16.90
C ARG A 122 -0.51 -40.03 17.94
N THR A 123 -0.50 -39.64 19.22
CA THR A 123 -0.71 -40.59 20.30
C THR A 123 -2.19 -40.67 20.70
N ASN A 124 -3.06 -40.80 19.70
CA ASN A 124 -4.49 -40.89 19.95
C ASN A 124 -5.25 -41.16 18.66
N ARG A 125 -6.28 -42.00 18.74
CA ARG A 125 -7.11 -42.35 17.59
C ARG A 125 -6.27 -42.50 16.31
N ILE A 126 -5.68 -43.68 16.13
CA ILE A 126 -4.85 -43.96 14.97
C ILE A 126 -4.40 -45.42 14.94
N MET A 1 -25.23 -0.23 34.04
CA MET A 1 -26.24 0.43 33.17
C MET A 1 -25.63 1.64 32.46
N ALA A 2 -25.19 1.43 31.22
CA ALA A 2 -24.59 2.50 30.44
C ALA A 2 -25.14 2.51 29.02
N SER A 3 -26.00 3.49 28.72
CA SER A 3 -26.59 3.62 27.41
C SER A 3 -27.41 4.90 27.30
N HIS A 4 -27.23 5.62 26.20
CA HIS A 4 -27.95 6.87 25.97
C HIS A 4 -27.64 7.44 24.59
N HIS A 5 -26.36 7.45 24.24
CA HIS A 5 -25.94 7.97 22.94
C HIS A 5 -24.51 7.52 22.60
N HIS A 6 -23.52 8.24 23.12
CA HIS A 6 -22.12 7.91 22.87
C HIS A 6 -21.87 7.56 21.41
N HIS A 7 -21.71 8.58 20.58
CA HIS A 7 -21.46 8.37 19.15
C HIS A 7 -20.15 9.04 18.73
N HIS A 8 -20.13 10.36 18.74
CA HIS A 8 -18.94 11.11 18.37
C HIS A 8 -18.03 11.31 19.58
N HIS A 9 -18.63 11.35 20.76
CA HIS A 9 -17.89 11.54 22.00
C HIS A 9 -16.98 10.33 22.26
N LEU A 10 -16.00 10.52 23.14
CA LEU A 10 -15.06 9.46 23.47
C LEU A 10 -14.11 9.19 22.31
N ASP A 11 -14.66 8.79 21.17
CA ASP A 11 -13.85 8.51 19.99
C ASP A 11 -12.91 7.34 20.24
N GLN A 12 -13.39 6.14 19.96
CA GLN A 12 -12.59 4.93 20.16
C GLN A 12 -12.10 4.38 18.83
N GLN A 13 -12.81 4.70 17.76
CA GLN A 13 -12.44 4.22 16.42
C GLN A 13 -10.96 4.50 16.14
N PRO A 14 -10.25 3.53 15.53
CA PRO A 14 -8.83 3.68 15.21
C PRO A 14 -8.60 4.72 14.12
N ALA A 15 -8.89 5.97 14.43
CA ALA A 15 -8.71 7.06 13.46
C ALA A 15 -7.40 7.80 13.71
N ALA A 16 -6.39 7.08 14.17
CA ALA A 16 -5.08 7.67 14.43
C ALA A 16 -4.30 7.88 13.15
N GLN A 17 -3.79 6.79 12.58
CA GLN A 17 -3.02 6.87 11.34
C GLN A 17 -3.78 7.64 10.28
N ARG A 18 -3.07 8.02 9.21
CA ARG A 18 -3.67 8.77 8.12
C ARG A 18 -3.59 7.98 6.81
N THR A 19 -4.02 6.73 6.87
CA THR A 19 -4.00 5.86 5.70
C THR A 19 -4.55 6.56 4.46
N TYR A 20 -4.30 5.96 3.30
CA TYR A 20 -4.77 6.52 2.04
C TYR A 20 -5.73 5.58 1.33
N ALA A 21 -6.16 5.96 0.14
CA ALA A 21 -7.09 5.14 -0.64
C ALA A 21 -6.34 4.22 -1.60
N LYS A 22 -5.43 4.79 -2.39
CA LYS A 22 -4.65 4.02 -3.34
C LYS A 22 -3.27 4.61 -3.56
N ALA A 23 -2.35 3.78 -4.07
CA ALA A 23 -0.98 4.21 -4.33
C ALA A 23 -0.38 3.38 -5.46
N ILE A 24 0.41 4.03 -6.33
CA ILE A 24 1.03 3.32 -7.45
C ILE A 24 2.53 3.54 -7.48
N LEU A 25 3.24 2.46 -7.77
CA LEU A 25 4.68 2.49 -7.89
C LEU A 25 5.03 2.39 -9.37
N GLU A 26 5.14 3.55 -10.02
CA GLU A 26 5.43 3.61 -11.45
C GLU A 26 6.94 3.52 -11.72
N VAL A 27 7.37 2.34 -12.14
CA VAL A 27 8.76 2.08 -12.45
C VAL A 27 8.89 1.44 -13.84
N CYS A 28 10.13 1.25 -14.27
CA CYS A 28 10.40 0.63 -15.57
C CYS A 28 11.51 -0.41 -15.48
N THR A 29 11.97 -0.70 -14.26
CA THR A 29 13.03 -1.67 -14.04
C THR A 29 14.32 -1.29 -14.79
N CYS A 30 14.41 -0.04 -15.23
CA CYS A 30 15.58 0.43 -15.95
C CYS A 30 16.69 0.74 -14.94
N LYS A 31 16.29 1.05 -13.72
CA LYS A 31 17.24 1.38 -12.66
C LYS A 31 17.73 0.13 -11.92
N PHE A 32 17.50 -1.04 -12.49
CA PHE A 32 17.93 -2.30 -11.88
C PHE A 32 19.40 -2.25 -11.47
N ARG A 33 20.17 -1.39 -12.13
CA ARG A 33 21.59 -1.26 -11.83
C ARG A 33 21.84 -0.27 -10.69
N ALA A 34 21.25 0.91 -10.83
CA ALA A 34 21.42 1.96 -9.83
C ALA A 34 20.66 1.65 -8.54
N TYR A 35 19.38 1.36 -8.67
CA TYR A 35 18.54 1.05 -7.50
C TYR A 35 18.11 -0.41 -7.53
N PRO A 36 19.08 -1.34 -7.46
CA PRO A 36 18.81 -2.78 -7.48
C PRO A 36 18.03 -3.27 -6.26
N GLN A 37 18.00 -2.46 -5.20
CA GLN A 37 17.29 -2.82 -3.99
C GLN A 37 15.79 -2.55 -4.16
N ILE A 38 15.45 -1.46 -4.85
CA ILE A 38 14.07 -1.10 -5.07
C ILE A 38 13.29 -2.30 -5.64
N GLN A 39 13.40 -2.51 -6.95
CA GLN A 39 12.73 -3.64 -7.59
C GLN A 39 12.94 -4.92 -6.79
N ALA A 40 14.03 -4.98 -6.05
CA ALA A 40 14.34 -6.13 -5.23
C ALA A 40 13.15 -6.48 -4.34
N PHE A 41 12.63 -5.48 -3.63
CA PHE A 41 11.48 -5.70 -2.77
C PHE A 41 10.27 -6.07 -3.62
N ILE A 42 10.21 -5.48 -4.81
CA ILE A 42 9.12 -5.76 -5.73
C ILE A 42 9.17 -7.22 -6.15
N GLN A 43 10.39 -7.73 -6.29
CA GLN A 43 10.61 -9.11 -6.67
C GLN A 43 10.33 -10.03 -5.49
N SER A 44 10.50 -9.50 -4.28
CA SER A 44 10.27 -10.26 -3.07
C SER A 44 8.83 -10.82 -3.04
N GLY A 45 7.87 -9.95 -3.34
CA GLY A 45 6.48 -10.38 -3.35
C GLY A 45 5.65 -9.75 -2.24
N ARG A 46 6.32 -9.07 -1.32
CA ARG A 46 5.64 -8.43 -0.20
C ARG A 46 4.63 -7.37 -0.66
N PRO A 47 5.01 -6.52 -1.63
CA PRO A 47 4.12 -5.47 -2.12
C PRO A 47 2.85 -6.06 -2.74
N ALA A 48 2.96 -7.29 -3.24
CA ALA A 48 1.83 -7.96 -3.82
C ALA A 48 0.72 -8.12 -2.79
N LYS A 49 1.13 -8.21 -1.53
CA LYS A 49 0.19 -8.35 -0.42
C LYS A 49 -0.56 -7.05 -0.18
N PHE A 50 -0.06 -5.95 -0.74
CA PHE A 50 -0.69 -4.65 -0.57
C PHE A 50 -1.65 -4.38 -1.73
N PRO A 51 -2.96 -4.59 -1.53
CA PRO A 51 -3.98 -4.38 -2.57
C PRO A 51 -4.12 -2.92 -2.97
N ASN A 52 -3.80 -2.03 -2.03
CA ASN A 52 -3.87 -0.60 -2.27
C ASN A 52 -2.64 -0.09 -3.00
N LEU A 53 -1.74 -0.99 -3.38
CA LEU A 53 -0.52 -0.61 -4.07
C LEU A 53 -0.43 -1.31 -5.43
N GLN A 54 -0.58 -0.51 -6.47
CA GLN A 54 -0.56 -0.99 -7.86
C GLN A 54 0.73 -1.73 -8.23
N ILE A 55 1.85 -1.00 -8.27
CA ILE A 55 3.13 -1.58 -8.65
C ILE A 55 3.20 -1.73 -10.17
N LYS A 56 3.04 -0.61 -10.87
CA LYS A 56 3.06 -0.63 -12.33
C LYS A 56 4.48 -0.52 -12.88
N TYR A 57 4.67 -1.04 -14.08
CA TYR A 57 5.95 -1.00 -14.76
C TYR A 57 5.86 -0.10 -15.96
N VAL A 58 5.63 1.17 -15.67
CA VAL A 58 5.47 2.21 -16.68
C VAL A 58 6.35 2.00 -17.92
N ARG A 59 5.95 2.60 -19.03
CA ARG A 59 6.68 2.47 -20.29
C ARG A 59 8.19 2.59 -20.08
N GLY A 60 8.62 3.65 -19.41
CA GLY A 60 10.03 3.87 -19.17
C GLY A 60 10.33 5.18 -18.47
N LEU A 61 9.92 5.27 -17.20
CA LEU A 61 10.15 6.49 -16.42
C LEU A 61 10.98 6.17 -15.18
N ASP A 62 11.03 7.13 -14.25
CA ASP A 62 11.78 6.95 -13.02
C ASP A 62 10.88 6.45 -11.90
N PRO A 63 11.43 5.71 -10.94
CA PRO A 63 10.67 5.16 -9.80
C PRO A 63 10.09 6.26 -8.93
N VAL A 64 8.76 6.34 -8.88
CA VAL A 64 8.10 7.36 -8.08
C VAL A 64 6.84 6.84 -7.40
N VAL A 65 6.75 7.11 -6.10
CA VAL A 65 5.60 6.71 -5.31
C VAL A 65 4.45 7.68 -5.53
N LYS A 66 3.37 7.19 -6.14
CA LYS A 66 2.21 8.02 -6.41
C LYS A 66 1.03 7.63 -5.54
N LEU A 67 0.59 8.56 -4.69
CA LEU A 67 -0.56 8.31 -3.84
C LEU A 67 -1.80 8.75 -4.60
N LEU A 68 -2.92 8.10 -4.36
CA LEU A 68 -4.14 8.41 -5.11
C LEU A 68 -5.38 8.33 -4.23
N ASP A 69 -6.53 8.54 -4.86
CA ASP A 69 -7.81 8.50 -4.16
C ASP A 69 -8.68 7.39 -4.71
N ALA A 70 -8.95 7.42 -6.01
CA ALA A 70 -9.78 6.41 -6.64
C ALA A 70 -10.02 6.73 -8.12
N SER A 71 -10.13 8.01 -8.43
CA SER A 71 -10.36 8.44 -9.81
C SER A 71 -9.05 8.71 -10.55
N GLY A 72 -8.00 9.04 -9.79
CA GLY A 72 -6.72 9.31 -10.40
C GLY A 72 -6.20 10.70 -10.07
N LYS A 73 -6.78 11.33 -9.04
CA LYS A 73 -6.37 12.66 -8.62
C LYS A 73 -4.87 12.69 -8.31
N VAL A 74 -4.37 11.61 -7.74
CA VAL A 74 -2.96 11.51 -7.36
C VAL A 74 -2.66 12.44 -6.19
N GLN A 75 -2.82 11.93 -4.98
CA GLN A 75 -2.60 12.71 -3.77
C GLN A 75 -1.19 13.31 -3.74
N GLU A 76 -0.18 12.47 -3.97
CA GLU A 76 1.20 12.95 -3.92
C GLU A 76 2.14 12.13 -4.80
N THR A 77 3.18 12.79 -5.29
CA THR A 77 4.19 12.15 -6.12
C THR A 77 5.57 12.38 -5.53
N LEU A 78 6.20 11.32 -5.04
CA LEU A 78 7.52 11.43 -4.43
C LEU A 78 8.50 10.45 -5.05
N SER A 79 9.59 10.98 -5.60
CA SER A 79 10.60 10.13 -6.23
C SER A 79 11.28 9.25 -5.20
N ILE A 80 11.72 8.07 -5.63
CA ILE A 80 12.38 7.13 -4.74
C ILE A 80 13.61 6.52 -5.38
N THR A 81 14.26 7.30 -6.26
CA THR A 81 15.46 6.84 -6.94
C THR A 81 16.53 6.43 -5.94
N LYS A 82 16.67 7.20 -4.87
CA LYS A 82 17.65 6.92 -3.84
C LYS A 82 17.05 7.14 -2.45
N TRP A 83 16.76 8.40 -2.13
CA TRP A 83 16.16 8.78 -0.84
C TRP A 83 16.57 7.87 0.31
N ASN A 84 15.83 6.78 0.48
CA ASN A 84 16.09 5.83 1.57
C ASN A 84 15.73 4.39 1.19
N THR A 85 14.75 4.23 0.29
CA THR A 85 14.33 2.91 -0.15
C THR A 85 14.06 2.01 1.04
N ASP A 86 13.79 0.73 0.79
CA ASP A 86 13.50 -0.22 1.85
C ASP A 86 12.25 0.23 2.61
N THR A 87 12.42 1.20 3.50
CA THR A 87 11.31 1.74 4.27
C THR A 87 10.20 2.17 3.30
N VAL A 88 10.59 2.48 2.07
CA VAL A 88 9.63 2.88 1.05
C VAL A 88 8.54 1.82 0.92
N GLU A 89 8.97 0.57 0.83
CA GLU A 89 8.03 -0.54 0.73
C GLU A 89 7.11 -0.51 1.94
N GLU A 90 7.70 -0.21 3.09
CA GLU A 90 6.95 -0.11 4.33
C GLU A 90 6.08 1.15 4.31
N PHE A 91 6.53 2.15 3.55
CA PHE A 91 5.80 3.40 3.42
C PHE A 91 4.33 3.14 3.09
N PHE A 92 4.11 2.27 2.12
CA PHE A 92 2.75 1.93 1.69
C PHE A 92 2.04 0.95 2.61
N GLU A 93 2.64 -0.21 2.86
CA GLU A 93 2.03 -1.25 3.70
C GLU A 93 1.31 -0.68 4.92
N THR A 94 1.77 0.46 5.43
CA THR A 94 1.13 1.08 6.60
C THR A 94 0.29 2.28 6.18
N HIS A 95 0.76 3.04 5.20
CA HIS A 95 0.03 4.21 4.73
C HIS A 95 -1.23 3.80 3.97
N LEU A 96 -1.29 2.54 3.54
CA LEU A 96 -2.44 2.05 2.81
C LEU A 96 -3.38 1.29 3.74
N ALA A 97 -4.58 1.00 3.25
CA ALA A 97 -5.58 0.28 4.03
C ALA A 97 -6.16 -0.87 3.22
N LYS A 98 -6.45 -1.98 3.90
CA LYS A 98 -7.00 -3.16 3.24
C LYS A 98 -8.34 -2.84 2.59
N ASP A 99 -8.29 -2.27 1.40
CA ASP A 99 -9.50 -1.92 0.66
C ASP A 99 -9.44 -2.43 -0.77
N GLY A 100 -10.12 -3.55 -1.03
CA GLY A 100 -10.12 -4.13 -2.36
C GLY A 100 -11.26 -3.62 -3.21
N ALA A 101 -11.18 -3.87 -4.52
CA ALA A 101 -12.22 -3.44 -5.44
C ALA A 101 -12.01 -4.06 -6.81
N GLY A 102 -11.50 -5.29 -6.83
CA GLY A 102 -11.26 -5.98 -8.09
C GLY A 102 -9.99 -6.81 -8.03
N LYS A 103 -10.12 -8.03 -7.52
CA LYS A 103 -8.98 -8.94 -7.42
C LYS A 103 -8.51 -9.39 -8.79
N ASN A 104 -7.58 -8.65 -9.37
CA ASN A 104 -7.05 -8.97 -10.68
C ASN A 104 -6.39 -10.35 -10.68
N SER A 105 -7.09 -11.33 -11.23
CA SER A 105 -6.59 -12.70 -11.30
C SER A 105 -6.04 -13.01 -12.69
N TYR A 106 -5.03 -13.88 -12.74
CA TYR A 106 -4.42 -14.26 -14.01
C TYR A 106 -3.84 -13.05 -14.72
N SER A 107 -2.57 -12.77 -14.46
CA SER A 107 -1.91 -11.63 -15.08
C SER A 107 -1.36 -12.00 -16.46
N VAL A 108 -0.59 -11.09 -17.03
CA VAL A 108 0.00 -11.31 -18.36
C VAL A 108 0.73 -12.64 -18.43
N VAL A 109 1.26 -12.94 -19.60
CA VAL A 109 1.99 -14.19 -19.81
C VAL A 109 3.29 -13.95 -20.59
N GLU A 110 4.41 -14.34 -19.98
CA GLU A 110 5.71 -14.16 -20.62
C GLU A 110 5.93 -15.18 -21.72
N ASP A 111 6.70 -14.78 -22.73
CA ASP A 111 7.00 -15.64 -23.87
C ASP A 111 8.21 -16.52 -23.58
N ALA A 112 7.99 -17.83 -23.54
CA ALA A 112 9.07 -18.78 -23.29
C ALA A 112 9.87 -19.05 -24.56
N ASP A 113 11.13 -19.44 -24.39
CA ASP A 113 12.00 -19.73 -25.52
C ASP A 113 13.30 -20.39 -25.06
N GLY A 114 13.80 -21.31 -25.88
CA GLY A 114 15.03 -22.01 -25.55
C GLY A 114 16.22 -21.48 -26.33
N ASP A 115 17.41 -21.58 -25.74
CA ASP A 115 18.62 -21.11 -26.40
C ASP A 115 19.71 -22.17 -26.35
N ASP A 116 20.38 -22.39 -27.48
CA ASP A 116 21.44 -23.38 -27.57
C ASP A 116 22.70 -22.89 -26.86
N ASP A 117 23.61 -23.81 -26.55
CA ASP A 117 24.85 -23.47 -25.88
C ASP A 117 25.53 -22.26 -26.52
N GLU A 118 25.96 -22.43 -27.77
CA GLU A 118 26.63 -21.37 -28.51
C GLU A 118 26.22 -21.37 -29.97
N ASP A 119 26.88 -22.21 -30.75
CA ASP A 119 26.59 -22.33 -32.17
C ASP A 119 26.83 -21.00 -32.89
N TYR A 120 27.69 -20.18 -32.32
CA TYR A 120 28.02 -18.88 -32.92
C TYR A 120 28.75 -19.08 -34.24
N LEU A 121 29.48 -18.05 -34.67
CA LEU A 121 30.23 -18.12 -35.92
C LEU A 121 31.71 -17.90 -35.69
N ARG A 122 32.47 -18.99 -35.56
CA ARG A 122 33.91 -18.90 -35.35
C ARG A 122 34.62 -18.51 -36.63
N THR A 123 34.75 -17.21 -36.86
CA THR A 123 35.40 -16.70 -38.06
C THR A 123 36.51 -15.71 -37.70
N ASN A 124 37.71 -15.97 -38.20
CA ASN A 124 38.86 -15.10 -37.94
C ASN A 124 39.64 -14.84 -39.21
N ARG A 125 39.64 -13.58 -39.65
CA ARG A 125 40.36 -13.19 -40.86
C ARG A 125 40.78 -11.73 -40.80
N ILE A 126 41.69 -11.43 -39.88
CA ILE A 126 42.18 -10.06 -39.72
C ILE A 126 43.70 -10.00 -39.85
N MET A 1 -29.20 -14.35 21.42
CA MET A 1 -28.46 -13.52 20.42
C MET A 1 -27.98 -12.21 21.04
N ALA A 2 -27.41 -12.31 22.25
CA ALA A 2 -26.93 -11.13 22.94
C ALA A 2 -25.49 -11.34 23.45
N SER A 3 -24.74 -12.18 22.74
CA SER A 3 -23.37 -12.46 23.12
C SER A 3 -22.55 -11.18 23.22
N HIS A 4 -21.63 -11.13 24.18
CA HIS A 4 -20.80 -9.95 24.37
C HIS A 4 -19.32 -10.27 24.10
N HIS A 5 -19.08 -11.16 23.15
CA HIS A 5 -17.72 -11.56 22.80
C HIS A 5 -17.43 -11.25 21.33
N HIS A 6 -17.26 -9.96 21.02
CA HIS A 6 -16.97 -9.55 19.66
C HIS A 6 -15.48 -9.29 19.47
N HIS A 7 -14.95 -9.75 18.34
CA HIS A 7 -13.53 -9.58 18.04
C HIS A 7 -13.35 -8.95 16.66
N HIS A 8 -14.13 -7.91 16.39
CA HIS A 8 -14.05 -7.21 15.11
C HIS A 8 -13.52 -5.80 15.28
N HIS A 9 -13.69 -5.24 16.49
CA HIS A 9 -13.22 -3.90 16.78
C HIS A 9 -14.00 -2.86 15.96
N LEU A 10 -13.72 -2.82 14.66
CA LEU A 10 -14.40 -1.89 13.77
C LEU A 10 -14.02 -0.44 14.09
N ASP A 11 -13.26 0.18 13.19
CA ASP A 11 -12.82 1.55 13.37
C ASP A 11 -13.53 2.48 12.38
N GLN A 12 -14.19 3.50 12.91
CA GLN A 12 -14.91 4.45 12.07
C GLN A 12 -14.04 5.67 11.74
N GLN A 13 -13.49 6.30 12.78
CA GLN A 13 -12.66 7.47 12.60
C GLN A 13 -11.29 7.09 12.04
N PRO A 14 -10.78 7.86 11.05
CA PRO A 14 -9.47 7.60 10.44
C PRO A 14 -8.32 8.19 11.25
N ALA A 15 -8.19 7.76 12.50
CA ALA A 15 -7.12 8.24 13.37
C ALA A 15 -6.19 7.12 13.79
N ALA A 16 -5.73 6.35 12.80
CA ALA A 16 -4.83 5.24 13.07
C ALA A 16 -3.46 5.47 12.43
N GLN A 17 -3.39 5.35 11.11
CA GLN A 17 -2.14 5.55 10.39
C GLN A 17 -2.35 6.39 9.14
N ARG A 18 -3.40 7.20 9.14
CA ARG A 18 -3.72 8.07 8.01
C ARG A 18 -3.56 7.35 6.68
N THR A 19 -4.14 6.17 6.59
CA THR A 19 -4.06 5.37 5.37
C THR A 19 -4.57 6.14 4.17
N TYR A 20 -4.28 5.62 2.98
CA TYR A 20 -4.70 6.26 1.73
C TYR A 20 -5.70 5.36 0.99
N ALA A 21 -6.31 5.92 -0.04
CA ALA A 21 -7.29 5.18 -0.84
C ALA A 21 -6.62 4.39 -1.95
N LYS A 22 -5.46 4.85 -2.41
CA LYS A 22 -4.74 4.16 -3.47
C LYS A 22 -3.35 4.77 -3.70
N ALA A 23 -2.52 4.03 -4.41
CA ALA A 23 -1.17 4.47 -4.75
C ALA A 23 -0.59 3.59 -5.85
N ILE A 24 0.54 4.00 -6.42
CA ILE A 24 1.16 3.23 -7.49
C ILE A 24 2.67 3.40 -7.52
N LEU A 25 3.38 2.29 -7.65
CA LEU A 25 4.83 2.30 -7.72
C LEU A 25 5.26 2.24 -9.19
N GLU A 26 5.28 3.40 -9.83
CA GLU A 26 5.62 3.50 -11.24
C GLU A 26 7.14 3.45 -11.46
N VAL A 27 7.57 2.42 -12.18
CA VAL A 27 8.98 2.23 -12.51
C VAL A 27 9.12 1.53 -13.85
N CYS A 28 10.24 1.76 -14.53
CA CYS A 28 10.49 1.13 -15.81
C CYS A 28 11.54 0.02 -15.71
N THR A 29 11.99 -0.26 -14.49
CA THR A 29 13.00 -1.29 -14.28
C THR A 29 14.33 -0.93 -14.95
N CYS A 30 14.45 0.33 -15.39
CA CYS A 30 15.67 0.79 -16.04
C CYS A 30 16.77 0.98 -15.00
N LYS A 31 16.36 1.20 -13.75
CA LYS A 31 17.31 1.39 -12.66
C LYS A 31 17.71 0.06 -12.03
N PHE A 32 17.41 -1.05 -12.70
CA PHE A 32 17.75 -2.36 -12.20
C PHE A 32 19.25 -2.45 -11.86
N ARG A 33 20.03 -1.59 -12.49
CA ARG A 33 21.48 -1.56 -12.25
C ARG A 33 21.83 -0.59 -11.14
N ALA A 34 21.33 0.64 -11.25
CA ALA A 34 21.60 1.67 -10.26
C ALA A 34 20.86 1.41 -8.95
N TYR A 35 19.54 1.27 -9.05
CA TYR A 35 18.72 1.04 -7.86
C TYR A 35 18.13 -0.38 -7.88
N PRO A 36 19.01 -1.41 -7.85
CA PRO A 36 18.58 -2.81 -7.86
C PRO A 36 17.83 -3.21 -6.59
N GLN A 37 17.98 -2.42 -5.54
CA GLN A 37 17.31 -2.69 -4.27
C GLN A 37 15.82 -2.40 -4.37
N ILE A 38 15.47 -1.31 -5.05
CA ILE A 38 14.08 -0.93 -5.22
C ILE A 38 13.25 -2.11 -5.72
N GLN A 39 13.31 -2.37 -7.03
CA GLN A 39 12.58 -3.48 -7.61
C GLN A 39 12.76 -4.74 -6.78
N ALA A 40 13.89 -4.83 -6.09
CA ALA A 40 14.20 -5.97 -5.24
C ALA A 40 13.04 -6.24 -4.30
N PHE A 41 12.64 -5.22 -3.53
CA PHE A 41 11.54 -5.37 -2.59
C PHE A 41 10.26 -5.68 -3.35
N ILE A 42 10.18 -5.20 -4.60
CA ILE A 42 9.02 -5.44 -5.43
C ILE A 42 8.94 -6.91 -5.79
N GLN A 43 10.09 -7.48 -6.12
CA GLN A 43 10.17 -8.89 -6.48
C GLN A 43 10.03 -9.77 -5.24
N SER A 44 10.32 -9.19 -4.07
CA SER A 44 10.23 -9.94 -2.82
C SER A 44 8.89 -10.64 -2.71
N GLY A 45 7.81 -9.89 -2.92
CA GLY A 45 6.47 -10.47 -2.85
C GLY A 45 5.61 -9.81 -1.78
N ARG A 46 6.23 -9.06 -0.88
CA ARG A 46 5.50 -8.39 0.19
C ARG A 46 4.47 -7.39 -0.35
N PRO A 47 4.84 -6.58 -1.35
CA PRO A 47 3.92 -5.59 -1.93
C PRO A 47 2.68 -6.26 -2.52
N ALA A 48 2.82 -7.51 -2.93
CA ALA A 48 1.70 -8.25 -3.50
C ALA A 48 0.57 -8.33 -2.50
N LYS A 49 0.94 -8.36 -1.22
CA LYS A 49 -0.04 -8.42 -0.14
C LYS A 49 -0.79 -7.10 0.00
N PHE A 50 -0.23 -6.03 -0.56
CA PHE A 50 -0.86 -4.72 -0.49
C PHE A 50 -1.84 -4.51 -1.64
N PRO A 51 -3.16 -4.57 -1.35
CA PRO A 51 -4.20 -4.38 -2.37
C PRO A 51 -4.24 -2.97 -2.92
N ASN A 52 -4.10 -1.99 -2.04
CA ASN A 52 -4.12 -0.58 -2.42
C ASN A 52 -2.91 -0.22 -3.28
N LEU A 53 -1.90 -1.08 -3.26
CA LEU A 53 -0.68 -0.83 -4.02
C LEU A 53 -0.78 -1.44 -5.42
N GLN A 54 -0.49 -0.62 -6.43
CA GLN A 54 -0.58 -1.05 -7.83
C GLN A 54 0.68 -1.75 -8.33
N ILE A 55 1.84 -1.16 -8.09
CA ILE A 55 3.10 -1.74 -8.57
C ILE A 55 3.09 -1.80 -10.09
N LYS A 56 3.20 -0.64 -10.72
CA LYS A 56 3.18 -0.56 -12.18
C LYS A 56 4.60 -0.54 -12.76
N TYR A 57 4.74 -1.11 -13.94
CA TYR A 57 6.03 -1.14 -14.63
C TYR A 57 5.98 -0.22 -15.82
N VAL A 58 5.89 1.06 -15.50
CA VAL A 58 5.80 2.12 -16.50
C VAL A 58 6.68 1.86 -17.73
N ARG A 59 6.39 2.57 -18.81
CA ARG A 59 7.12 2.42 -20.06
C ARG A 59 8.58 2.86 -19.93
N GLY A 60 8.82 4.02 -19.31
CA GLY A 60 10.17 4.50 -19.18
C GLY A 60 10.28 5.81 -18.42
N LEU A 61 9.92 5.78 -17.15
CA LEU A 61 9.98 6.98 -16.31
C LEU A 61 10.87 6.73 -15.09
N ASP A 62 10.90 7.69 -14.18
CA ASP A 62 11.70 7.56 -12.97
C ASP A 62 10.87 6.94 -11.85
N PRO A 63 11.52 6.15 -10.97
CA PRO A 63 10.83 5.50 -9.85
C PRO A 63 10.19 6.50 -8.89
N VAL A 64 8.87 6.49 -8.83
CA VAL A 64 8.13 7.40 -7.95
C VAL A 64 6.98 6.68 -7.26
N VAL A 65 6.60 7.21 -6.10
CA VAL A 65 5.49 6.66 -5.33
C VAL A 65 4.27 7.55 -5.50
N LYS A 66 3.40 7.17 -6.43
CA LYS A 66 2.22 7.95 -6.72
C LYS A 66 1.03 7.53 -5.88
N LEU A 67 0.71 8.34 -4.88
CA LEU A 67 -0.45 8.07 -4.04
C LEU A 67 -1.67 8.66 -4.74
N LEU A 68 -2.77 7.94 -4.74
CA LEU A 68 -3.96 8.42 -5.44
C LEU A 68 -5.22 8.21 -4.61
N ASP A 69 -6.35 8.61 -5.20
CA ASP A 69 -7.64 8.47 -4.53
C ASP A 69 -8.51 7.44 -5.26
N ALA A 70 -8.74 7.67 -6.55
CA ALA A 70 -9.56 6.78 -7.35
C ALA A 70 -9.79 7.33 -8.75
N SER A 71 -9.94 8.65 -8.84
CA SER A 71 -10.17 9.30 -10.13
C SER A 71 -8.84 9.66 -10.81
N GLY A 72 -7.79 9.78 -10.02
CA GLY A 72 -6.49 10.12 -10.56
C GLY A 72 -5.94 11.42 -10.02
N LYS A 73 -6.44 11.83 -8.85
CA LYS A 73 -6.01 13.07 -8.21
C LYS A 73 -4.50 13.03 -7.97
N VAL A 74 -4.01 11.89 -7.51
CA VAL A 74 -2.59 11.73 -7.23
C VAL A 74 -2.18 12.56 -6.02
N GLN A 75 -2.69 12.16 -4.85
CA GLN A 75 -2.42 12.83 -3.60
C GLN A 75 -0.94 13.16 -3.41
N GLU A 76 -0.06 12.19 -3.67
CA GLU A 76 1.37 12.43 -3.48
C GLU A 76 2.22 11.78 -4.58
N THR A 77 3.35 12.43 -4.87
CA THR A 77 4.30 11.94 -5.86
C THR A 77 5.71 12.18 -5.35
N LEU A 78 6.29 11.16 -4.73
CA LEU A 78 7.64 11.29 -4.17
C LEU A 78 8.62 10.39 -4.90
N SER A 79 9.67 10.99 -5.44
CA SER A 79 10.70 10.23 -6.16
C SER A 79 11.44 9.29 -5.22
N ILE A 80 11.71 8.07 -5.70
CA ILE A 80 12.41 7.09 -4.88
C ILE A 80 13.61 6.50 -5.61
N THR A 81 14.25 7.31 -6.45
CA THR A 81 15.42 6.85 -7.19
C THR A 81 16.43 6.20 -6.25
N LYS A 82 16.47 6.70 -5.02
CA LYS A 82 17.36 6.19 -4.00
C LYS A 82 16.79 6.46 -2.62
N TRP A 83 17.17 7.59 -2.00
CA TRP A 83 16.68 7.97 -0.68
C TRP A 83 17.11 6.98 0.40
N ASN A 84 16.68 5.73 0.29
CA ASN A 84 17.01 4.70 1.28
C ASN A 84 16.28 3.37 1.03
N THR A 85 15.25 3.38 0.18
CA THR A 85 14.51 2.16 -0.13
C THR A 85 14.08 1.45 1.15
N ASP A 86 13.77 0.16 1.06
CA ASP A 86 13.34 -0.61 2.22
C ASP A 86 12.12 0.04 2.88
N THR A 87 12.38 1.05 3.70
CA THR A 87 11.32 1.80 4.36
C THR A 87 10.17 2.07 3.41
N VAL A 88 10.55 2.48 2.20
CA VAL A 88 9.58 2.76 1.16
C VAL A 88 8.52 1.67 1.08
N GLU A 89 8.97 0.42 1.14
CA GLU A 89 8.06 -0.71 1.12
C GLU A 89 7.07 -0.56 2.26
N GLU A 90 7.60 -0.16 3.41
CA GLU A 90 6.78 0.07 4.59
C GLU A 90 5.90 1.29 4.38
N PHE A 91 6.40 2.22 3.58
CA PHE A 91 5.67 3.44 3.27
C PHE A 91 4.23 3.11 2.87
N PHE A 92 4.11 2.07 2.05
CA PHE A 92 2.79 1.61 1.58
C PHE A 92 2.04 0.87 2.68
N GLU A 93 2.58 -0.26 3.12
CA GLU A 93 1.93 -1.07 4.15
C GLU A 93 1.46 -0.20 5.32
N THR A 94 2.13 0.93 5.53
CA THR A 94 1.78 1.84 6.61
C THR A 94 0.80 2.92 6.15
N HIS A 95 0.74 3.15 4.85
CA HIS A 95 -0.16 4.17 4.30
C HIS A 95 -1.32 3.53 3.53
N LEU A 96 -1.35 2.21 3.47
CA LEU A 96 -2.41 1.50 2.76
C LEU A 96 -3.34 0.79 3.74
N ALA A 97 -4.36 0.14 3.19
CA ALA A 97 -5.34 -0.57 4.01
C ALA A 97 -5.56 -1.99 3.51
N LYS A 98 -6.14 -2.83 4.36
CA LYS A 98 -6.40 -4.22 4.00
C LYS A 98 -7.82 -4.40 3.48
N ASP A 99 -8.37 -3.34 2.89
CA ASP A 99 -9.71 -3.38 2.34
C ASP A 99 -10.75 -3.60 3.44
N GLY A 100 -10.44 -3.11 4.64
CA GLY A 100 -11.35 -3.27 5.76
C GLY A 100 -11.43 -4.70 6.26
N ALA A 101 -12.56 -5.06 6.85
CA ALA A 101 -12.75 -6.41 7.38
C ALA A 101 -14.04 -7.02 6.86
N GLY A 102 -14.16 -7.12 5.53
CA GLY A 102 -15.35 -7.70 4.94
C GLY A 102 -16.26 -6.67 4.31
N LYS A 103 -16.06 -5.40 4.66
CA LYS A 103 -16.88 -4.32 4.11
C LYS A 103 -16.33 -3.83 2.77
N ASN A 104 -16.67 -4.56 1.71
CA ASN A 104 -16.23 -4.21 0.37
C ASN A 104 -17.29 -3.42 -0.36
N SER A 105 -18.49 -3.97 -0.44
CA SER A 105 -19.60 -3.32 -1.13
C SER A 105 -20.75 -3.05 -0.16
N TYR A 106 -21.72 -2.25 -0.60
CA TYR A 106 -22.87 -1.92 0.22
C TYR A 106 -24.16 -2.42 -0.43
N SER A 107 -24.38 -3.73 -0.35
CA SER A 107 -25.58 -4.33 -0.93
C SER A 107 -26.84 -3.75 -0.29
N VAL A 108 -27.15 -4.20 0.91
CA VAL A 108 -28.31 -3.73 1.64
C VAL A 108 -28.02 -3.60 3.13
N VAL A 109 -29.01 -3.11 3.88
CA VAL A 109 -28.85 -2.94 5.32
C VAL A 109 -29.94 -3.71 6.08
N GLU A 110 -29.52 -4.51 7.05
CA GLU A 110 -30.44 -5.29 7.86
C GLU A 110 -31.01 -4.45 8.98
N ASP A 111 -32.21 -4.81 9.42
CA ASP A 111 -32.89 -4.09 10.50
C ASP A 111 -32.35 -4.53 11.86
N ALA A 112 -31.40 -3.78 12.40
CA ALA A 112 -30.81 -4.09 13.69
C ALA A 112 -31.11 -2.98 14.70
N ASP A 113 -30.93 -3.30 15.98
CA ASP A 113 -31.18 -2.32 17.04
C ASP A 113 -30.62 -2.81 18.37
N GLY A 114 -29.64 -2.09 18.89
CA GLY A 114 -29.03 -2.45 20.16
C GLY A 114 -27.97 -1.48 20.60
N ASP A 115 -28.41 -0.34 21.11
CA ASP A 115 -27.51 0.69 21.57
C ASP A 115 -27.25 0.58 23.06
N ASP A 116 -26.86 -0.61 23.50
CA ASP A 116 -26.59 -0.85 24.91
C ASP A 116 -27.81 -0.51 25.76
N ASP A 117 -28.98 -0.65 25.16
CA ASP A 117 -30.24 -0.37 25.85
C ASP A 117 -31.42 -0.68 24.96
N GLU A 118 -31.96 -1.88 25.10
CA GLU A 118 -33.11 -2.30 24.28
C GLU A 118 -34.42 -2.22 25.08
N ASP A 119 -34.36 -1.69 26.29
CA ASP A 119 -35.56 -1.57 27.12
C ASP A 119 -36.44 -0.41 26.66
N TYR A 120 -35.84 0.52 25.93
CA TYR A 120 -36.57 1.68 25.42
C TYR A 120 -37.57 1.26 24.34
N LEU A 121 -37.05 0.82 23.20
CA LEU A 121 -37.88 0.38 22.10
C LEU A 121 -37.44 -0.99 21.60
N ARG A 122 -38.39 -1.91 21.52
CA ARG A 122 -38.12 -3.26 21.05
C ARG A 122 -38.51 -3.43 19.59
N THR A 123 -37.68 -4.14 18.83
CA THR A 123 -37.95 -4.36 17.41
C THR A 123 -38.58 -5.73 17.18
N ASN A 124 -39.89 -5.81 17.39
CA ASN A 124 -40.63 -7.05 17.20
C ASN A 124 -41.76 -6.86 16.19
N ARG A 125 -42.48 -5.75 16.33
CA ARG A 125 -43.59 -5.45 15.42
C ARG A 125 -44.53 -6.64 15.29
N ILE A 126 -45.54 -6.69 16.16
CA ILE A 126 -46.50 -7.79 16.14
C ILE A 126 -47.73 -7.41 15.31
N MET A 1 3.63 21.28 18.42
CA MET A 1 4.92 20.96 17.76
C MET A 1 5.88 20.30 18.75
N ALA A 2 6.30 21.07 19.75
CA ALA A 2 7.22 20.57 20.77
C ALA A 2 8.56 20.19 20.15
N SER A 3 9.47 21.15 20.09
CA SER A 3 10.80 20.92 19.52
C SER A 3 11.79 20.55 20.60
N HIS A 4 11.88 21.38 21.63
CA HIS A 4 12.80 21.15 22.74
C HIS A 4 12.03 20.80 24.01
N HIS A 5 11.66 19.53 24.14
CA HIS A 5 10.93 19.06 25.31
C HIS A 5 10.77 17.54 25.28
N HIS A 6 11.82 16.86 24.82
CA HIS A 6 11.81 15.40 24.74
C HIS A 6 12.32 14.78 26.03
N HIS A 7 11.58 14.96 27.11
CA HIS A 7 11.96 14.41 28.41
C HIS A 7 10.80 13.61 29.01
N HIS A 8 9.68 14.28 29.25
CA HIS A 8 8.51 13.62 29.81
C HIS A 8 7.59 13.10 28.71
N HIS A 9 6.74 12.14 29.07
CA HIS A 9 5.81 11.55 28.11
C HIS A 9 6.55 10.82 27.01
N LEU A 10 6.93 9.57 27.27
CA LEU A 10 7.66 8.76 26.30
C LEU A 10 6.73 8.35 25.16
N ASP A 11 5.77 7.49 25.47
CA ASP A 11 4.81 7.02 24.47
C ASP A 11 4.17 8.17 23.73
N GLN A 12 4.04 8.04 22.41
CA GLN A 12 3.44 9.07 21.58
C GLN A 12 2.88 8.47 20.30
N GLN A 13 1.67 7.92 20.39
CA GLN A 13 1.02 7.32 19.23
C GLN A 13 -0.42 7.83 19.08
N PRO A 14 -0.79 8.33 17.89
CA PRO A 14 -2.13 8.84 17.64
C PRO A 14 -3.18 7.73 17.66
N ALA A 15 -4.43 8.10 17.43
CA ALA A 15 -5.52 7.14 17.42
C ALA A 15 -5.63 6.43 16.07
N ALA A 16 -6.35 7.07 15.14
CA ALA A 16 -6.54 6.51 13.82
C ALA A 16 -5.30 6.68 12.96
N GLN A 17 -5.41 6.31 11.69
CA GLN A 17 -4.31 6.39 10.74
C GLN A 17 -4.75 7.11 9.47
N ARG A 18 -3.87 7.96 8.94
CA ARG A 18 -4.16 8.71 7.73
C ARG A 18 -3.82 7.89 6.48
N THR A 19 -4.33 6.67 6.43
CA THR A 19 -4.09 5.79 5.30
C THR A 19 -4.60 6.38 4.00
N TYR A 20 -4.27 5.72 2.89
CA TYR A 20 -4.69 6.18 1.58
C TYR A 20 -5.60 5.16 0.91
N ALA A 21 -6.35 5.60 -0.08
CA ALA A 21 -7.28 4.72 -0.80
C ALA A 21 -6.63 4.07 -2.01
N LYS A 22 -5.62 4.72 -2.58
CA LYS A 22 -4.94 4.18 -3.75
C LYS A 22 -3.47 4.57 -3.77
N ALA A 23 -2.66 3.74 -4.43
CA ALA A 23 -1.23 4.00 -4.54
C ALA A 23 -0.64 3.26 -5.73
N ILE A 24 0.37 3.85 -6.36
CA ILE A 24 1.01 3.23 -7.52
C ILE A 24 2.51 3.49 -7.56
N LEU A 25 3.28 2.40 -7.64
CA LEU A 25 4.72 2.49 -7.73
C LEU A 25 5.14 2.38 -9.19
N GLU A 26 5.10 3.50 -9.91
CA GLU A 26 5.45 3.50 -11.32
C GLU A 26 6.96 3.45 -11.53
N VAL A 27 7.42 2.38 -12.17
CA VAL A 27 8.83 2.19 -12.44
C VAL A 27 9.07 1.67 -13.85
N CYS A 28 10.25 1.97 -14.38
CA CYS A 28 10.64 1.52 -15.71
C CYS A 28 11.26 0.13 -15.64
N THR A 29 11.69 -0.27 -14.44
CA THR A 29 12.33 -1.56 -14.22
C THR A 29 13.66 -1.65 -14.95
N CYS A 30 14.14 -0.51 -15.45
CA CYS A 30 15.42 -0.46 -16.14
C CYS A 30 16.52 -0.01 -15.17
N LYS A 31 16.11 0.40 -13.97
CA LYS A 31 17.04 0.84 -12.94
C LYS A 31 17.57 -0.32 -12.11
N PHE A 32 17.37 -1.55 -12.60
CA PHE A 32 17.83 -2.73 -11.90
C PHE A 32 19.30 -2.60 -11.49
N ARG A 33 20.03 -1.77 -12.22
CA ARG A 33 21.45 -1.54 -11.93
C ARG A 33 21.63 -0.46 -10.87
N ALA A 34 21.18 0.74 -11.21
CA ALA A 34 21.28 1.88 -10.31
C ALA A 34 20.68 1.59 -8.95
N TYR A 35 19.37 1.31 -8.93
CA TYR A 35 18.68 1.04 -7.69
C TYR A 35 18.21 -0.41 -7.63
N PRO A 36 19.11 -1.33 -7.23
CA PRO A 36 18.81 -2.77 -7.15
C PRO A 36 17.97 -3.12 -5.92
N GLN A 37 17.99 -2.24 -4.92
CA GLN A 37 17.23 -2.48 -3.69
C GLN A 37 15.75 -2.20 -3.91
N ILE A 38 15.46 -1.14 -4.64
CA ILE A 38 14.08 -0.76 -4.93
C ILE A 38 13.31 -1.94 -5.50
N GLN A 39 13.50 -2.22 -6.78
CA GLN A 39 12.82 -3.34 -7.43
C GLN A 39 12.92 -4.59 -6.56
N ALA A 40 13.98 -4.66 -5.75
CA ALA A 40 14.20 -5.79 -4.86
C ALA A 40 12.94 -6.07 -4.05
N PHE A 41 12.45 -5.05 -3.35
CA PHE A 41 11.25 -5.19 -2.54
C PHE A 41 10.04 -5.45 -3.42
N ILE A 42 10.07 -4.89 -4.64
CA ILE A 42 8.97 -5.08 -5.58
C ILE A 42 8.84 -6.56 -5.94
N GLN A 43 9.98 -7.21 -6.09
CA GLN A 43 10.00 -8.63 -6.44
C GLN A 43 9.91 -9.50 -5.19
N SER A 44 10.24 -8.92 -4.04
CA SER A 44 10.19 -9.64 -2.78
C SER A 44 8.83 -10.31 -2.60
N GLY A 45 7.77 -9.57 -2.90
CA GLY A 45 6.43 -10.11 -2.75
C GLY A 45 5.61 -9.41 -1.69
N ARG A 46 6.28 -8.65 -0.82
CA ARG A 46 5.60 -7.93 0.24
C ARG A 46 4.58 -6.92 -0.31
N PRO A 47 4.95 -6.15 -1.34
CA PRO A 47 4.05 -5.16 -1.93
C PRO A 47 2.84 -5.83 -2.58
N ALA A 48 2.99 -7.12 -2.89
CA ALA A 48 1.90 -7.87 -3.50
C ALA A 48 0.75 -7.99 -2.52
N LYS A 49 1.09 -8.10 -1.24
CA LYS A 49 0.10 -8.21 -0.19
C LYS A 49 -0.70 -6.91 -0.05
N PHE A 50 -0.13 -5.82 -0.54
CA PHE A 50 -0.79 -4.51 -0.49
C PHE A 50 -1.76 -4.36 -1.65
N PRO A 51 -3.08 -4.45 -1.38
CA PRO A 51 -4.10 -4.31 -2.43
C PRO A 51 -4.14 -2.91 -3.01
N ASN A 52 -3.96 -1.92 -2.14
CA ASN A 52 -3.95 -0.53 -2.56
C ASN A 52 -2.74 -0.20 -3.42
N LEU A 53 -1.71 -1.04 -3.34
CA LEU A 53 -0.49 -0.83 -4.11
C LEU A 53 -0.62 -1.44 -5.51
N GLN A 54 -0.41 -0.60 -6.52
CA GLN A 54 -0.52 -1.03 -7.92
C GLN A 54 0.77 -1.69 -8.42
N ILE A 55 1.89 -1.01 -8.24
CA ILE A 55 3.17 -1.54 -8.71
C ILE A 55 3.18 -1.65 -10.23
N LYS A 56 3.29 -0.52 -10.93
CA LYS A 56 3.27 -0.52 -12.39
C LYS A 56 4.68 -0.48 -12.96
N TYR A 57 4.82 -0.98 -14.18
CA TYR A 57 6.09 -0.99 -14.88
C TYR A 57 6.03 0.00 -16.03
N VAL A 58 5.83 1.26 -15.65
CA VAL A 58 5.72 2.38 -16.58
C VAL A 58 6.57 2.20 -17.85
N ARG A 59 6.13 2.83 -18.93
CA ARG A 59 6.82 2.74 -20.22
C ARG A 59 8.33 2.88 -20.06
N GLY A 60 8.76 3.91 -19.34
CA GLY A 60 10.19 4.13 -19.15
C GLY A 60 10.49 5.44 -18.44
N LEU A 61 10.15 5.52 -17.16
CA LEU A 61 10.38 6.71 -16.37
C LEU A 61 11.15 6.37 -15.10
N ASP A 62 11.22 7.32 -14.17
CA ASP A 62 11.92 7.10 -12.91
C ASP A 62 10.98 6.53 -11.85
N PRO A 63 11.53 5.79 -10.86
CA PRO A 63 10.73 5.21 -9.79
C PRO A 63 10.11 6.27 -8.89
N VAL A 64 8.78 6.28 -8.82
CA VAL A 64 8.07 7.24 -7.99
C VAL A 64 6.90 6.58 -7.26
N VAL A 65 6.52 7.16 -6.14
CA VAL A 65 5.43 6.63 -5.33
C VAL A 65 4.22 7.56 -5.40
N LYS A 66 3.18 7.12 -6.11
CA LYS A 66 1.98 7.91 -6.26
C LYS A 66 0.86 7.35 -5.39
N LEU A 67 0.56 8.05 -4.30
CA LEU A 67 -0.49 7.63 -3.38
C LEU A 67 -1.80 8.35 -3.72
N LEU A 68 -2.53 7.78 -4.65
CA LEU A 68 -3.80 8.34 -5.09
C LEU A 68 -4.93 7.99 -4.11
N ASP A 69 -6.15 8.25 -4.55
CA ASP A 69 -7.34 7.96 -3.75
C ASP A 69 -8.26 7.01 -4.49
N ALA A 70 -8.62 7.36 -5.72
CA ALA A 70 -9.50 6.52 -6.52
C ALA A 70 -9.80 7.18 -7.88
N SER A 71 -10.08 8.47 -7.84
CA SER A 71 -10.38 9.23 -9.06
C SER A 71 -9.14 9.42 -9.93
N GLY A 72 -7.96 9.27 -9.32
CA GLY A 72 -6.73 9.45 -10.05
C GLY A 72 -6.13 10.83 -9.87
N LYS A 73 -6.32 11.39 -8.67
CA LYS A 73 -5.82 12.72 -8.36
C LYS A 73 -4.31 12.66 -8.06
N VAL A 74 -3.91 11.73 -7.22
CA VAL A 74 -2.51 11.56 -6.83
C VAL A 74 -2.17 12.48 -5.67
N GLN A 75 -2.63 12.11 -4.49
CA GLN A 75 -2.39 12.90 -3.29
C GLN A 75 -0.90 13.22 -3.13
N GLU A 76 -0.05 12.22 -3.29
CA GLU A 76 1.39 12.44 -3.15
C GLU A 76 2.19 11.70 -4.23
N THR A 77 3.29 12.31 -4.63
CA THR A 77 4.18 11.74 -5.63
C THR A 77 5.63 12.05 -5.25
N LEU A 78 6.31 11.06 -4.69
CA LEU A 78 7.69 11.25 -4.25
C LEU A 78 8.66 10.39 -5.04
N SER A 79 9.78 10.99 -5.46
CA SER A 79 10.80 10.27 -6.21
C SER A 79 11.67 9.45 -5.26
N ILE A 80 11.89 8.20 -5.61
CA ILE A 80 12.70 7.31 -4.78
C ILE A 80 13.96 6.85 -5.50
N THR A 81 14.75 7.80 -5.98
CA THR A 81 15.99 7.49 -6.69
C THR A 81 17.21 7.76 -5.81
N LYS A 82 17.01 7.70 -4.49
CA LYS A 82 18.10 7.95 -3.54
C LYS A 82 17.57 8.12 -2.11
N TRP A 83 16.33 8.57 -1.99
CA TRP A 83 15.69 8.81 -0.69
C TRP A 83 16.14 7.81 0.38
N ASN A 84 15.89 6.52 0.15
CA ASN A 84 16.25 5.49 1.12
C ASN A 84 15.82 4.08 0.69
N THR A 85 14.84 3.98 -0.22
CA THR A 85 14.36 2.68 -0.67
C THR A 85 14.06 1.77 0.51
N ASP A 86 13.75 0.51 0.26
CA ASP A 86 13.43 -0.44 1.32
C ASP A 86 12.23 0.06 2.13
N THR A 87 12.48 1.00 3.04
CA THR A 87 11.42 1.59 3.84
C THR A 87 10.26 1.99 2.94
N VAL A 88 10.57 2.29 1.67
CA VAL A 88 9.54 2.66 0.71
C VAL A 88 8.50 1.56 0.64
N GLU A 89 8.98 0.32 0.58
CA GLU A 89 8.08 -0.82 0.55
C GLU A 89 7.15 -0.75 1.74
N GLU A 90 7.74 -0.47 2.90
CA GLU A 90 6.96 -0.34 4.13
C GLU A 90 6.05 0.89 4.05
N PHE A 91 6.47 1.88 3.26
CA PHE A 91 5.70 3.10 3.08
C PHE A 91 4.23 2.79 2.78
N PHE A 92 4.03 1.93 1.78
CA PHE A 92 2.67 1.54 1.39
C PHE A 92 2.05 0.54 2.37
N GLU A 93 2.89 -0.30 2.98
CA GLU A 93 2.43 -1.31 3.91
C GLU A 93 1.58 -0.71 5.05
N THR A 94 1.85 0.55 5.40
CA THR A 94 1.11 1.20 6.48
C THR A 94 0.27 2.36 5.98
N HIS A 95 0.82 3.17 5.08
CA HIS A 95 0.10 4.32 4.54
C HIS A 95 -1.17 3.90 3.81
N LEU A 96 -1.29 2.61 3.50
CA LEU A 96 -2.48 2.11 2.80
C LEU A 96 -3.33 1.27 3.74
N ALA A 97 -4.50 0.86 3.25
CA ALA A 97 -5.42 0.06 4.05
C ALA A 97 -6.13 -0.99 3.20
N LYS A 98 -6.76 -1.94 3.86
CA LYS A 98 -7.47 -3.01 3.15
C LYS A 98 -8.83 -2.52 2.66
N ASP A 99 -9.70 -2.16 3.59
CA ASP A 99 -11.04 -1.68 3.24
C ASP A 99 -11.43 -0.48 4.09
N GLY A 100 -10.55 0.51 4.15
CA GLY A 100 -10.83 1.70 4.94
C GLY A 100 -10.19 1.66 6.30
N ALA A 101 -10.35 2.75 7.07
CA ALA A 101 -9.79 2.83 8.41
C ALA A 101 -10.78 3.44 9.38
N GLY A 102 -12.04 3.02 9.28
CA GLY A 102 -13.07 3.53 10.17
C GLY A 102 -13.40 4.98 9.90
N LYS A 103 -12.46 5.87 10.24
CA LYS A 103 -12.66 7.30 10.03
C LYS A 103 -13.83 7.81 10.88
N ASN A 104 -13.52 8.24 12.09
CA ASN A 104 -14.54 8.77 13.00
C ASN A 104 -14.55 10.29 12.98
N SER A 105 -15.27 10.86 12.00
CA SER A 105 -15.36 12.31 11.88
C SER A 105 -13.99 12.94 11.70
N TYR A 106 -13.29 13.18 12.80
CA TYR A 106 -11.96 13.77 12.77
C TYR A 106 -11.11 13.30 13.96
N SER A 107 -11.49 12.19 14.57
CA SER A 107 -10.77 11.65 15.72
C SER A 107 -10.77 12.65 16.88
N VAL A 108 -9.91 13.65 16.79
CA VAL A 108 -9.81 14.67 17.83
C VAL A 108 -9.59 16.04 17.23
N VAL A 109 -9.54 17.06 18.09
CA VAL A 109 -9.33 18.43 17.65
C VAL A 109 -8.31 19.14 18.53
N GLU A 110 -7.25 19.62 17.90
CA GLU A 110 -6.21 20.34 18.61
C GLU A 110 -6.76 21.62 19.23
N ASP A 111 -5.98 22.20 20.14
CA ASP A 111 -6.36 23.42 20.82
C ASP A 111 -5.98 24.64 20.01
N ALA A 112 -6.90 25.11 19.16
CA ALA A 112 -6.65 26.27 18.32
C ALA A 112 -7.87 27.18 18.27
N ASP A 113 -7.64 28.47 18.02
CA ASP A 113 -8.70 29.45 17.95
C ASP A 113 -9.75 29.24 19.05
N GLY A 114 -10.89 29.91 18.92
CA GLY A 114 -11.94 29.78 19.91
C GLY A 114 -12.57 28.40 19.90
N ASP A 115 -13.19 28.03 21.02
CA ASP A 115 -13.83 26.72 21.15
C ASP A 115 -14.99 26.79 22.13
N ASP A 116 -15.90 27.75 21.91
CA ASP A 116 -17.06 27.93 22.76
C ASP A 116 -18.32 28.11 21.94
N ASP A 117 -18.28 29.06 21.02
CA ASP A 117 -19.42 29.36 20.16
C ASP A 117 -19.91 28.08 19.46
N GLU A 118 -21.22 27.97 19.29
CA GLU A 118 -21.82 26.81 18.64
C GLU A 118 -22.51 27.22 17.35
N ASP A 119 -22.89 26.23 16.55
CA ASP A 119 -23.56 26.48 15.28
C ASP A 119 -25.08 26.39 15.40
N TYR A 120 -25.55 25.82 16.50
CA TYR A 120 -26.96 25.68 16.75
C TYR A 120 -27.69 27.02 16.60
N LEU A 121 -29.02 26.97 16.61
CA LEU A 121 -29.83 28.18 16.48
C LEU A 121 -30.07 28.85 17.84
N ARG A 122 -31.04 28.33 18.58
CA ARG A 122 -31.37 28.88 19.90
C ARG A 122 -31.19 27.83 20.99
N THR A 123 -31.77 26.65 20.78
CA THR A 123 -31.69 25.56 21.75
C THR A 123 -32.62 24.41 21.36
N ASN A 124 -33.93 24.63 21.48
CA ASN A 124 -34.91 23.62 21.14
C ASN A 124 -35.94 24.15 20.15
N ARG A 125 -37.03 23.41 19.98
CA ARG A 125 -38.09 23.82 19.06
C ARG A 125 -38.56 25.23 19.37
N ILE A 126 -38.41 25.64 20.61
CA ILE A 126 -38.82 26.97 21.04
C ILE A 126 -37.99 27.45 22.24
N MET A 1 -26.68 -1.53 13.33
CA MET A 1 -25.55 -1.08 14.18
C MET A 1 -26.01 -0.05 15.20
N ALA A 2 -27.00 -0.42 16.01
CA ALA A 2 -27.52 0.47 17.02
C ALA A 2 -28.24 -0.31 18.13
N SER A 3 -29.14 -1.19 17.72
CA SER A 3 -29.89 -2.01 18.68
C SER A 3 -29.35 -3.44 18.73
N HIS A 4 -28.03 -3.56 18.74
CA HIS A 4 -27.38 -4.86 18.80
C HIS A 4 -27.72 -5.67 17.54
N HIS A 5 -26.79 -5.73 16.61
CA HIS A 5 -26.99 -6.46 15.37
C HIS A 5 -25.78 -7.35 15.05
N HIS A 6 -24.59 -6.78 15.15
CA HIS A 6 -23.36 -7.53 14.87
C HIS A 6 -23.15 -8.62 15.92
N HIS A 7 -22.25 -9.56 15.62
CA HIS A 7 -21.96 -10.66 16.53
C HIS A 7 -21.54 -10.13 17.90
N HIS A 8 -20.28 -9.70 18.01
CA HIS A 8 -19.76 -9.18 19.26
C HIS A 8 -18.52 -8.34 19.03
N HIS A 9 -17.53 -8.89 18.33
CA HIS A 9 -16.30 -8.18 18.04
C HIS A 9 -16.46 -7.25 16.85
N LEU A 10 -15.57 -6.26 16.74
CA LEU A 10 -15.61 -5.30 15.64
C LEU A 10 -16.95 -4.58 15.62
N ASP A 11 -17.04 -3.47 16.36
CA ASP A 11 -18.26 -2.68 16.42
C ASP A 11 -18.06 -1.29 15.84
N GLN A 12 -16.81 -0.83 15.81
CA GLN A 12 -16.49 0.49 15.28
C GLN A 12 -14.98 0.65 15.11
N GLN A 13 -14.25 0.57 16.21
CA GLN A 13 -12.80 0.70 16.17
C GLN A 13 -12.41 2.11 15.72
N PRO A 14 -11.43 2.74 16.43
CA PRO A 14 -10.97 4.09 16.10
C PRO A 14 -10.19 4.14 14.79
N ALA A 15 -9.95 5.35 14.31
CA ALA A 15 -9.21 5.54 13.06
C ALA A 15 -8.07 6.54 13.24
N ALA A 16 -6.94 6.07 13.76
CA ALA A 16 -5.78 6.92 13.98
C ALA A 16 -5.01 7.13 12.68
N GLN A 17 -4.34 6.08 12.22
CA GLN A 17 -3.56 6.13 10.99
C GLN A 17 -4.37 6.78 9.86
N ARG A 18 -3.69 7.62 9.08
CA ARG A 18 -4.33 8.31 7.96
C ARG A 18 -4.17 7.53 6.66
N THR A 19 -4.52 6.24 6.72
CA THR A 19 -4.41 5.38 5.54
C THR A 19 -5.02 6.03 4.31
N TYR A 20 -4.65 5.51 3.15
CA TYR A 20 -5.15 6.03 1.88
C TYR A 20 -6.04 5.02 1.18
N ALA A 21 -6.51 5.37 -0.02
CA ALA A 21 -7.37 4.49 -0.78
C ALA A 21 -6.60 3.80 -1.91
N LYS A 22 -5.87 4.59 -2.70
CA LYS A 22 -5.10 4.05 -3.81
C LYS A 22 -3.67 4.59 -3.81
N ALA A 23 -2.78 3.88 -4.50
CA ALA A 23 -1.38 4.28 -4.60
C ALA A 23 -0.68 3.48 -5.69
N ILE A 24 0.12 4.17 -6.51
CA ILE A 24 0.83 3.49 -7.59
C ILE A 24 2.32 3.81 -7.60
N LEU A 25 3.11 2.77 -7.84
CA LEU A 25 4.55 2.88 -7.93
C LEU A 25 4.95 2.68 -9.39
N GLU A 26 4.97 3.78 -10.13
CA GLU A 26 5.31 3.74 -11.55
C GLU A 26 6.81 3.61 -11.80
N VAL A 27 7.24 2.38 -12.04
CA VAL A 27 8.64 2.07 -12.33
C VAL A 27 8.79 1.46 -13.72
N CYS A 28 10.03 1.23 -14.13
CA CYS A 28 10.29 0.63 -15.44
C CYS A 28 11.46 -0.36 -15.40
N THR A 29 11.88 -0.72 -14.20
CA THR A 29 13.00 -1.66 -14.03
C THR A 29 14.22 -1.20 -14.81
N CYS A 30 14.28 0.09 -15.15
CA CYS A 30 15.41 0.64 -15.88
C CYS A 30 16.58 0.86 -14.94
N LYS A 31 16.26 1.08 -13.67
CA LYS A 31 17.27 1.32 -12.63
C LYS A 31 17.82 0.01 -12.06
N PHE A 32 17.56 -1.10 -12.73
CA PHE A 32 18.06 -2.40 -12.28
C PHE A 32 19.55 -2.33 -11.97
N ARG A 33 20.25 -1.41 -12.61
CA ARG A 33 21.68 -1.24 -12.42
C ARG A 33 21.98 -0.30 -11.27
N ALA A 34 21.43 0.91 -11.35
CA ALA A 34 21.65 1.93 -10.33
C ALA A 34 20.96 1.60 -9.01
N TYR A 35 19.65 1.39 -9.05
CA TYR A 35 18.88 1.10 -7.85
C TYR A 35 18.37 -0.34 -7.85
N PRO A 36 19.27 -1.32 -7.86
CA PRO A 36 18.91 -2.74 -7.86
C PRO A 36 18.17 -3.16 -6.59
N GLN A 37 18.23 -2.31 -5.56
CA GLN A 37 17.57 -2.59 -4.29
C GLN A 37 16.07 -2.30 -4.37
N ILE A 38 15.71 -1.24 -5.09
CA ILE A 38 14.31 -0.86 -5.22
C ILE A 38 13.46 -2.06 -5.63
N GLN A 39 13.45 -2.36 -6.92
CA GLN A 39 12.69 -3.51 -7.43
C GLN A 39 12.90 -4.73 -6.55
N ALA A 40 14.06 -4.79 -5.89
CA ALA A 40 14.38 -5.89 -4.99
C ALA A 40 13.28 -6.08 -3.97
N PHE A 41 12.96 -5.04 -3.22
CA PHE A 41 11.91 -5.12 -2.21
C PHE A 41 10.61 -5.53 -2.90
N ILE A 42 10.48 -5.14 -4.17
CA ILE A 42 9.29 -5.50 -4.94
C ILE A 42 9.32 -6.98 -5.25
N GLN A 43 10.49 -7.44 -5.67
CA GLN A 43 10.68 -8.85 -5.99
C GLN A 43 10.38 -9.70 -4.77
N SER A 44 10.54 -9.11 -3.59
CA SER A 44 10.28 -9.81 -2.34
C SER A 44 8.87 -10.41 -2.35
N GLY A 45 7.89 -9.59 -2.74
CA GLY A 45 6.52 -10.04 -2.80
C GLY A 45 5.61 -9.36 -1.79
N ARG A 46 6.18 -8.49 -0.97
CA ARG A 46 5.40 -7.78 0.05
C ARG A 46 4.39 -6.82 -0.55
N PRO A 47 4.78 -6.03 -1.58
CA PRO A 47 3.87 -5.08 -2.21
C PRO A 47 2.74 -5.76 -2.96
N ALA A 48 2.89 -7.06 -3.21
CA ALA A 48 1.86 -7.82 -3.91
C ALA A 48 0.65 -8.01 -3.00
N LYS A 49 0.91 -8.07 -1.70
CA LYS A 49 -0.14 -8.26 -0.71
C LYS A 49 -0.92 -6.97 -0.49
N PHE A 50 -0.31 -5.84 -0.84
CA PHE A 50 -0.95 -4.54 -0.66
C PHE A 50 -1.99 -4.29 -1.76
N PRO A 51 -3.29 -4.29 -1.41
CA PRO A 51 -4.39 -4.08 -2.36
C PRO A 51 -4.45 -2.65 -2.91
N ASN A 52 -4.07 -1.69 -2.07
CA ASN A 52 -4.10 -0.28 -2.48
C ASN A 52 -2.78 0.13 -3.14
N LEU A 53 -2.00 -0.85 -3.58
CA LEU A 53 -0.73 -0.57 -4.24
C LEU A 53 -0.66 -1.26 -5.59
N GLN A 54 -0.34 -0.48 -6.61
CA GLN A 54 -0.25 -0.98 -7.98
C GLN A 54 1.10 -1.64 -8.28
N ILE A 55 2.15 -0.83 -8.26
CA ILE A 55 3.50 -1.32 -8.59
C ILE A 55 3.62 -1.54 -10.08
N LYS A 56 3.25 -0.54 -10.86
CA LYS A 56 3.29 -0.63 -12.32
C LYS A 56 4.70 -0.58 -12.86
N TYR A 57 4.85 -1.11 -14.08
CA TYR A 57 6.13 -1.12 -14.77
C TYR A 57 6.04 -0.22 -15.99
N VAL A 58 5.69 1.03 -15.74
CA VAL A 58 5.53 2.06 -16.76
C VAL A 58 6.47 1.86 -17.97
N ARG A 59 6.05 2.38 -19.12
CA ARG A 59 6.84 2.25 -20.35
C ARG A 59 8.33 2.47 -20.10
N GLY A 60 8.66 3.56 -19.41
CA GLY A 60 10.06 3.84 -19.14
C GLY A 60 10.28 5.19 -18.48
N LEU A 61 9.86 5.32 -17.23
CA LEU A 61 10.02 6.56 -16.49
C LEU A 61 10.84 6.33 -15.24
N ASP A 62 10.91 7.34 -14.38
CA ASP A 62 11.67 7.23 -13.13
C ASP A 62 10.79 6.68 -12.01
N PRO A 63 11.37 5.81 -11.15
CA PRO A 63 10.65 5.21 -10.02
C PRO A 63 10.07 6.25 -9.06
N VAL A 64 8.76 6.30 -8.97
CA VAL A 64 8.09 7.23 -8.07
C VAL A 64 6.90 6.58 -7.38
N VAL A 65 6.80 6.82 -6.08
CA VAL A 65 5.71 6.29 -5.28
C VAL A 65 4.55 7.27 -5.30
N LYS A 66 3.35 6.80 -5.60
CA LYS A 66 2.20 7.69 -5.68
C LYS A 66 1.02 7.18 -4.88
N LEU A 67 0.38 8.11 -4.17
CA LEU A 67 -0.79 7.79 -3.37
C LEU A 67 -1.99 8.59 -3.89
N LEU A 68 -2.84 7.94 -4.68
CA LEU A 68 -4.00 8.60 -5.25
C LEU A 68 -5.26 8.34 -4.46
N ASP A 69 -6.38 8.82 -5.00
CA ASP A 69 -7.69 8.64 -4.36
C ASP A 69 -8.55 7.71 -5.19
N ALA A 70 -8.64 7.98 -6.49
CA ALA A 70 -9.44 7.17 -7.39
C ALA A 70 -9.46 7.76 -8.81
N SER A 71 -9.86 9.02 -8.91
CA SER A 71 -9.93 9.69 -10.20
C SER A 71 -8.54 9.92 -10.80
N GLY A 72 -7.52 9.92 -9.93
CA GLY A 72 -6.16 10.13 -10.40
C GLY A 72 -5.55 11.41 -9.86
N LYS A 73 -6.13 11.92 -8.78
CA LYS A 73 -5.66 13.14 -8.14
C LYS A 73 -4.17 13.07 -7.81
N VAL A 74 -3.81 12.08 -7.01
CA VAL A 74 -2.43 11.88 -6.59
C VAL A 74 -2.10 12.76 -5.39
N GLN A 75 -2.24 12.19 -4.20
CA GLN A 75 -1.96 12.91 -2.96
C GLN A 75 -0.45 13.10 -2.80
N GLU A 76 0.29 12.00 -2.88
CA GLU A 76 1.74 12.06 -2.76
C GLU A 76 2.40 11.67 -4.08
N THR A 77 3.73 11.81 -4.11
CA THR A 77 4.55 11.51 -5.29
C THR A 77 6.00 11.77 -4.93
N LEU A 78 6.73 10.72 -4.58
CA LEU A 78 8.12 10.89 -4.18
C LEU A 78 9.06 10.04 -5.02
N SER A 79 10.07 10.69 -5.60
CA SER A 79 11.04 9.98 -6.42
C SER A 79 11.88 9.07 -5.54
N ILE A 80 11.74 7.76 -5.75
CA ILE A 80 12.46 6.78 -4.96
C ILE A 80 13.75 6.34 -5.65
N THR A 81 14.25 7.18 -6.54
CA THR A 81 15.48 6.87 -7.25
C THR A 81 16.59 6.55 -6.28
N LYS A 82 16.91 7.51 -5.42
CA LYS A 82 17.97 7.33 -4.44
C LYS A 82 17.59 7.98 -3.12
N TRP A 83 17.24 7.16 -2.14
CA TRP A 83 16.84 7.63 -0.82
C TRP A 83 17.23 6.63 0.27
N ASN A 84 16.86 5.38 0.07
CA ASN A 84 17.16 4.31 1.05
C ASN A 84 16.34 3.05 0.80
N THR A 85 15.29 3.14 -0.02
CA THR A 85 14.44 1.98 -0.32
C THR A 85 14.04 1.27 0.97
N ASP A 86 13.62 0.00 0.86
CA ASP A 86 13.20 -0.77 2.03
C ASP A 86 12.07 -0.05 2.77
N THR A 87 12.43 0.94 3.58
CA THR A 87 11.46 1.73 4.32
C THR A 87 10.31 2.13 3.41
N VAL A 88 10.61 2.25 2.11
CA VAL A 88 9.58 2.60 1.13
C VAL A 88 8.50 1.54 1.12
N GLU A 89 8.91 0.28 1.09
CA GLU A 89 7.96 -0.84 1.10
C GLU A 89 6.98 -0.64 2.25
N GLU A 90 7.50 -0.13 3.37
CA GLU A 90 6.68 0.15 4.53
C GLU A 90 5.83 1.38 4.28
N PHE A 91 6.39 2.30 3.50
CA PHE A 91 5.70 3.55 3.15
C PHE A 91 4.24 3.28 2.78
N PHE A 92 4.05 2.25 1.97
CA PHE A 92 2.71 1.85 1.52
C PHE A 92 1.98 1.06 2.59
N GLU A 93 2.50 -0.11 2.94
CA GLU A 93 1.86 -0.97 3.94
C GLU A 93 1.37 -0.18 5.15
N THR A 94 2.04 0.94 5.43
CA THR A 94 1.67 1.77 6.57
C THR A 94 0.60 2.79 6.20
N HIS A 95 0.63 3.27 4.97
CA HIS A 95 -0.35 4.24 4.50
C HIS A 95 -1.52 3.57 3.79
N LEU A 96 -1.41 2.27 3.53
CA LEU A 96 -2.47 1.54 2.86
C LEU A 96 -3.29 0.73 3.86
N ALA A 97 -4.40 0.19 3.37
CA ALA A 97 -5.30 -0.61 4.21
C ALA A 97 -5.68 -1.91 3.52
N LYS A 98 -6.24 -2.84 4.28
CA LYS A 98 -6.65 -4.13 3.75
C LYS A 98 -8.16 -4.23 3.61
N ASP A 99 -8.82 -3.08 3.48
CA ASP A 99 -10.26 -3.03 3.36
C ASP A 99 -10.96 -3.62 4.59
N GLY A 100 -11.01 -4.94 4.66
CA GLY A 100 -11.65 -5.59 5.79
C GLY A 100 -13.01 -6.15 5.44
N ALA A 101 -13.07 -7.46 5.21
CA ALA A 101 -14.32 -8.12 4.86
C ALA A 101 -14.84 -7.66 3.51
N GLY A 102 -15.34 -8.59 2.71
CA GLY A 102 -15.85 -8.26 1.40
C GLY A 102 -14.77 -8.21 0.35
N LYS A 103 -14.02 -9.31 0.23
CA LYS A 103 -12.94 -9.40 -0.75
C LYS A 103 -13.28 -10.41 -1.84
N ASN A 104 -12.48 -10.42 -2.90
CA ASN A 104 -12.69 -11.33 -4.01
C ASN A 104 -11.40 -12.07 -4.36
N SER A 105 -11.53 -13.35 -4.72
CA SER A 105 -10.38 -14.16 -5.08
C SER A 105 -9.66 -13.57 -6.29
N TYR A 106 -8.68 -14.31 -6.81
CA TYR A 106 -7.91 -13.86 -7.95
C TYR A 106 -7.07 -12.64 -7.60
N SER A 107 -5.80 -12.67 -8.01
CA SER A 107 -4.89 -11.56 -7.75
C SER A 107 -3.72 -11.59 -8.72
N VAL A 108 -2.77 -12.48 -8.47
CA VAL A 108 -1.59 -12.61 -9.33
C VAL A 108 -0.99 -14.01 -9.22
N VAL A 109 0.04 -14.25 -10.01
CA VAL A 109 0.71 -15.55 -10.00
C VAL A 109 2.18 -15.41 -10.37
N GLU A 110 3.03 -15.28 -9.35
CA GLU A 110 4.46 -15.14 -9.57
C GLU A 110 5.13 -16.51 -9.70
N ASP A 111 5.96 -16.65 -10.71
CA ASP A 111 6.67 -17.90 -10.96
C ASP A 111 8.03 -17.90 -10.25
N ALA A 112 8.06 -17.40 -9.02
CA ALA A 112 9.28 -17.36 -8.23
C ALA A 112 9.42 -18.59 -7.34
N ASP A 113 10.62 -18.82 -6.83
CA ASP A 113 10.87 -19.96 -5.96
C ASP A 113 12.12 -19.74 -5.11
N GLY A 114 12.14 -18.60 -4.41
CA GLY A 114 13.27 -18.29 -3.56
C GLY A 114 14.46 -17.76 -4.35
N ASP A 115 15.40 -17.12 -3.65
CA ASP A 115 16.58 -16.57 -4.30
C ASP A 115 17.68 -17.61 -4.41
N ASP A 116 17.42 -18.66 -5.17
CA ASP A 116 18.39 -19.74 -5.36
C ASP A 116 17.98 -20.65 -6.52
N ASP A 117 18.93 -21.45 -7.00
CA ASP A 117 18.66 -22.35 -8.10
C ASP A 117 19.80 -23.36 -8.26
N GLU A 118 19.46 -24.64 -8.18
CA GLU A 118 20.45 -25.71 -8.32
C GLU A 118 20.26 -26.45 -9.64
N ASP A 119 21.38 -26.86 -10.24
CA ASP A 119 21.34 -27.56 -11.52
C ASP A 119 20.88 -29.02 -11.34
N TYR A 120 20.71 -29.45 -10.09
CA TYR A 120 20.28 -30.80 -9.81
C TYR A 120 21.15 -31.82 -10.55
N LEU A 121 20.61 -33.02 -10.77
CA LEU A 121 21.35 -34.06 -11.47
C LEU A 121 20.90 -34.18 -12.92
N ARG A 122 20.96 -33.07 -13.65
CA ARG A 122 20.56 -33.06 -15.05
C ARG A 122 21.71 -32.61 -15.94
N THR A 123 22.48 -33.57 -16.44
CA THR A 123 23.61 -33.27 -17.31
C THR A 123 23.20 -33.31 -18.77
N ASN A 124 23.94 -32.60 -19.61
CA ASN A 124 23.66 -32.55 -21.04
C ASN A 124 24.78 -31.85 -21.80
N ARG A 125 25.25 -30.73 -21.26
CA ARG A 125 26.32 -29.97 -21.89
C ARG A 125 27.47 -29.74 -20.91
N ILE A 126 27.71 -30.72 -20.05
CA ILE A 126 28.79 -30.63 -19.06
C ILE A 126 29.81 -31.73 -19.26
N MET A 1 8.52 18.87 43.43
CA MET A 1 8.67 18.71 41.96
C MET A 1 7.75 17.62 41.44
N ALA A 2 6.51 17.99 41.13
CA ALA A 2 5.54 17.04 40.62
C ALA A 2 5.36 17.18 39.11
N SER A 3 5.46 18.42 38.63
CA SER A 3 5.32 18.70 37.20
C SER A 3 6.19 19.88 36.80
N HIS A 4 7.12 19.65 35.87
CA HIS A 4 8.01 20.69 35.40
C HIS A 4 7.95 20.82 33.88
N HIS A 5 8.27 19.73 33.19
CA HIS A 5 8.27 19.73 31.73
C HIS A 5 6.87 19.42 31.19
N HIS A 6 5.91 20.27 31.51
CA HIS A 6 4.54 20.10 31.05
C HIS A 6 4.26 20.96 29.82
N HIS A 7 3.80 20.34 28.76
CA HIS A 7 3.50 21.05 27.52
C HIS A 7 4.77 21.64 26.92
N HIS A 8 5.51 20.81 26.19
CA HIS A 8 6.75 21.24 25.56
C HIS A 8 6.96 20.54 24.22
N HIS A 9 6.03 20.78 23.30
CA HIS A 9 6.12 20.17 21.97
C HIS A 9 6.28 18.65 22.06
N LEU A 10 5.35 18.01 22.76
CA LEU A 10 5.39 16.56 22.93
C LEU A 10 4.10 15.91 22.43
N ASP A 11 3.78 16.13 21.16
CA ASP A 11 2.57 15.58 20.57
C ASP A 11 1.32 16.06 21.30
N GLN A 12 0.21 16.09 20.59
CA GLN A 12 -1.06 16.53 21.17
C GLN A 12 -2.17 15.51 20.91
N GLN A 13 -2.44 15.27 19.63
CA GLN A 13 -3.48 14.33 19.24
C GLN A 13 -2.97 13.37 18.17
N PRO A 14 -2.25 12.32 18.58
CA PRO A 14 -1.71 11.33 17.66
C PRO A 14 -2.75 10.28 17.26
N ALA A 15 -3.66 10.66 16.36
CA ALA A 15 -4.70 9.76 15.90
C ALA A 15 -4.13 8.70 14.97
N ALA A 16 -3.78 9.10 13.75
CA ALA A 16 -3.22 8.19 12.77
C ALA A 16 -2.09 8.83 11.99
N GLN A 17 -1.64 8.16 10.95
CA GLN A 17 -0.56 8.66 10.11
C GLN A 17 -1.10 9.15 8.77
N ARG A 18 -2.28 9.75 8.79
CA ARG A 18 -2.91 10.28 7.59
C ARG A 18 -2.83 9.28 6.44
N THR A 19 -3.16 8.03 6.74
CA THR A 19 -3.12 6.96 5.74
C THR A 19 -3.98 7.30 4.53
N TYR A 20 -3.67 6.63 3.42
CA TYR A 20 -4.40 6.82 2.17
C TYR A 20 -5.01 5.51 1.71
N ALA A 21 -5.57 5.51 0.52
CA ALA A 21 -6.17 4.31 -0.03
C ALA A 21 -5.38 3.83 -1.24
N LYS A 22 -5.71 4.35 -2.42
CA LYS A 22 -5.03 3.95 -3.65
C LYS A 22 -3.60 4.47 -3.71
N ALA A 23 -2.75 3.75 -4.44
CA ALA A 23 -1.36 4.13 -4.62
C ALA A 23 -0.77 3.40 -5.82
N ILE A 24 0.34 3.88 -6.35
CA ILE A 24 0.95 3.23 -7.51
C ILE A 24 2.45 3.50 -7.61
N LEU A 25 3.22 2.42 -7.65
CA LEU A 25 4.66 2.52 -7.80
C LEU A 25 5.02 2.39 -9.28
N GLU A 26 4.98 3.51 -9.99
CA GLU A 26 5.27 3.52 -11.41
C GLU A 26 6.78 3.51 -11.68
N VAL A 27 7.26 2.36 -12.10
CA VAL A 27 8.68 2.17 -12.41
C VAL A 27 8.86 1.62 -13.82
N CYS A 28 10.11 1.43 -14.22
CA CYS A 28 10.41 0.89 -15.54
C CYS A 28 11.51 -0.17 -15.45
N THR A 29 11.79 -0.64 -14.25
CA THR A 29 12.83 -1.64 -14.03
C THR A 29 14.16 -1.21 -14.66
N CYS A 30 14.32 0.09 -14.89
CA CYS A 30 15.55 0.63 -15.46
C CYS A 30 16.60 0.80 -14.37
N LYS A 31 16.13 0.94 -13.14
CA LYS A 31 17.02 1.12 -11.98
C LYS A 31 17.51 -0.21 -11.42
N PHE A 32 17.39 -1.28 -12.19
CA PHE A 32 17.83 -2.60 -11.75
C PHE A 32 19.26 -2.54 -11.23
N ARG A 33 20.02 -1.56 -11.70
CA ARG A 33 21.41 -1.38 -11.29
C ARG A 33 21.51 -0.35 -10.17
N ALA A 34 21.14 0.89 -10.47
CA ALA A 34 21.21 1.97 -9.51
C ALA A 34 20.49 1.62 -8.22
N TYR A 35 19.19 1.38 -8.32
CA TYR A 35 18.38 1.04 -7.14
C TYR A 35 17.98 -0.43 -7.18
N PRO A 36 18.89 -1.32 -6.73
CA PRO A 36 18.64 -2.77 -6.73
C PRO A 36 17.68 -3.20 -5.62
N GLN A 37 17.61 -2.42 -4.55
CA GLN A 37 16.75 -2.74 -3.42
C GLN A 37 15.27 -2.57 -3.81
N ILE A 38 14.98 -1.50 -4.54
CA ILE A 38 13.62 -1.22 -4.96
C ILE A 38 13.00 -2.45 -5.63
N GLN A 39 13.30 -2.66 -6.90
CA GLN A 39 12.79 -3.82 -7.64
C GLN A 39 12.91 -5.09 -6.79
N ALA A 40 13.89 -5.10 -5.89
CA ALA A 40 14.11 -6.24 -5.01
C ALA A 40 12.81 -6.68 -4.33
N PHE A 41 12.22 -5.79 -3.55
CA PHE A 41 10.97 -6.10 -2.86
C PHE A 41 9.88 -6.44 -3.85
N ILE A 42 9.88 -5.75 -5.00
CA ILE A 42 8.90 -6.03 -6.04
C ILE A 42 9.08 -7.46 -6.54
N GLN A 43 10.33 -7.89 -6.57
CA GLN A 43 10.68 -9.24 -7.01
C GLN A 43 10.46 -10.24 -5.88
N SER A 44 10.46 -9.74 -4.64
CA SER A 44 10.26 -10.60 -3.48
C SER A 44 8.80 -11.04 -3.39
N GLY A 45 7.89 -10.12 -3.63
CA GLY A 45 6.47 -10.43 -3.58
C GLY A 45 5.74 -9.72 -2.47
N ARG A 46 6.40 -8.75 -1.83
CA ARG A 46 5.79 -8.01 -0.74
C ARG A 46 4.64 -7.13 -1.23
N PRO A 47 4.82 -6.39 -2.33
CA PRO A 47 3.77 -5.54 -2.88
C PRO A 47 2.56 -6.36 -3.30
N ALA A 48 2.76 -7.66 -3.51
CA ALA A 48 1.66 -8.54 -3.88
C ALA A 48 0.63 -8.54 -2.77
N LYS A 49 1.12 -8.41 -1.54
CA LYS A 49 0.26 -8.36 -0.36
C LYS A 49 -0.38 -6.98 -0.21
N PHE A 50 0.17 -5.98 -0.92
CA PHE A 50 -0.37 -4.63 -0.86
C PHE A 50 -1.36 -4.39 -2.01
N PRO A 51 -2.66 -4.70 -1.79
CA PRO A 51 -3.69 -4.51 -2.81
C PRO A 51 -3.72 -3.07 -3.32
N ASN A 52 -3.69 -2.13 -2.39
CA ASN A 52 -3.71 -0.71 -2.73
C ASN A 52 -2.53 -0.38 -3.63
N LEU A 53 -1.39 -1.01 -3.35
CA LEU A 53 -0.18 -0.79 -4.13
C LEU A 53 -0.30 -1.44 -5.51
N GLN A 54 -0.23 -0.62 -6.55
CA GLN A 54 -0.35 -1.09 -7.93
C GLN A 54 0.95 -1.70 -8.47
N ILE A 55 2.07 -1.04 -8.22
CA ILE A 55 3.36 -1.52 -8.71
C ILE A 55 3.36 -1.61 -10.24
N LYS A 56 3.16 -0.47 -10.89
CA LYS A 56 3.13 -0.42 -12.34
C LYS A 56 4.52 -0.29 -12.94
N TYR A 57 4.68 -0.86 -14.13
CA TYR A 57 5.95 -0.81 -14.84
C TYR A 57 5.83 0.16 -16.00
N VAL A 58 5.61 1.42 -15.63
CA VAL A 58 5.45 2.50 -16.58
C VAL A 58 6.32 2.35 -17.83
N ARG A 59 5.92 3.00 -18.92
CA ARG A 59 6.64 2.94 -20.19
C ARG A 59 8.16 3.04 -19.97
N GLY A 60 8.58 4.06 -19.23
CA GLY A 60 10.00 4.23 -18.99
C GLY A 60 10.32 5.51 -18.25
N LEU A 61 9.95 5.56 -16.97
CA LEU A 61 10.21 6.74 -16.14
C LEU A 61 10.94 6.32 -14.87
N ASP A 62 11.13 7.28 -13.97
CA ASP A 62 11.80 7.01 -12.71
C ASP A 62 10.83 6.43 -11.69
N PRO A 63 11.35 5.69 -10.69
CA PRO A 63 10.52 5.09 -9.64
C PRO A 63 9.85 6.15 -8.78
N VAL A 64 8.52 6.13 -8.75
CA VAL A 64 7.77 7.09 -7.96
C VAL A 64 6.64 6.43 -7.20
N VAL A 65 6.36 6.96 -6.02
CA VAL A 65 5.29 6.45 -5.17
C VAL A 65 4.10 7.40 -5.23
N LYS A 66 3.12 7.04 -6.07
CA LYS A 66 1.96 7.90 -6.23
C LYS A 66 0.72 7.39 -5.50
N LEU A 67 0.32 8.12 -4.46
CA LEU A 67 -0.88 7.78 -3.71
C LEU A 67 -2.07 8.31 -4.49
N LEU A 68 -3.23 7.69 -4.34
CA LEU A 68 -4.40 8.11 -5.09
C LEU A 68 -5.69 7.86 -4.32
N ASP A 69 -6.80 8.26 -4.94
CA ASP A 69 -8.12 8.09 -4.34
C ASP A 69 -8.95 7.09 -5.15
N ALA A 70 -9.11 7.36 -6.44
CA ALA A 70 -9.88 6.50 -7.32
C ALA A 70 -10.04 7.13 -8.70
N SER A 71 -10.21 8.45 -8.73
CA SER A 71 -10.38 9.17 -9.99
C SER A 71 -9.04 9.32 -10.71
N GLY A 72 -7.95 9.26 -9.95
CA GLY A 72 -6.62 9.40 -10.53
C GLY A 72 -6.00 10.75 -10.27
N LYS A 73 -6.51 11.44 -9.25
CA LYS A 73 -6.00 12.75 -8.88
C LYS A 73 -4.53 12.65 -8.47
N VAL A 74 -4.24 11.65 -7.65
CA VAL A 74 -2.88 11.42 -7.16
C VAL A 74 -2.53 12.40 -6.05
N GLN A 75 -2.95 12.07 -4.83
CA GLN A 75 -2.69 12.91 -3.68
C GLN A 75 -1.20 13.15 -3.46
N GLU A 76 -0.39 12.13 -3.72
CA GLU A 76 1.06 12.26 -3.53
C GLU A 76 1.86 11.64 -4.67
N THR A 77 3.08 12.13 -4.84
CA THR A 77 4.00 11.61 -5.86
C THR A 77 5.43 11.88 -5.43
N LEU A 78 6.10 10.88 -4.87
CA LEU A 78 7.47 11.04 -4.39
C LEU A 78 8.44 10.20 -5.24
N SER A 79 9.42 10.86 -5.86
CA SER A 79 10.40 10.17 -6.69
C SER A 79 11.39 9.36 -5.87
N ILE A 80 11.00 8.13 -5.53
CA ILE A 80 11.86 7.25 -4.73
C ILE A 80 13.06 6.78 -5.56
N THR A 81 14.14 7.56 -5.52
CA THR A 81 15.34 7.20 -6.28
C THR A 81 16.60 7.25 -5.43
N LYS A 82 16.48 7.66 -4.16
CA LYS A 82 17.67 7.74 -3.30
C LYS A 82 17.31 8.02 -1.83
N TRP A 83 16.34 8.90 -1.60
CA TRP A 83 15.96 9.25 -0.23
C TRP A 83 14.95 8.28 0.38
N ASN A 84 14.86 7.07 -0.15
CA ASN A 84 13.92 6.10 0.38
C ASN A 84 14.57 4.72 0.49
N THR A 85 14.42 3.85 -0.51
CA THR A 85 15.01 2.51 -0.46
C THR A 85 14.51 1.74 0.76
N ASP A 86 14.19 0.47 0.56
CA ASP A 86 13.71 -0.39 1.66
C ASP A 86 12.47 0.21 2.32
N THR A 87 12.67 1.19 3.20
CA THR A 87 11.57 1.85 3.87
C THR A 87 10.51 2.28 2.87
N VAL A 88 10.92 2.49 1.63
CA VAL A 88 10.00 2.88 0.56
C VAL A 88 8.83 1.90 0.52
N GLU A 89 9.16 0.61 0.58
CA GLU A 89 8.16 -0.44 0.57
C GLU A 89 7.29 -0.31 1.81
N GLU A 90 7.94 -0.11 2.95
CA GLU A 90 7.23 0.05 4.21
C GLU A 90 6.36 1.30 4.16
N PHE A 91 6.81 2.27 3.39
CA PHE A 91 6.08 3.53 3.24
C PHE A 91 4.63 3.24 2.84
N PHE A 92 4.48 2.43 1.81
CA PHE A 92 3.14 2.06 1.31
C PHE A 92 2.32 1.35 2.39
N GLU A 93 2.79 0.19 2.83
CA GLU A 93 2.06 -0.58 3.83
C GLU A 93 1.62 0.30 5.01
N THR A 94 2.40 1.35 5.27
CA THR A 94 2.10 2.26 6.37
C THR A 94 1.16 3.38 5.94
N HIS A 95 1.35 3.89 4.72
CA HIS A 95 0.51 4.96 4.20
C HIS A 95 -0.74 4.43 3.50
N LEU A 96 -0.89 3.12 3.43
CA LEU A 96 -2.05 2.52 2.79
C LEU A 96 -2.89 1.76 3.80
N ALA A 97 -4.18 1.62 3.50
CA ALA A 97 -5.11 0.94 4.37
C ALA A 97 -5.47 -0.43 3.82
N LYS A 98 -5.64 -1.40 4.71
CA LYS A 98 -6.00 -2.76 4.31
C LYS A 98 -7.47 -3.04 4.57
N ASP A 99 -8.32 -2.57 3.67
CA ASP A 99 -9.76 -2.76 3.80
C ASP A 99 -10.14 -4.19 3.44
N GLY A 100 -11.08 -4.76 4.19
CA GLY A 100 -11.53 -6.11 3.94
C GLY A 100 -13.03 -6.20 3.76
N ALA A 101 -13.55 -7.42 3.84
CA ALA A 101 -14.98 -7.65 3.68
C ALA A 101 -15.52 -8.59 4.77
N GLY A 102 -16.83 -8.70 4.85
CA GLY A 102 -17.45 -9.56 5.85
C GLY A 102 -17.21 -9.08 7.26
N LYS A 103 -15.96 -9.15 7.71
CA LYS A 103 -15.61 -8.72 9.06
C LYS A 103 -16.25 -9.62 10.11
N ASN A 104 -15.42 -10.30 10.89
CA ASN A 104 -15.91 -11.20 11.92
C ASN A 104 -16.55 -10.42 13.06
N SER A 105 -16.94 -11.13 14.12
CA SER A 105 -17.59 -10.51 15.27
C SER A 105 -16.75 -9.35 15.79
N TYR A 106 -17.40 -8.42 16.48
CA TYR A 106 -16.71 -7.27 17.05
C TYR A 106 -16.58 -7.39 18.56
N SER A 107 -15.46 -6.92 19.10
CA SER A 107 -15.22 -6.98 20.53
C SER A 107 -15.15 -8.43 21.00
N VAL A 108 -15.14 -8.61 22.32
CA VAL A 108 -15.08 -9.95 22.90
C VAL A 108 -16.11 -10.87 22.27
N VAL A 109 -16.11 -12.13 22.70
CA VAL A 109 -17.04 -13.12 22.18
C VAL A 109 -18.03 -13.57 23.25
N GLU A 110 -19.31 -13.47 22.94
CA GLU A 110 -20.36 -13.86 23.86
C GLU A 110 -20.19 -15.30 24.31
N ASP A 111 -20.44 -15.54 25.59
CA ASP A 111 -20.31 -16.88 26.16
C ASP A 111 -21.55 -17.71 25.84
N ALA A 112 -21.31 -18.92 25.33
CA ALA A 112 -22.41 -19.82 24.98
C ALA A 112 -22.65 -20.87 26.07
N ASP A 113 -22.12 -20.60 27.26
CA ASP A 113 -22.28 -21.53 28.38
C ASP A 113 -23.13 -20.90 29.49
N GLY A 114 -23.53 -21.72 30.45
CA GLY A 114 -24.34 -21.22 31.55
C GLY A 114 -23.93 -21.84 32.88
N ASP A 115 -24.11 -21.09 33.96
CA ASP A 115 -23.75 -21.57 35.28
C ASP A 115 -25.00 -21.93 36.09
N ASP A 116 -25.36 -23.21 36.07
CA ASP A 116 -26.54 -23.69 36.79
C ASP A 116 -26.12 -24.62 37.93
N ASP A 117 -26.51 -24.25 39.15
CA ASP A 117 -26.18 -25.06 40.33
C ASP A 117 -26.57 -26.52 40.12
N GLU A 118 -25.59 -27.40 40.26
CA GLU A 118 -25.82 -28.83 40.08
C GLU A 118 -26.03 -29.52 41.42
N ASP A 119 -26.35 -30.81 41.39
CA ASP A 119 -26.57 -31.58 42.60
C ASP A 119 -25.93 -32.96 42.50
N TYR A 120 -24.90 -33.07 41.65
CA TYR A 120 -24.20 -34.32 41.47
C TYR A 120 -22.93 -34.35 42.30
N LEU A 121 -21.98 -35.21 41.93
CA LEU A 121 -20.72 -35.33 42.65
C LEU A 121 -19.61 -34.58 41.92
N ARG A 122 -19.35 -33.35 42.33
CA ARG A 122 -18.33 -32.53 41.71
C ARG A 122 -16.94 -32.92 42.19
N THR A 123 -16.83 -33.27 43.47
CA THR A 123 -15.56 -33.65 44.06
C THR A 123 -15.43 -35.17 44.17
N ASN A 124 -14.30 -35.69 43.68
CA ASN A 124 -14.05 -37.13 43.71
C ASN A 124 -12.57 -37.41 43.47
N ARG A 125 -12.01 -36.80 42.43
CA ARG A 125 -10.60 -36.99 42.10
C ARG A 125 -9.73 -35.91 42.74
N ILE A 126 -10.37 -34.81 43.17
CA ILE A 126 -9.65 -33.71 43.79
C ILE A 126 -10.59 -32.89 44.68
N MET A 1 -11.52 32.07 11.36
CA MET A 1 -12.05 32.87 12.50
C MET A 1 -12.95 32.01 13.39
N ALA A 2 -12.32 31.15 14.19
CA ALA A 2 -13.06 30.26 15.10
C ALA A 2 -13.87 29.24 14.32
N SER A 3 -14.92 29.70 13.64
CA SER A 3 -15.77 28.81 12.86
C SER A 3 -16.48 27.80 13.77
N HIS A 4 -17.67 28.18 14.24
CA HIS A 4 -18.45 27.31 15.11
C HIS A 4 -19.93 27.36 14.74
N HIS A 5 -20.38 26.36 13.99
CA HIS A 5 -21.78 26.29 13.56
C HIS A 5 -22.33 24.88 13.75
N HIS A 6 -23.56 24.67 13.30
CA HIS A 6 -24.21 23.37 13.41
C HIS A 6 -23.52 22.35 12.51
N HIS A 7 -22.95 21.33 13.12
CA HIS A 7 -22.26 20.28 12.37
C HIS A 7 -21.10 20.86 11.56
N HIS A 8 -20.42 20.00 10.81
CA HIS A 8 -19.28 20.43 9.98
C HIS A 8 -18.36 21.37 10.76
N HIS A 9 -17.93 20.92 11.94
CA HIS A 9 -17.05 21.73 12.78
C HIS A 9 -15.67 21.85 12.17
N LEU A 10 -14.95 20.72 12.10
CA LEU A 10 -13.60 20.72 11.54
C LEU A 10 -13.21 19.31 11.10
N ASP A 11 -13.40 19.02 9.82
CA ASP A 11 -13.07 17.71 9.25
C ASP A 11 -13.61 16.59 10.14
N GLN A 12 -13.27 15.35 9.78
CA GLN A 12 -13.72 14.19 10.54
C GLN A 12 -12.77 13.02 10.37
N GLN A 13 -11.47 13.32 10.32
CA GLN A 13 -10.45 12.29 10.16
C GLN A 13 -10.09 11.67 11.51
N PRO A 14 -9.95 10.33 11.57
CA PRO A 14 -9.60 9.63 12.81
C PRO A 14 -8.15 9.86 13.21
N ALA A 15 -7.84 9.66 14.49
CA ALA A 15 -6.49 9.84 14.98
C ALA A 15 -5.78 8.51 15.18
N ALA A 16 -6.04 7.57 14.28
CA ALA A 16 -5.42 6.25 14.36
C ALA A 16 -4.41 6.04 13.25
N GLN A 17 -4.89 6.05 12.00
CA GLN A 17 -4.02 5.86 10.84
C GLN A 17 -4.42 6.78 9.70
N ARG A 18 -3.43 7.35 9.04
CA ARG A 18 -3.68 8.25 7.90
C ARG A 18 -3.50 7.49 6.59
N THR A 19 -4.12 6.32 6.53
CA THR A 19 -4.04 5.47 5.35
C THR A 19 -4.58 6.18 4.11
N TYR A 20 -4.39 5.54 2.96
CA TYR A 20 -4.86 6.10 1.69
C TYR A 20 -5.76 5.12 0.95
N ALA A 21 -6.39 5.60 -0.12
CA ALA A 21 -7.28 4.78 -0.92
C ALA A 21 -6.50 4.00 -1.98
N LYS A 22 -5.78 4.74 -2.83
CA LYS A 22 -4.99 4.12 -3.88
C LYS A 22 -3.59 4.70 -3.95
N ALA A 23 -2.66 3.93 -4.52
CA ALA A 23 -1.28 4.35 -4.66
C ALA A 23 -0.56 3.46 -5.68
N ILE A 24 0.19 4.07 -6.58
CA ILE A 24 0.90 3.30 -7.60
C ILE A 24 2.40 3.57 -7.62
N LEU A 25 3.16 2.51 -7.79
CA LEU A 25 4.61 2.59 -7.87
C LEU A 25 5.01 2.43 -9.33
N GLU A 26 5.11 3.55 -10.03
CA GLU A 26 5.44 3.55 -11.46
C GLU A 26 6.95 3.49 -11.71
N VAL A 27 7.42 2.30 -12.06
CA VAL A 27 8.83 2.07 -12.37
C VAL A 27 8.96 1.48 -13.76
N CYS A 28 10.21 1.30 -14.21
CA CYS A 28 10.46 0.73 -15.53
C CYS A 28 11.59 -0.31 -15.48
N THR A 29 12.03 -0.67 -14.27
CA THR A 29 13.10 -1.64 -14.10
C THR A 29 14.37 -1.22 -14.84
N CYS A 30 14.46 0.06 -15.21
CA CYS A 30 15.64 0.57 -15.90
C CYS A 30 16.74 0.86 -14.90
N LYS A 31 16.35 1.09 -13.65
CA LYS A 31 17.29 1.37 -12.57
C LYS A 31 17.83 0.09 -11.92
N PHE A 32 17.61 -1.04 -12.57
CA PHE A 32 18.08 -2.32 -12.05
C PHE A 32 19.55 -2.25 -11.66
N ARG A 33 20.28 -1.34 -12.30
CA ARG A 33 21.71 -1.17 -12.04
C ARG A 33 21.93 -0.21 -10.87
N ALA A 34 21.34 0.97 -10.98
CA ALA A 34 21.48 2.00 -9.97
C ALA A 34 20.74 1.65 -8.67
N TYR A 35 19.45 1.39 -8.77
CA TYR A 35 18.65 1.05 -7.60
C TYR A 35 18.18 -0.40 -7.64
N PRO A 36 19.13 -1.36 -7.63
CA PRO A 36 18.82 -2.78 -7.69
C PRO A 36 18.01 -3.27 -6.47
N GLN A 37 18.00 -2.46 -5.41
CA GLN A 37 17.27 -2.81 -4.20
C GLN A 37 15.78 -2.55 -4.36
N ILE A 38 15.44 -1.48 -5.07
CA ILE A 38 14.05 -1.12 -5.30
C ILE A 38 13.27 -2.31 -5.85
N GLN A 39 13.40 -2.57 -7.14
CA GLN A 39 12.73 -3.69 -7.78
C GLN A 39 12.90 -4.96 -6.96
N ALA A 40 13.98 -5.03 -6.18
CA ALA A 40 14.25 -6.17 -5.34
C ALA A 40 13.03 -6.54 -4.50
N PHE A 41 12.48 -5.55 -3.79
CA PHE A 41 11.30 -5.77 -2.99
C PHE A 41 10.10 -6.08 -3.88
N ILE A 42 10.08 -5.45 -5.05
CA ILE A 42 9.02 -5.67 -6.01
C ILE A 42 8.98 -7.14 -6.41
N GLN A 43 10.18 -7.73 -6.51
CA GLN A 43 10.32 -9.12 -6.87
C GLN A 43 10.07 -10.00 -5.65
N SER A 44 10.29 -9.45 -4.47
CA SER A 44 10.09 -10.20 -3.23
C SER A 44 8.65 -10.70 -3.14
N GLY A 45 7.69 -9.84 -3.50
CA GLY A 45 6.29 -10.24 -3.45
C GLY A 45 5.53 -9.58 -2.32
N ARG A 46 6.22 -8.80 -1.49
CA ARG A 46 5.58 -8.11 -0.37
C ARG A 46 4.56 -7.07 -0.84
N PRO A 47 4.91 -6.26 -1.85
CA PRO A 47 3.99 -5.24 -2.37
C PRO A 47 2.71 -5.84 -2.91
N ALA A 48 2.78 -7.13 -3.28
CA ALA A 48 1.61 -7.83 -3.79
C ALA A 48 0.55 -7.95 -2.72
N LYS A 49 0.99 -8.12 -1.48
CA LYS A 49 0.07 -8.24 -0.35
C LYS A 49 -0.70 -6.95 -0.13
N PHE A 50 -0.13 -5.83 -0.59
CA PHE A 50 -0.76 -4.53 -0.44
C PHE A 50 -1.88 -4.37 -1.46
N PRO A 51 -3.15 -4.35 -0.99
CA PRO A 51 -4.32 -4.21 -1.87
C PRO A 51 -4.42 -2.83 -2.52
N ASN A 52 -4.07 -1.79 -1.78
CA ASN A 52 -4.15 -0.42 -2.29
C ASN A 52 -2.88 -0.01 -3.04
N LEU A 53 -2.05 -0.99 -3.39
CA LEU A 53 -0.83 -0.70 -4.12
C LEU A 53 -0.81 -1.40 -5.48
N GLN A 54 -0.51 -0.63 -6.52
CA GLN A 54 -0.48 -1.14 -7.88
C GLN A 54 0.86 -1.82 -8.23
N ILE A 55 1.93 -1.03 -8.26
CA ILE A 55 3.26 -1.53 -8.61
C ILE A 55 3.37 -1.71 -10.12
N LYS A 56 3.15 -0.62 -10.84
CA LYS A 56 3.20 -0.66 -12.31
C LYS A 56 4.63 -0.56 -12.83
N TYR A 57 4.82 -1.06 -14.04
CA TYR A 57 6.12 -1.03 -14.69
C TYR A 57 6.04 -0.10 -15.90
N VAL A 58 5.73 1.16 -15.60
CA VAL A 58 5.58 2.21 -16.60
C VAL A 58 6.47 2.01 -17.83
N ARG A 59 6.00 2.51 -18.97
CA ARG A 59 6.73 2.37 -20.23
C ARG A 59 8.23 2.56 -20.06
N GLY A 60 8.62 3.64 -19.37
CA GLY A 60 10.02 3.91 -19.17
C GLY A 60 10.27 5.26 -18.51
N LEU A 61 9.93 5.36 -17.23
CA LEU A 61 10.13 6.59 -16.48
C LEU A 61 11.00 6.33 -15.27
N ASP A 62 10.98 7.26 -14.32
CA ASP A 62 11.77 7.12 -13.09
C ASP A 62 10.90 6.56 -11.97
N PRO A 63 11.51 5.77 -11.05
CA PRO A 63 10.78 5.18 -9.91
C PRO A 63 10.20 6.24 -8.99
N VAL A 64 8.89 6.34 -8.97
CA VAL A 64 8.22 7.33 -8.12
C VAL A 64 6.95 6.79 -7.49
N VAL A 65 6.90 6.92 -6.16
CA VAL A 65 5.74 6.48 -5.40
C VAL A 65 4.59 7.48 -5.57
N LYS A 66 3.38 6.96 -5.77
CA LYS A 66 2.22 7.81 -5.96
C LYS A 66 1.02 7.32 -5.15
N LEU A 67 0.34 8.25 -4.52
CA LEU A 67 -0.85 7.95 -3.73
C LEU A 67 -2.03 8.68 -4.32
N LEU A 68 -2.87 7.97 -5.05
CA LEU A 68 -4.02 8.57 -5.71
C LEU A 68 -5.29 8.46 -4.87
N ASP A 69 -6.39 8.93 -5.44
CA ASP A 69 -7.68 8.90 -4.77
C ASP A 69 -8.58 7.80 -5.37
N ALA A 70 -8.80 7.87 -6.68
CA ALA A 70 -9.64 6.89 -7.36
C ALA A 70 -9.82 7.24 -8.83
N SER A 71 -9.93 8.53 -9.14
CA SER A 71 -10.11 8.97 -10.52
C SER A 71 -8.79 9.26 -11.20
N GLY A 72 -7.75 9.51 -10.42
CA GLY A 72 -6.44 9.80 -10.99
C GLY A 72 -5.92 11.16 -10.56
N LYS A 73 -6.25 11.55 -9.33
CA LYS A 73 -5.81 12.83 -8.79
C LYS A 73 -4.32 12.80 -8.45
N VAL A 74 -3.89 11.75 -7.77
CA VAL A 74 -2.50 11.62 -7.36
C VAL A 74 -2.18 12.62 -6.25
N GLN A 75 -2.47 12.21 -5.03
CA GLN A 75 -2.26 13.04 -3.86
C GLN A 75 -0.79 13.35 -3.63
N GLU A 76 0.04 12.31 -3.49
CA GLU A 76 1.46 12.52 -3.24
C GLU A 76 2.35 11.73 -4.18
N THR A 77 3.24 12.44 -4.86
CA THR A 77 4.19 11.82 -5.77
C THR A 77 5.61 12.10 -5.28
N LEU A 78 6.28 11.07 -4.80
CA LEU A 78 7.63 11.23 -4.27
C LEU A 78 8.62 10.33 -4.98
N SER A 79 9.68 10.91 -5.51
CA SER A 79 10.70 10.15 -6.22
C SER A 79 11.45 9.24 -5.24
N ILE A 80 11.77 8.03 -5.70
CA ILE A 80 12.46 7.06 -4.88
C ILE A 80 13.70 6.52 -5.57
N THR A 81 14.31 7.34 -6.41
CA THR A 81 15.51 6.94 -7.14
C THR A 81 16.60 6.47 -6.18
N LYS A 82 16.85 7.24 -5.15
CA LYS A 82 17.87 6.90 -4.16
C LYS A 82 17.28 6.99 -2.76
N TRP A 83 16.95 8.21 -2.33
CA TRP A 83 16.35 8.46 -1.00
C TRP A 83 16.89 7.52 0.08
N ASN A 84 16.28 6.36 0.21
CA ASN A 84 16.68 5.39 1.23
C ASN A 84 16.09 3.99 0.99
N THR A 85 14.99 3.91 0.24
CA THR A 85 14.34 2.64 -0.06
C THR A 85 14.10 1.86 1.23
N ASP A 86 13.79 0.57 1.11
CA ASP A 86 13.51 -0.26 2.28
C ASP A 86 12.30 0.31 3.03
N THR A 87 12.54 1.35 3.82
CA THR A 87 11.47 2.00 4.56
C THR A 87 10.33 2.34 3.60
N VAL A 88 10.67 2.51 2.32
CA VAL A 88 9.68 2.80 1.31
C VAL A 88 8.63 1.70 1.28
N GLU A 89 9.09 0.45 1.33
CA GLU A 89 8.19 -0.69 1.36
C GLU A 89 7.21 -0.52 2.50
N GLU A 90 7.74 -0.02 3.62
CA GLU A 90 6.92 0.23 4.80
C GLU A 90 6.01 1.43 4.55
N PHE A 91 6.50 2.35 3.71
CA PHE A 91 5.75 3.55 3.36
C PHE A 91 4.32 3.20 2.98
N PHE A 92 4.18 2.17 2.15
CA PHE A 92 2.88 1.71 1.69
C PHE A 92 2.14 0.93 2.78
N GLU A 93 2.71 -0.21 3.18
CA GLU A 93 2.09 -1.05 4.20
C GLU A 93 1.58 -0.23 5.38
N THR A 94 2.19 0.92 5.62
CA THR A 94 1.78 1.79 6.71
C THR A 94 0.78 2.85 6.25
N HIS A 95 0.83 3.20 4.97
CA HIS A 95 -0.07 4.19 4.42
C HIS A 95 -1.29 3.55 3.76
N LEU A 96 -1.26 2.23 3.60
CA LEU A 96 -2.38 1.51 3.00
C LEU A 96 -3.20 0.79 4.06
N ALA A 97 -4.37 0.31 3.67
CA ALA A 97 -5.25 -0.38 4.61
C ALA A 97 -5.78 -1.70 4.03
N LYS A 98 -6.91 -2.16 4.55
CA LYS A 98 -7.52 -3.40 4.09
C LYS A 98 -6.59 -4.59 4.30
N ASP A 99 -5.61 -4.43 5.19
CA ASP A 99 -4.65 -5.49 5.49
C ASP A 99 -4.14 -6.16 4.21
N GLY A 100 -3.40 -7.25 4.37
CA GLY A 100 -2.88 -7.96 3.22
C GLY A 100 -3.98 -8.45 2.29
N ALA A 101 -5.02 -9.04 2.87
CA ALA A 101 -6.13 -9.55 2.10
C ALA A 101 -5.66 -10.47 0.98
N GLY A 102 -5.82 -11.77 1.20
CA GLY A 102 -5.40 -12.74 0.19
C GLY A 102 -3.90 -12.77 0.01
N LYS A 103 -3.17 -12.77 1.12
CA LYS A 103 -1.71 -12.79 1.08
C LYS A 103 -1.21 -13.91 0.17
N ASN A 104 -0.25 -13.57 -0.69
CA ASN A 104 0.31 -14.53 -1.63
C ASN A 104 1.51 -15.25 -1.02
N SER A 105 1.83 -16.43 -1.55
CA SER A 105 2.95 -17.22 -1.06
C SER A 105 3.86 -17.64 -2.21
N TYR A 106 4.75 -18.58 -1.93
CA TYR A 106 5.68 -19.07 -2.94
C TYR A 106 4.93 -19.74 -4.09
N SER A 107 5.33 -19.42 -5.32
CA SER A 107 4.69 -19.99 -6.50
C SER A 107 5.66 -20.88 -7.25
N VAL A 108 6.58 -20.26 -7.98
CA VAL A 108 7.59 -20.99 -8.74
C VAL A 108 8.83 -21.23 -7.90
N VAL A 109 9.83 -21.86 -8.51
CA VAL A 109 11.08 -22.15 -7.82
C VAL A 109 12.22 -21.28 -8.35
N GLU A 110 13.01 -20.76 -7.44
CA GLU A 110 14.14 -19.92 -7.80
C GLU A 110 15.34 -20.76 -8.24
N ASP A 111 16.43 -20.08 -8.59
CA ASP A 111 17.64 -20.76 -9.03
C ASP A 111 18.38 -21.38 -7.85
N ALA A 112 19.06 -22.50 -8.10
CA ALA A 112 19.80 -23.19 -7.06
C ALA A 112 21.21 -23.54 -7.53
N ASP A 113 22.01 -24.10 -6.64
CA ASP A 113 23.37 -24.48 -6.97
C ASP A 113 23.81 -25.70 -6.15
N GLY A 114 22.88 -26.63 -5.95
CA GLY A 114 23.19 -27.83 -5.18
C GLY A 114 23.12 -29.10 -6.00
N ASP A 115 22.91 -28.96 -7.31
CA ASP A 115 22.82 -30.12 -8.19
C ASP A 115 23.46 -29.83 -9.54
N ASP A 116 24.78 -29.98 -9.61
CA ASP A 116 25.51 -29.72 -10.84
C ASP A 116 26.79 -30.58 -10.91
N ASP A 117 26.65 -31.85 -10.52
CA ASP A 117 27.78 -32.76 -10.54
C ASP A 117 28.90 -32.28 -9.62
N GLU A 118 29.64 -33.22 -9.05
CA GLU A 118 30.73 -32.88 -8.13
C GLU A 118 31.91 -32.28 -8.90
N ASP A 119 31.90 -30.97 -9.07
CA ASP A 119 32.96 -30.28 -9.79
C ASP A 119 33.62 -29.22 -8.90
N TYR A 120 33.53 -29.41 -7.59
CA TYR A 120 34.12 -28.47 -6.65
C TYR A 120 35.58 -28.18 -7.00
N LEU A 121 36.22 -29.12 -7.68
CA LEU A 121 37.61 -28.98 -8.07
C LEU A 121 37.79 -29.06 -9.58
N ARG A 122 37.56 -30.24 -10.13
CA ARG A 122 37.70 -30.46 -11.57
C ARG A 122 36.60 -31.37 -12.09
N THR A 123 36.78 -32.67 -11.89
CA THR A 123 35.81 -33.66 -12.34
C THR A 123 35.83 -34.90 -11.45
N ASN A 124 37.02 -35.48 -11.29
CA ASN A 124 37.17 -36.67 -10.46
C ASN A 124 38.59 -36.77 -9.91
N ARG A 125 38.87 -37.87 -9.20
CA ARG A 125 40.19 -38.07 -8.63
C ARG A 125 41.24 -38.25 -9.71
N ILE A 126 40.90 -39.04 -10.71
CA ILE A 126 41.80 -39.31 -11.82
C ILE A 126 43.14 -39.85 -11.34
N MET A 1 10.98 39.10 0.56
CA MET A 1 10.75 38.13 -0.53
C MET A 1 11.09 36.71 -0.07
N ALA A 2 10.17 36.09 0.65
CA ALA A 2 10.37 34.74 1.14
C ALA A 2 9.30 33.79 0.63
N SER A 3 9.70 32.85 -0.23
CA SER A 3 8.76 31.88 -0.79
C SER A 3 9.50 30.64 -1.28
N HIS A 4 10.24 30.01 -0.38
CA HIS A 4 10.99 28.80 -0.72
C HIS A 4 10.10 27.57 -0.67
N HIS A 5 9.49 27.34 0.49
CA HIS A 5 8.61 26.19 0.68
C HIS A 5 7.22 26.65 1.14
N HIS A 6 6.21 25.83 0.86
CA HIS A 6 4.84 26.15 1.24
C HIS A 6 3.92 24.95 1.03
N HIS A 7 4.29 23.83 1.64
CA HIS A 7 3.49 22.61 1.53
C HIS A 7 3.60 21.77 2.80
N HIS A 8 2.80 20.72 2.87
CA HIS A 8 2.81 19.84 4.05
C HIS A 8 2.59 20.63 5.32
N HIS A 9 1.48 21.37 5.37
CA HIS A 9 1.15 22.18 6.53
C HIS A 9 0.96 21.32 7.77
N LEU A 10 0.27 20.20 7.61
CA LEU A 10 0.02 19.29 8.73
C LEU A 10 -0.82 19.97 9.81
N ASP A 11 -2.12 20.08 9.55
CA ASP A 11 -3.04 20.71 10.48
C ASP A 11 -4.42 20.05 10.42
N GLN A 12 -5.31 20.45 11.32
CA GLN A 12 -6.65 19.90 11.37
C GLN A 12 -6.60 18.40 11.63
N GLN A 13 -6.66 18.02 12.91
CA GLN A 13 -6.62 16.62 13.30
C GLN A 13 -5.22 16.05 13.09
N PRO A 14 -4.72 15.28 14.08
CA PRO A 14 -3.37 14.68 14.00
C PRO A 14 -3.30 13.59 12.94
N ALA A 15 -2.09 13.36 12.43
CA ALA A 15 -1.88 12.35 11.40
C ALA A 15 -0.58 11.57 11.64
N ALA A 16 -0.63 10.62 12.58
CA ALA A 16 0.54 9.81 12.90
C ALA A 16 1.06 9.10 11.66
N GLN A 17 0.31 8.12 11.18
CA GLN A 17 0.69 7.37 10.00
C GLN A 17 -0.21 7.73 8.82
N ARG A 18 -1.49 7.99 9.11
CA ARG A 18 -2.47 8.35 8.10
C ARG A 18 -2.44 7.43 6.88
N THR A 19 -3.52 6.70 6.68
CA THR A 19 -3.63 5.76 5.57
C THR A 19 -4.17 6.44 4.32
N TYR A 20 -4.09 5.74 3.21
CA TYR A 20 -4.57 6.26 1.93
C TYR A 20 -5.51 5.26 1.26
N ALA A 21 -6.12 5.68 0.15
CA ALA A 21 -7.05 4.84 -0.58
C ALA A 21 -6.34 4.06 -1.68
N LYS A 22 -5.69 4.78 -2.59
CA LYS A 22 -4.97 4.15 -3.69
C LYS A 22 -3.55 4.69 -3.82
N ALA A 23 -2.69 3.91 -4.46
CA ALA A 23 -1.29 4.31 -4.65
C ALA A 23 -0.61 3.40 -5.67
N ILE A 24 0.16 4.01 -6.57
CA ILE A 24 0.84 3.25 -7.61
C ILE A 24 2.34 3.50 -7.63
N LEU A 25 3.10 2.44 -7.83
CA LEU A 25 4.55 2.51 -7.93
C LEU A 25 4.94 2.37 -9.40
N GLU A 26 5.04 3.50 -10.08
CA GLU A 26 5.37 3.49 -11.51
C GLU A 26 6.87 3.46 -11.76
N VAL A 27 7.36 2.28 -12.09
CA VAL A 27 8.78 2.07 -12.38
C VAL A 27 8.95 1.43 -13.76
N CYS A 28 10.20 1.27 -14.18
CA CYS A 28 10.50 0.65 -15.46
C CYS A 28 11.64 -0.36 -15.34
N THR A 29 12.07 -0.64 -14.11
CA THR A 29 13.15 -1.59 -13.86
C THR A 29 14.42 -1.22 -14.62
N CYS A 30 14.50 0.05 -15.06
CA CYS A 30 15.69 0.52 -15.77
C CYS A 30 16.81 0.81 -14.78
N LYS A 31 16.42 1.12 -13.56
CA LYS A 31 17.37 1.43 -12.48
C LYS A 31 17.82 0.16 -11.75
N PHE A 32 17.57 -1.00 -12.33
CA PHE A 32 17.96 -2.26 -11.70
C PHE A 32 19.42 -2.24 -11.29
N ARG A 33 20.20 -1.40 -11.96
CA ARG A 33 21.64 -1.28 -11.67
C ARG A 33 21.90 -0.30 -10.54
N ALA A 34 21.38 0.91 -10.69
CA ALA A 34 21.56 1.96 -9.70
C ALA A 34 20.78 1.68 -8.41
N TYR A 35 19.48 1.46 -8.55
CA TYR A 35 18.63 1.19 -7.39
C TYR A 35 18.14 -0.25 -7.39
N PRO A 36 19.07 -1.21 -7.28
CA PRO A 36 18.75 -2.65 -7.29
C PRO A 36 17.88 -3.07 -6.10
N GLN A 37 17.86 -2.26 -5.04
CA GLN A 37 17.05 -2.58 -3.87
C GLN A 37 15.58 -2.30 -4.11
N ILE A 38 15.30 -1.27 -4.91
CA ILE A 38 13.92 -0.90 -5.22
C ILE A 38 13.15 -2.11 -5.73
N GLN A 39 13.37 -2.45 -7.00
CA GLN A 39 12.71 -3.60 -7.62
C GLN A 39 12.83 -4.83 -6.72
N ALA A 40 13.85 -4.84 -5.86
CA ALA A 40 14.05 -5.95 -4.94
C ALA A 40 12.78 -6.24 -4.17
N PHE A 41 12.27 -5.24 -3.46
CA PHE A 41 11.03 -5.38 -2.70
C PHE A 41 9.86 -5.62 -3.65
N ILE A 42 10.00 -5.12 -4.88
CA ILE A 42 8.97 -5.29 -5.88
C ILE A 42 8.90 -6.73 -6.35
N GLN A 43 10.08 -7.34 -6.49
CA GLN A 43 10.18 -8.72 -6.94
C GLN A 43 9.94 -9.68 -5.77
N SER A 44 10.16 -9.21 -4.55
CA SER A 44 9.98 -10.02 -3.36
C SER A 44 8.57 -10.61 -3.33
N GLY A 45 7.58 -9.80 -3.69
CA GLY A 45 6.20 -10.26 -3.69
C GLY A 45 5.38 -9.66 -2.55
N ARG A 46 6.08 -9.09 -1.56
CA ARG A 46 5.40 -8.49 -0.42
C ARG A 46 4.44 -7.37 -0.85
N PRO A 47 4.87 -6.47 -1.76
CA PRO A 47 4.03 -5.38 -2.22
C PRO A 47 2.76 -5.89 -2.90
N ALA A 48 2.84 -7.12 -3.41
CA ALA A 48 1.69 -7.74 -4.07
C ALA A 48 0.56 -7.97 -3.07
N LYS A 49 0.94 -8.12 -1.80
CA LYS A 49 -0.05 -8.34 -0.74
C LYS A 49 -0.82 -7.06 -0.47
N PHE A 50 -0.20 -5.91 -0.75
CA PHE A 50 -0.82 -4.62 -0.54
C PHE A 50 -1.90 -4.36 -1.58
N PRO A 51 -3.19 -4.39 -1.18
CA PRO A 51 -4.33 -4.17 -2.09
C PRO A 51 -4.40 -2.75 -2.62
N ASN A 52 -4.02 -1.78 -1.79
CA ASN A 52 -4.05 -0.37 -2.18
C ASN A 52 -2.80 0.04 -2.96
N LEU A 53 -1.98 -0.94 -3.35
CA LEU A 53 -0.76 -0.65 -4.09
C LEU A 53 -0.77 -1.39 -5.43
N GLN A 54 -0.53 -0.63 -6.50
CA GLN A 54 -0.54 -1.17 -7.86
C GLN A 54 0.78 -1.89 -8.20
N ILE A 55 1.86 -1.11 -8.32
CA ILE A 55 3.17 -1.66 -8.67
C ILE A 55 3.28 -1.83 -10.17
N LYS A 56 3.08 -0.74 -10.91
CA LYS A 56 3.14 -0.79 -12.36
C LYS A 56 4.56 -0.65 -12.89
N TYR A 57 4.77 -1.16 -14.10
CA TYR A 57 6.07 -1.10 -14.75
C TYR A 57 5.97 -0.20 -15.96
N VAL A 58 5.71 1.07 -15.66
CA VAL A 58 5.54 2.11 -16.66
C VAL A 58 6.42 1.90 -17.90
N ARG A 59 5.98 2.46 -19.03
CA ARG A 59 6.69 2.34 -20.30
C ARG A 59 8.20 2.49 -20.12
N GLY A 60 8.61 3.55 -19.43
CA GLY A 60 10.03 3.78 -19.22
C GLY A 60 10.32 5.12 -18.56
N LEU A 61 9.92 5.26 -17.31
CA LEU A 61 10.13 6.50 -16.57
C LEU A 61 10.95 6.23 -15.31
N ASP A 62 11.04 7.22 -14.44
CA ASP A 62 11.78 7.08 -13.19
C ASP A 62 10.88 6.55 -12.08
N PRO A 63 11.45 5.83 -11.11
CA PRO A 63 10.70 5.28 -9.97
C PRO A 63 10.09 6.37 -9.11
N VAL A 64 8.76 6.44 -9.10
CA VAL A 64 8.07 7.43 -8.31
C VAL A 64 6.83 6.86 -7.62
N VAL A 65 6.82 7.01 -6.30
CA VAL A 65 5.70 6.55 -5.49
C VAL A 65 4.52 7.50 -5.64
N LYS A 66 3.33 6.95 -5.85
CA LYS A 66 2.14 7.77 -6.00
C LYS A 66 0.99 7.22 -5.16
N LEU A 67 0.32 8.12 -4.45
CA LEU A 67 -0.81 7.78 -3.62
C LEU A 67 -2.03 8.53 -4.12
N LEU A 68 -2.85 7.87 -4.91
CA LEU A 68 -4.04 8.50 -5.50
C LEU A 68 -5.25 8.39 -4.58
N ASP A 69 -6.38 8.88 -5.09
CA ASP A 69 -7.64 8.84 -4.34
C ASP A 69 -8.48 7.65 -4.76
N ALA A 70 -8.67 7.48 -6.05
CA ALA A 70 -9.47 6.38 -6.56
C ALA A 70 -9.59 6.43 -8.09
N SER A 71 -9.80 7.63 -8.63
CA SER A 71 -9.95 7.79 -10.07
C SER A 71 -8.65 8.27 -10.71
N GLY A 72 -8.03 9.29 -10.10
CA GLY A 72 -6.79 9.83 -10.63
C GLY A 72 -6.43 11.17 -10.03
N LYS A 73 -6.50 11.24 -8.71
CA LYS A 73 -6.18 12.47 -7.99
C LYS A 73 -4.68 12.58 -7.75
N VAL A 74 -4.09 11.52 -7.21
CA VAL A 74 -2.66 11.50 -6.93
C VAL A 74 -2.32 12.46 -5.79
N GLN A 75 -2.60 12.01 -4.58
CA GLN A 75 -2.36 12.79 -3.39
C GLN A 75 -0.89 13.19 -3.27
N GLU A 76 -0.01 12.20 -3.27
CA GLU A 76 1.43 12.47 -3.14
C GLU A 76 2.26 11.68 -4.13
N THR A 77 3.11 12.39 -4.87
CA THR A 77 4.00 11.77 -5.83
C THR A 77 5.44 12.03 -5.42
N LEU A 78 6.16 10.98 -5.02
CA LEU A 78 7.53 11.14 -4.56
C LEU A 78 8.47 10.22 -5.30
N SER A 79 9.66 10.74 -5.56
CA SER A 79 10.68 10.02 -6.27
C SER A 79 11.58 9.26 -5.29
N ILE A 80 11.80 7.97 -5.56
CA ILE A 80 12.62 7.14 -4.69
C ILE A 80 13.90 6.70 -5.38
N THR A 81 14.34 7.48 -6.36
CA THR A 81 15.55 7.17 -7.10
C THR A 81 16.71 6.88 -6.15
N LYS A 82 16.65 7.49 -4.98
CA LYS A 82 17.68 7.30 -3.97
C LYS A 82 17.04 7.25 -2.58
N TRP A 83 16.85 8.44 -1.98
CA TRP A 83 16.23 8.55 -0.66
C TRP A 83 16.79 7.55 0.34
N ASN A 84 16.24 6.34 0.33
CA ASN A 84 16.68 5.29 1.27
C ASN A 84 16.15 3.90 0.91
N THR A 85 15.09 3.84 0.09
CA THR A 85 14.51 2.57 -0.32
C THR A 85 14.22 1.70 0.90
N ASP A 86 13.88 0.44 0.68
CA ASP A 86 13.56 -0.47 1.78
C ASP A 86 12.37 0.06 2.57
N THR A 87 12.63 1.05 3.43
CA THR A 87 11.58 1.68 4.21
C THR A 87 10.45 2.11 3.28
N VAL A 88 10.80 2.39 2.02
CA VAL A 88 9.81 2.77 1.03
C VAL A 88 8.72 1.71 0.96
N GLU A 89 9.14 0.45 0.91
CA GLU A 89 8.20 -0.66 0.88
C GLU A 89 7.26 -0.55 2.06
N GLU A 90 7.82 -0.16 3.19
CA GLU A 90 7.05 0.05 4.40
C GLU A 90 6.18 1.29 4.28
N PHE A 91 6.67 2.25 3.48
CA PHE A 91 5.94 3.48 3.24
C PHE A 91 4.49 3.19 2.90
N PHE A 92 4.30 2.21 2.02
CA PHE A 92 2.96 1.80 1.60
C PHE A 92 2.25 0.99 2.67
N GLU A 93 2.80 -0.17 3.02
CA GLU A 93 2.19 -1.05 4.02
C GLU A 93 1.77 -0.26 5.26
N THR A 94 2.44 0.87 5.50
CA THR A 94 2.12 1.71 6.65
C THR A 94 1.17 2.85 6.27
N HIS A 95 1.08 3.14 4.98
CA HIS A 95 0.20 4.20 4.49
C HIS A 95 -1.06 3.63 3.86
N LEU A 96 -1.11 2.31 3.68
CA LEU A 96 -2.27 1.67 3.09
C LEU A 96 -3.16 1.04 4.15
N ALA A 97 -4.34 0.58 3.74
CA ALA A 97 -5.28 -0.04 4.66
C ALA A 97 -5.92 -1.28 4.06
N LYS A 98 -6.46 -2.14 4.92
CA LYS A 98 -7.11 -3.37 4.47
C LYS A 98 -8.63 -3.18 4.40
N ASP A 99 -9.08 -2.50 3.36
CA ASP A 99 -10.51 -2.25 3.17
C ASP A 99 -11.33 -3.52 3.41
N GLY A 100 -12.01 -3.56 4.56
CA GLY A 100 -12.82 -4.72 4.90
C GLY A 100 -13.11 -4.80 6.38
N ALA A 101 -14.40 -4.93 6.71
CA ALA A 101 -14.82 -5.01 8.11
C ALA A 101 -16.12 -5.78 8.24
N GLY A 102 -16.78 -5.64 9.39
CA GLY A 102 -18.03 -6.32 9.63
C GLY A 102 -19.08 -6.01 8.57
N LYS A 103 -20.21 -6.71 8.64
CA LYS A 103 -21.29 -6.50 7.68
C LYS A 103 -22.60 -6.19 8.40
N ASN A 104 -23.68 -6.07 7.62
CA ASN A 104 -24.98 -5.78 8.18
C ASN A 104 -25.48 -6.91 9.08
N SER A 105 -25.68 -8.08 8.47
CA SER A 105 -26.15 -9.26 9.21
C SER A 105 -25.36 -9.44 10.51
N TYR A 106 -26.02 -10.01 11.52
CA TYR A 106 -25.38 -10.23 12.81
C TYR A 106 -25.25 -11.73 13.10
N SER A 107 -24.85 -12.49 12.09
CA SER A 107 -24.69 -13.94 12.24
C SER A 107 -25.96 -14.58 12.80
N VAL A 108 -25.86 -15.83 13.23
CA VAL A 108 -27.00 -16.55 13.77
C VAL A 108 -27.75 -15.72 14.81
N VAL A 109 -28.85 -16.26 15.30
CA VAL A 109 -29.66 -15.57 16.30
C VAL A 109 -29.93 -16.47 17.50
N GLU A 110 -29.69 -15.96 18.69
CA GLU A 110 -29.91 -16.72 19.91
C GLU A 110 -31.40 -16.78 20.25
N ASP A 111 -31.79 -17.84 20.97
CA ASP A 111 -33.17 -18.03 21.36
C ASP A 111 -33.53 -17.13 22.55
N ALA A 112 -34.05 -15.95 22.26
CA ALA A 112 -34.43 -15.02 23.30
C ALA A 112 -33.29 -14.81 24.30
N ASP A 113 -33.57 -14.07 25.37
CA ASP A 113 -32.57 -13.81 26.39
C ASP A 113 -33.22 -13.27 27.66
N GLY A 114 -34.33 -13.89 28.07
CA GLY A 114 -35.02 -13.46 29.26
C GLY A 114 -35.52 -14.62 30.09
N ASP A 115 -36.72 -14.48 30.64
CA ASP A 115 -37.32 -15.53 31.46
C ASP A 115 -37.51 -16.81 30.66
N ASP A 116 -36.58 -17.74 30.82
CA ASP A 116 -36.64 -19.02 30.11
C ASP A 116 -37.35 -20.07 30.96
N ASP A 117 -38.50 -19.70 31.52
CA ASP A 117 -39.28 -20.61 32.34
C ASP A 117 -38.46 -21.10 33.52
N GLU A 118 -39.13 -21.68 34.51
CA GLU A 118 -38.48 -22.19 35.71
C GLU A 118 -37.38 -21.24 36.20
N ASP A 119 -37.69 -19.95 36.22
CA ASP A 119 -36.75 -18.93 36.67
C ASP A 119 -37.13 -18.41 38.04
N TYR A 120 -38.40 -18.47 38.36
CA TYR A 120 -38.90 -18.00 39.64
C TYR A 120 -39.02 -19.14 40.64
N LEU A 121 -39.85 -18.96 41.66
CA LEU A 121 -40.03 -19.98 42.69
C LEU A 121 -40.85 -21.15 42.16
N ARG A 122 -41.10 -22.13 43.02
CA ARG A 122 -41.88 -23.31 42.64
C ARG A 122 -43.26 -23.28 43.30
N THR A 123 -44.06 -24.30 43.01
CA THR A 123 -45.40 -24.40 43.56
C THR A 123 -46.19 -23.11 43.32
N ASN A 124 -46.41 -22.79 42.05
CA ASN A 124 -47.16 -21.59 41.67
C ASN A 124 -48.56 -21.62 42.26
N ARG A 125 -49.04 -20.46 42.69
CA ARG A 125 -50.37 -20.35 43.28
C ARG A 125 -51.33 -19.66 42.31
N ILE A 126 -51.24 -20.03 41.04
CA ILE A 126 -52.11 -19.45 40.01
C ILE A 126 -53.57 -19.58 40.39
N MET A 1 -12.11 42.51 -4.66
CA MET A 1 -11.43 41.24 -4.34
C MET A 1 -12.05 40.56 -3.13
N ALA A 2 -12.13 39.23 -3.17
CA ALA A 2 -12.71 38.47 -2.07
C ALA A 2 -12.60 36.97 -2.31
N SER A 3 -13.24 36.50 -3.38
CA SER A 3 -13.21 35.09 -3.73
C SER A 3 -12.00 34.76 -4.59
N HIS A 4 -11.51 33.53 -4.46
CA HIS A 4 -10.35 33.09 -5.22
C HIS A 4 -10.16 31.58 -5.10
N HIS A 5 -9.59 30.97 -6.13
CA HIS A 5 -9.35 29.52 -6.13
C HIS A 5 -10.64 28.77 -5.82
N HIS A 6 -11.59 28.83 -6.75
CA HIS A 6 -12.88 28.15 -6.57
C HIS A 6 -12.71 26.64 -6.69
N HIS A 7 -11.79 26.22 -7.55
CA HIS A 7 -11.53 24.80 -7.78
C HIS A 7 -11.03 24.13 -6.50
N HIS A 8 -10.77 22.83 -6.59
CA HIS A 8 -10.28 22.07 -5.45
C HIS A 8 -11.28 22.15 -4.28
N HIS A 9 -12.22 21.22 -4.25
CA HIS A 9 -13.22 21.18 -3.21
C HIS A 9 -12.67 20.51 -1.95
N LEU A 10 -13.40 20.66 -0.84
CA LEU A 10 -12.99 20.09 0.43
C LEU A 10 -13.42 18.62 0.53
N ASP A 11 -12.55 17.79 1.09
CA ASP A 11 -12.84 16.37 1.25
C ASP A 11 -11.86 15.71 2.22
N GLN A 12 -11.98 14.40 2.37
CA GLN A 12 -11.11 13.63 3.27
C GLN A 12 -10.99 14.32 4.62
N GLN A 13 -12.11 14.76 5.17
CA GLN A 13 -12.13 15.43 6.46
C GLN A 13 -11.34 14.64 7.50
N PRO A 14 -10.56 15.32 8.35
CA PRO A 14 -9.76 14.67 9.38
C PRO A 14 -10.54 13.58 10.11
N ALA A 15 -9.93 12.40 10.23
CA ALA A 15 -10.56 11.28 10.91
C ALA A 15 -9.61 10.10 11.01
N ALA A 16 -9.15 9.83 12.22
CA ALA A 16 -8.23 8.73 12.48
C ALA A 16 -7.03 8.77 11.55
N GLN A 17 -6.32 7.65 11.47
CA GLN A 17 -5.14 7.52 10.61
C GLN A 17 -5.34 8.22 9.27
N ARG A 18 -4.23 8.63 8.67
CA ARG A 18 -4.27 9.32 7.38
C ARG A 18 -3.88 8.38 6.25
N THR A 19 -4.47 7.20 6.25
CA THR A 19 -4.19 6.21 5.22
C THR A 19 -4.67 6.66 3.86
N TYR A 20 -4.43 5.83 2.85
CA TYR A 20 -4.83 6.13 1.49
C TYR A 20 -5.58 4.95 0.87
N ALA A 21 -6.49 5.26 -0.04
CA ALA A 21 -7.29 4.24 -0.71
C ALA A 21 -6.55 3.62 -1.89
N LYS A 22 -5.55 4.33 -2.41
CA LYS A 22 -4.79 3.82 -3.55
C LYS A 22 -3.40 4.46 -3.64
N ALA A 23 -2.52 3.79 -4.38
CA ALA A 23 -1.16 4.25 -4.61
C ALA A 23 -0.52 3.41 -5.71
N ILE A 24 0.57 3.90 -6.29
CA ILE A 24 1.22 3.18 -7.37
C ILE A 24 2.73 3.39 -7.39
N LEU A 25 3.46 2.29 -7.54
CA LEU A 25 4.92 2.34 -7.63
C LEU A 25 5.31 2.31 -9.10
N GLU A 26 5.26 3.46 -9.75
CA GLU A 26 5.57 3.58 -11.16
C GLU A 26 7.06 3.50 -11.43
N VAL A 27 7.48 2.40 -12.04
CA VAL A 27 8.88 2.17 -12.39
C VAL A 27 8.98 1.58 -13.78
N CYS A 28 10.21 1.50 -14.28
CA CYS A 28 10.46 0.94 -15.60
C CYS A 28 11.57 -0.12 -15.56
N THR A 29 12.02 -0.45 -14.36
CA THR A 29 13.08 -1.43 -14.17
C THR A 29 14.35 -1.05 -14.94
N CYS A 30 14.45 0.22 -15.32
CA CYS A 30 15.62 0.70 -16.04
C CYS A 30 16.77 0.92 -15.07
N LYS A 31 16.41 1.20 -13.82
CA LYS A 31 17.39 1.44 -12.76
C LYS A 31 17.83 0.13 -12.10
N PHE A 32 17.49 -0.99 -12.72
CA PHE A 32 17.86 -2.30 -12.18
C PHE A 32 19.35 -2.34 -11.84
N ARG A 33 20.13 -1.51 -12.53
CA ARG A 33 21.56 -1.45 -12.30
C ARG A 33 21.91 -0.55 -11.12
N ALA A 34 21.43 0.68 -11.17
CA ALA A 34 21.69 1.65 -10.12
C ALA A 34 20.95 1.32 -8.83
N TYR A 35 19.63 1.18 -8.93
CA TYR A 35 18.80 0.89 -7.76
C TYR A 35 18.22 -0.52 -7.83
N PRO A 36 19.07 -1.55 -7.84
CA PRO A 36 18.62 -2.95 -7.89
C PRO A 36 17.85 -3.36 -6.64
N GLN A 37 18.00 -2.58 -5.57
CA GLN A 37 17.32 -2.86 -4.32
C GLN A 37 15.84 -2.51 -4.41
N ILE A 38 15.54 -1.40 -5.09
CA ILE A 38 14.16 -0.95 -5.25
C ILE A 38 13.31 -2.09 -5.81
N GLN A 39 13.41 -2.33 -7.11
CA GLN A 39 12.67 -3.40 -7.76
C GLN A 39 12.73 -4.68 -6.92
N ALA A 40 13.82 -4.83 -6.19
CA ALA A 40 14.02 -5.98 -5.33
C ALA A 40 12.81 -6.20 -4.43
N PHE A 41 12.48 -5.19 -3.62
CA PHE A 41 11.35 -5.29 -2.70
C PHE A 41 10.06 -5.46 -3.49
N ILE A 42 10.04 -4.95 -4.71
CA ILE A 42 8.86 -5.05 -5.56
C ILE A 42 8.59 -6.51 -5.92
N GLN A 43 9.65 -7.21 -6.28
CA GLN A 43 9.54 -8.62 -6.65
C GLN A 43 9.50 -9.51 -5.41
N SER A 44 9.98 -8.98 -4.28
CA SER A 44 9.98 -9.73 -3.03
C SER A 44 8.67 -10.46 -2.81
N GLY A 45 7.56 -9.82 -3.19
CA GLY A 45 6.27 -10.43 -3.03
C GLY A 45 5.42 -9.77 -1.95
N ARG A 46 6.09 -9.15 -0.99
CA ARG A 46 5.39 -8.48 0.10
C ARG A 46 4.41 -7.42 -0.41
N PRO A 47 4.83 -6.59 -1.38
CA PRO A 47 3.95 -5.55 -1.94
C PRO A 47 2.71 -6.15 -2.58
N ALA A 48 2.82 -7.41 -2.99
CA ALA A 48 1.69 -8.10 -3.61
C ALA A 48 0.54 -8.18 -2.63
N LYS A 49 0.88 -8.37 -1.36
CA LYS A 49 -0.11 -8.45 -0.29
C LYS A 49 -0.83 -7.12 -0.12
N PHE A 50 -0.27 -6.04 -0.69
CA PHE A 50 -0.87 -4.72 -0.58
C PHE A 50 -1.78 -4.45 -1.79
N PRO A 51 -3.11 -4.61 -1.61
CA PRO A 51 -4.06 -4.38 -2.70
C PRO A 51 -4.08 -2.92 -3.13
N ASN A 52 -4.15 -2.02 -2.15
CA ASN A 52 -4.17 -0.59 -2.42
C ASN A 52 -2.96 -0.17 -3.25
N LEU A 53 -1.91 -0.97 -3.21
CA LEU A 53 -0.69 -0.68 -3.95
C LEU A 53 -0.75 -1.33 -5.32
N GLN A 54 -0.48 -0.53 -6.35
CA GLN A 54 -0.55 -1.00 -7.74
C GLN A 54 0.72 -1.70 -8.21
N ILE A 55 1.88 -1.07 -8.00
CA ILE A 55 3.14 -1.64 -8.45
C ILE A 55 3.12 -1.76 -9.98
N LYS A 56 3.27 -0.63 -10.66
CA LYS A 56 3.25 -0.61 -12.12
C LYS A 56 4.65 -0.51 -12.71
N TYR A 57 4.78 -0.99 -13.94
CA TYR A 57 6.05 -0.95 -14.65
C TYR A 57 5.91 0.00 -15.83
N VAL A 58 5.68 1.26 -15.49
CA VAL A 58 5.48 2.34 -16.45
C VAL A 58 6.30 2.16 -17.73
N ARG A 59 5.83 2.80 -18.80
CA ARG A 59 6.50 2.72 -20.11
C ARG A 59 8.01 2.87 -19.98
N GLY A 60 8.45 3.92 -19.29
CA GLY A 60 9.87 4.15 -19.13
C GLY A 60 10.18 5.46 -18.43
N LEU A 61 9.84 5.54 -17.16
CA LEU A 61 10.08 6.75 -16.36
C LEU A 61 10.95 6.43 -15.15
N ASP A 62 10.99 7.37 -14.21
CA ASP A 62 11.77 7.19 -13.00
C ASP A 62 10.92 6.62 -11.87
N PRO A 63 11.52 5.84 -10.97
CA PRO A 63 10.81 5.23 -9.83
C PRO A 63 10.21 6.27 -8.89
N VAL A 64 8.88 6.29 -8.80
CA VAL A 64 8.18 7.24 -7.94
C VAL A 64 7.04 6.57 -7.17
N VAL A 65 6.68 7.19 -6.04
CA VAL A 65 5.61 6.68 -5.20
C VAL A 65 4.37 7.56 -5.35
N LYS A 66 3.47 7.15 -6.23
CA LYS A 66 2.27 7.91 -6.50
C LYS A 66 1.08 7.44 -5.67
N LEU A 67 0.71 8.22 -4.66
CA LEU A 67 -0.45 7.87 -3.84
C LEU A 67 -1.69 8.44 -4.50
N LEU A 68 -2.80 7.70 -4.45
CA LEU A 68 -4.01 8.15 -5.10
C LEU A 68 -5.24 7.89 -4.24
N ASP A 69 -6.41 8.18 -4.80
CA ASP A 69 -7.66 7.99 -4.08
C ASP A 69 -8.56 7.00 -4.82
N ALA A 70 -9.08 7.42 -5.97
CA ALA A 70 -9.97 6.58 -6.75
C ALA A 70 -10.14 7.12 -8.17
N SER A 71 -10.47 8.41 -8.26
CA SER A 71 -10.67 9.05 -9.56
C SER A 71 -9.39 9.01 -10.37
N GLY A 72 -8.26 8.98 -9.68
CA GLY A 72 -6.97 8.93 -10.33
C GLY A 72 -6.04 10.03 -9.89
N LYS A 73 -6.50 10.90 -8.99
CA LYS A 73 -5.67 11.97 -8.50
C LYS A 73 -4.51 11.38 -7.71
N VAL A 74 -3.36 11.99 -7.86
CA VAL A 74 -2.16 11.55 -7.16
C VAL A 74 -1.87 12.44 -5.97
N GLN A 75 -2.47 12.10 -4.83
CA GLN A 75 -2.27 12.87 -3.61
C GLN A 75 -0.79 13.17 -3.36
N GLU A 76 0.07 12.17 -3.52
CA GLU A 76 1.49 12.37 -3.30
C GLU A 76 2.35 11.69 -4.37
N THR A 77 3.45 12.35 -4.72
CA THR A 77 4.38 11.83 -5.70
C THR A 77 5.81 12.08 -5.25
N LEU A 78 6.45 11.08 -4.66
CA LEU A 78 7.81 11.22 -4.17
C LEU A 78 8.77 10.33 -4.95
N SER A 79 9.79 10.94 -5.55
CA SER A 79 10.78 10.21 -6.32
C SER A 79 11.61 9.32 -5.40
N ILE A 80 11.81 8.06 -5.82
CA ILE A 80 12.58 7.12 -5.03
C ILE A 80 13.72 6.51 -5.84
N THR A 81 14.57 7.37 -6.39
CA THR A 81 15.71 6.90 -7.19
C THR A 81 16.84 6.45 -6.27
N LYS A 82 16.90 7.05 -5.10
CA LYS A 82 17.94 6.73 -4.11
C LYS A 82 17.36 6.84 -2.71
N TRP A 83 17.25 8.08 -2.22
CA TRP A 83 16.70 8.35 -0.89
C TRP A 83 17.18 7.36 0.17
N ASN A 84 16.46 6.25 0.30
CA ASN A 84 16.81 5.24 1.32
C ASN A 84 16.13 3.89 1.06
N THR A 85 15.01 3.89 0.33
CA THR A 85 14.29 2.65 0.02
C THR A 85 14.01 1.87 1.30
N ASP A 86 13.66 0.59 1.15
CA ASP A 86 13.35 -0.26 2.31
C ASP A 86 12.17 0.33 3.07
N THR A 87 12.44 1.36 3.88
CA THR A 87 11.40 2.03 4.63
C THR A 87 10.28 2.43 3.68
N VAL A 88 10.62 2.62 2.41
CA VAL A 88 9.64 2.97 1.40
C VAL A 88 8.60 1.87 1.28
N GLU A 89 9.08 0.63 1.28
CA GLU A 89 8.19 -0.53 1.21
C GLU A 89 7.13 -0.41 2.29
N GLU A 90 7.57 0.02 3.47
CA GLU A 90 6.67 0.21 4.60
C GLU A 90 5.75 1.39 4.33
N PHE A 91 6.28 2.38 3.62
CA PHE A 91 5.51 3.57 3.28
C PHE A 91 4.14 3.19 2.76
N PHE A 92 4.12 2.17 1.91
CA PHE A 92 2.87 1.69 1.32
C PHE A 92 2.05 0.90 2.34
N GLU A 93 2.58 -0.24 2.80
CA GLU A 93 1.88 -1.09 3.77
C GLU A 93 1.30 -0.25 4.91
N THR A 94 1.93 0.88 5.18
CA THR A 94 1.47 1.77 6.25
C THR A 94 0.44 2.76 5.73
N HIS A 95 0.83 3.58 4.76
CA HIS A 95 -0.07 4.57 4.20
C HIS A 95 -1.31 3.92 3.61
N LEU A 96 -1.20 2.65 3.24
CA LEU A 96 -2.33 1.93 2.67
C LEU A 96 -3.06 1.14 3.75
N ALA A 97 -4.24 0.64 3.40
CA ALA A 97 -5.06 -0.12 4.32
C ALA A 97 -5.22 -1.56 3.87
N LYS A 98 -6.16 -2.26 4.50
CA LYS A 98 -6.41 -3.66 4.18
C LYS A 98 -5.11 -4.46 4.18
N ASP A 99 -4.12 -3.97 4.93
CA ASP A 99 -2.82 -4.63 5.01
C ASP A 99 -2.89 -5.85 5.92
N GLY A 100 -2.00 -6.81 5.68
CA GLY A 100 -1.98 -8.02 6.49
C GLY A 100 -3.15 -8.94 6.21
N ALA A 101 -2.89 -10.23 6.20
CA ALA A 101 -3.92 -11.22 5.94
C ALA A 101 -3.60 -12.53 6.65
N GLY A 102 -4.38 -12.85 7.69
CA GLY A 102 -4.16 -14.08 8.43
C GLY A 102 -4.05 -15.29 7.52
N LYS A 103 -2.82 -15.63 7.13
CA LYS A 103 -2.59 -16.77 6.26
C LYS A 103 -3.15 -18.05 6.88
N ASN A 104 -2.55 -18.47 7.98
CA ASN A 104 -3.00 -19.68 8.68
C ASN A 104 -2.78 -19.55 10.18
N SER A 105 -3.75 -18.93 10.86
CA SER A 105 -3.66 -18.74 12.30
C SER A 105 -3.97 -20.03 13.05
N TYR A 106 -4.03 -19.93 14.38
CA TYR A 106 -4.32 -21.09 15.22
C TYR A 106 -5.66 -21.73 14.83
N SER A 107 -5.85 -22.98 15.21
CA SER A 107 -7.08 -23.70 14.91
C SER A 107 -7.21 -24.94 15.78
N VAL A 108 -8.17 -25.80 15.43
CA VAL A 108 -8.41 -27.03 16.18
C VAL A 108 -7.12 -27.83 16.34
N VAL A 109 -7.22 -28.94 17.07
CA VAL A 109 -6.08 -29.81 17.30
C VAL A 109 -6.24 -31.13 16.56
N GLU A 110 -5.42 -31.34 15.53
CA GLU A 110 -5.47 -32.55 14.76
C GLU A 110 -4.81 -33.72 15.50
N ASP A 111 -5.29 -34.93 15.23
CA ASP A 111 -4.75 -36.12 15.87
C ASP A 111 -3.40 -36.51 15.27
N ALA A 112 -2.41 -35.64 15.44
CA ALA A 112 -1.08 -35.89 14.91
C ALA A 112 -0.10 -36.21 16.03
N ASP A 113 1.18 -36.35 15.67
CA ASP A 113 2.21 -36.67 16.65
C ASP A 113 2.00 -38.05 17.24
N GLY A 114 3.08 -38.66 17.73
CA GLY A 114 2.98 -39.98 18.31
C GLY A 114 3.96 -40.96 17.68
N ASP A 115 4.76 -41.62 18.52
CA ASP A 115 5.74 -42.58 18.04
C ASP A 115 6.07 -43.61 19.11
N ASP A 116 5.03 -44.31 19.58
CA ASP A 116 5.21 -45.34 20.61
C ASP A 116 4.18 -46.45 20.44
N ASP A 117 4.36 -47.53 21.19
CA ASP A 117 3.46 -48.67 21.13
C ASP A 117 3.54 -49.52 22.40
N GLU A 118 3.50 -48.86 23.56
CA GLU A 118 3.58 -49.56 24.82
C GLU A 118 2.21 -50.11 25.23
N ASP A 119 2.22 -51.26 25.91
CA ASP A 119 1.00 -51.90 26.35
C ASP A 119 0.10 -52.23 25.15
N TYR A 120 0.72 -52.39 24.00
CA TYR A 120 -0.01 -52.70 22.77
C TYR A 120 -0.57 -54.12 22.81
N LEU A 121 0.33 -55.11 22.76
CA LEU A 121 -0.08 -56.51 22.78
C LEU A 121 0.74 -57.31 23.79
N ARG A 122 1.19 -56.64 24.85
CA ARG A 122 1.99 -57.29 25.88
C ARG A 122 1.25 -58.50 26.47
N THR A 123 2.00 -59.42 27.05
CA THR A 123 1.41 -60.61 27.65
C THR A 123 1.51 -60.57 29.17
N ASN A 124 0.51 -59.97 29.81
CA ASN A 124 0.48 -59.87 31.26
C ASN A 124 -0.42 -60.94 31.88
N ARG A 125 0.09 -62.17 31.92
CA ARG A 125 -0.66 -63.28 32.48
C ARG A 125 0.27 -64.23 33.24
N ILE A 126 1.35 -63.68 33.78
CA ILE A 126 2.31 -64.48 34.53
C ILE A 126 3.48 -63.61 35.00
N MET A 1 -23.01 18.82 2.21
CA MET A 1 -21.95 19.84 2.48
C MET A 1 -21.06 19.38 3.63
N ALA A 2 -21.65 19.19 4.80
CA ALA A 2 -20.91 18.77 5.98
C ALA A 2 -21.38 17.40 6.46
N SER A 3 -20.96 16.35 5.75
CA SER A 3 -21.35 14.99 6.09
C SER A 3 -20.26 14.30 6.90
N HIS A 4 -20.27 14.52 8.22
CA HIS A 4 -19.29 13.92 9.10
C HIS A 4 -19.39 12.40 9.07
N HIS A 5 -20.58 11.90 8.76
CA HIS A 5 -20.81 10.46 8.69
C HIS A 5 -22.00 10.15 7.78
N HIS A 6 -23.19 10.54 8.20
CA HIS A 6 -24.38 10.29 7.41
C HIS A 6 -24.52 8.81 7.07
N HIS A 7 -23.94 7.97 7.92
CA HIS A 7 -23.99 6.53 7.71
C HIS A 7 -23.30 6.13 6.41
N HIS A 8 -21.97 6.06 6.45
CA HIS A 8 -21.20 5.69 5.27
C HIS A 8 -19.86 5.09 5.67
N HIS A 9 -19.53 3.95 5.05
CA HIS A 9 -18.27 3.26 5.33
C HIS A 9 -17.08 4.10 4.89
N LEU A 10 -16.59 4.94 5.79
CA LEU A 10 -15.44 5.80 5.49
C LEU A 10 -14.57 6.00 6.72
N ASP A 11 -13.53 5.18 6.85
CA ASP A 11 -12.61 5.27 7.97
C ASP A 11 -13.35 5.03 9.30
N GLN A 12 -13.01 3.94 9.96
CA GLN A 12 -13.63 3.60 11.24
C GLN A 12 -12.64 3.74 12.39
N GLN A 13 -11.36 3.63 12.06
CA GLN A 13 -10.30 3.74 13.05
C GLN A 13 -10.45 5.03 13.86
N PRO A 14 -10.01 5.02 15.13
CA PRO A 14 -10.09 6.19 16.00
C PRO A 14 -8.97 7.20 15.76
N ALA A 15 -9.01 7.83 14.58
CA ALA A 15 -8.00 8.82 14.22
C ALA A 15 -6.60 8.20 14.14
N ALA A 16 -6.52 7.04 13.51
CA ALA A 16 -5.24 6.35 13.36
C ALA A 16 -4.39 7.01 12.29
N GLN A 17 -3.42 6.27 11.75
CA GLN A 17 -2.54 6.80 10.72
C GLN A 17 -3.34 7.42 9.58
N ARG A 18 -2.66 8.09 8.67
CA ARG A 18 -3.31 8.73 7.53
C ARG A 18 -3.24 7.86 6.28
N THR A 19 -3.73 6.64 6.39
CA THR A 19 -3.73 5.72 5.25
C THR A 19 -4.25 6.38 3.98
N TYR A 20 -4.00 5.75 2.84
CA TYR A 20 -4.44 6.26 1.55
C TYR A 20 -5.37 5.28 0.86
N ALA A 21 -6.33 5.80 0.12
CA ALA A 21 -7.31 4.98 -0.59
C ALA A 21 -6.70 4.26 -1.79
N LYS A 22 -5.67 4.84 -2.39
CA LYS A 22 -5.04 4.23 -3.55
C LYS A 22 -3.59 4.70 -3.72
N ALA A 23 -2.79 3.90 -4.39
CA ALA A 23 -1.40 4.24 -4.64
C ALA A 23 -0.83 3.41 -5.78
N ILE A 24 0.23 3.91 -6.41
CA ILE A 24 0.85 3.20 -7.53
C ILE A 24 2.36 3.42 -7.58
N LEU A 25 3.10 2.31 -7.63
CA LEU A 25 4.55 2.36 -7.70
C LEU A 25 5.00 2.27 -9.15
N GLU A 26 4.94 3.39 -9.86
CA GLU A 26 5.30 3.41 -11.27
C GLU A 26 6.83 3.42 -11.45
N VAL A 27 7.33 2.38 -12.11
CA VAL A 27 8.76 2.25 -12.37
C VAL A 27 8.99 1.70 -13.78
N CYS A 28 10.24 1.65 -14.20
CA CYS A 28 10.57 1.14 -15.52
C CYS A 28 11.63 0.04 -15.44
N THR A 29 12.06 -0.30 -14.22
CA THR A 29 13.06 -1.33 -14.01
C THR A 29 14.37 -1.02 -14.73
N CYS A 30 14.55 0.24 -15.13
CA CYS A 30 15.77 0.65 -15.80
C CYS A 30 16.88 0.87 -14.79
N LYS A 31 16.49 1.18 -13.57
CA LYS A 31 17.43 1.42 -12.48
C LYS A 31 17.84 0.12 -11.78
N PHE A 32 17.49 -1.02 -12.38
CA PHE A 32 17.83 -2.32 -11.81
C PHE A 32 19.31 -2.38 -11.44
N ARG A 33 20.11 -1.58 -12.13
CA ARG A 33 21.56 -1.53 -11.89
C ARG A 33 21.90 -0.56 -10.76
N ALA A 34 21.39 0.66 -10.88
CA ALA A 34 21.64 1.69 -9.89
C ALA A 34 20.88 1.44 -8.60
N TYR A 35 19.56 1.28 -8.71
CA TYR A 35 18.72 1.06 -7.53
C TYR A 35 18.18 -0.37 -7.52
N PRO A 36 19.08 -1.37 -7.42
CA PRO A 36 18.68 -2.78 -7.40
C PRO A 36 17.83 -3.13 -6.18
N GLN A 37 17.90 -2.29 -5.15
CA GLN A 37 17.13 -2.51 -3.93
C GLN A 37 15.66 -2.16 -4.16
N ILE A 38 15.43 -1.07 -4.89
CA ILE A 38 14.07 -0.63 -5.19
C ILE A 38 13.22 -1.80 -5.69
N GLN A 39 13.34 -2.10 -6.97
CA GLN A 39 12.60 -3.21 -7.56
C GLN A 39 12.71 -4.46 -6.70
N ALA A 40 13.79 -4.55 -5.95
CA ALA A 40 14.01 -5.69 -5.06
C ALA A 40 12.78 -5.97 -4.22
N PHE A 41 12.34 -4.97 -3.46
CA PHE A 41 11.17 -5.11 -2.61
C PHE A 41 9.92 -5.33 -3.46
N ILE A 42 9.90 -4.72 -4.65
CA ILE A 42 8.78 -4.87 -5.56
C ILE A 42 8.57 -6.34 -5.92
N GLN A 43 9.67 -7.04 -6.14
CA GLN A 43 9.61 -8.45 -6.50
C GLN A 43 9.67 -9.33 -5.24
N SER A 44 10.08 -8.75 -4.12
CA SER A 44 10.17 -9.49 -2.86
C SER A 44 8.91 -10.31 -2.61
N GLY A 45 7.75 -9.68 -2.80
CA GLY A 45 6.49 -10.37 -2.58
C GLY A 45 5.58 -9.64 -1.61
N ARG A 46 6.18 -8.88 -0.70
CA ARG A 46 5.41 -8.14 0.30
C ARG A 46 4.45 -7.15 -0.35
N PRO A 47 4.90 -6.39 -1.37
CA PRO A 47 4.05 -5.41 -2.05
C PRO A 47 2.86 -6.08 -2.75
N ALA A 48 3.01 -7.37 -3.04
CA ALA A 48 1.94 -8.11 -3.68
C ALA A 48 0.72 -8.18 -2.78
N LYS A 49 0.98 -8.26 -1.48
CA LYS A 49 -0.08 -8.32 -0.48
C LYS A 49 -0.76 -6.96 -0.31
N PHE A 50 -0.14 -5.91 -0.83
CA PHE A 50 -0.71 -4.57 -0.72
C PHE A 50 -1.55 -4.23 -1.96
N PRO A 51 -2.88 -4.39 -1.87
CA PRO A 51 -3.78 -4.10 -3.00
C PRO A 51 -3.73 -2.63 -3.40
N ASN A 52 -3.85 -1.74 -2.42
CA ASN A 52 -3.80 -0.30 -2.69
C ASN A 52 -2.57 0.06 -3.51
N LEU A 53 -1.53 -0.76 -3.37
CA LEU A 53 -0.28 -0.52 -4.09
C LEU A 53 -0.28 -1.29 -5.42
N GLN A 54 -0.56 -0.55 -6.48
CA GLN A 54 -0.63 -1.09 -7.84
C GLN A 54 0.66 -1.80 -8.28
N ILE A 55 1.80 -1.15 -8.11
CA ILE A 55 3.07 -1.73 -8.54
C ILE A 55 3.09 -1.85 -10.06
N LYS A 56 3.16 -0.72 -10.75
CA LYS A 56 3.18 -0.73 -12.20
C LYS A 56 4.58 -0.49 -12.76
N TYR A 57 4.83 -1.00 -13.96
CA TYR A 57 6.12 -0.85 -14.62
C TYR A 57 5.94 0.08 -15.81
N VAL A 58 5.68 1.33 -15.48
CA VAL A 58 5.44 2.38 -16.45
C VAL A 58 6.27 2.21 -17.74
N ARG A 59 5.78 2.81 -18.82
CA ARG A 59 6.44 2.73 -20.13
C ARG A 59 7.95 2.85 -20.01
N GLY A 60 8.41 3.89 -19.32
CA GLY A 60 9.85 4.09 -19.17
C GLY A 60 10.19 5.38 -18.47
N LEU A 61 9.80 5.49 -17.21
CA LEU A 61 10.07 6.69 -16.42
C LEU A 61 10.86 6.33 -15.15
N ASP A 62 11.00 7.29 -14.26
CA ASP A 62 11.72 7.06 -13.01
C ASP A 62 10.79 6.45 -11.97
N PRO A 63 11.35 5.70 -11.00
CA PRO A 63 10.55 5.08 -9.94
C PRO A 63 9.93 6.11 -9.01
N VAL A 64 8.60 6.18 -9.02
CA VAL A 64 7.88 7.14 -8.18
C VAL A 64 6.75 6.49 -7.42
N VAL A 65 6.37 7.10 -6.30
CA VAL A 65 5.30 6.61 -5.46
C VAL A 65 4.08 7.53 -5.56
N LYS A 66 3.09 7.09 -6.33
CA LYS A 66 1.88 7.88 -6.53
C LYS A 66 0.75 7.37 -5.62
N LEU A 67 0.52 8.07 -4.51
CA LEU A 67 -0.51 7.66 -3.55
C LEU A 67 -1.81 8.40 -3.85
N LEU A 68 -2.60 7.84 -4.75
CA LEU A 68 -3.87 8.43 -5.14
C LEU A 68 -4.97 8.17 -4.11
N ASP A 69 -6.19 8.55 -4.48
CA ASP A 69 -7.35 8.37 -3.61
C ASP A 69 -8.46 7.62 -4.34
N ALA A 70 -8.84 8.12 -5.51
CA ALA A 70 -9.90 7.50 -6.29
C ALA A 70 -10.06 8.18 -7.65
N SER A 71 -10.23 9.49 -7.63
CA SER A 71 -10.41 10.25 -8.86
C SER A 71 -9.13 10.25 -9.71
N GLY A 72 -7.98 10.14 -9.03
CA GLY A 72 -6.72 10.13 -9.73
C GLY A 72 -5.83 11.31 -9.38
N LYS A 73 -6.23 12.07 -8.36
CA LYS A 73 -5.48 13.23 -7.92
C LYS A 73 -4.00 12.92 -7.74
N VAL A 74 -3.72 11.97 -6.85
CA VAL A 74 -2.36 11.55 -6.51
C VAL A 74 -1.88 12.30 -5.27
N GLN A 75 -2.34 11.84 -4.11
CA GLN A 75 -1.98 12.46 -2.83
C GLN A 75 -0.49 12.79 -2.76
N GLU A 76 0.36 11.80 -3.01
CA GLU A 76 1.80 12.01 -2.94
C GLU A 76 2.53 11.38 -4.11
N THR A 77 3.54 12.09 -4.61
CA THR A 77 4.37 11.61 -5.72
C THR A 77 5.84 11.84 -5.37
N LEU A 78 6.49 10.80 -4.87
CA LEU A 78 7.90 10.91 -4.47
C LEU A 78 8.80 10.10 -5.40
N SER A 79 9.77 10.76 -6.00
CA SER A 79 10.70 10.10 -6.91
C SER A 79 11.69 9.23 -6.16
N ILE A 80 11.29 7.99 -5.86
CA ILE A 80 12.13 7.07 -5.13
C ILE A 80 13.23 6.49 -6.02
N THR A 81 14.36 7.19 -6.09
CA THR A 81 15.48 6.73 -6.90
C THR A 81 16.62 6.22 -6.03
N LYS A 82 16.66 6.70 -4.79
CA LYS A 82 17.69 6.30 -3.84
C LYS A 82 17.18 6.50 -2.42
N TRP A 83 17.35 7.71 -1.89
CA TRP A 83 16.89 8.04 -0.55
C TRP A 83 17.30 6.99 0.49
N ASN A 84 16.48 5.95 0.61
CA ASN A 84 16.75 4.88 1.58
C ASN A 84 16.16 3.53 1.14
N THR A 85 15.12 3.56 0.30
CA THR A 85 14.50 2.35 -0.19
C THR A 85 14.15 1.42 0.97
N ASP A 86 13.76 0.18 0.67
CA ASP A 86 13.38 -0.78 1.70
C ASP A 86 12.22 -0.23 2.52
N THR A 87 12.52 0.69 3.43
CA THR A 87 11.51 1.33 4.24
C THR A 87 10.38 1.84 3.33
N VAL A 88 10.74 2.12 2.08
CA VAL A 88 9.75 2.56 1.11
C VAL A 88 8.65 1.52 0.99
N GLU A 89 9.06 0.26 0.92
CA GLU A 89 8.12 -0.86 0.84
C GLU A 89 7.13 -0.74 1.99
N GLU A 90 7.65 -0.36 3.15
CA GLU A 90 6.82 -0.17 4.33
C GLU A 90 5.99 1.10 4.19
N PHE A 91 6.56 2.07 3.47
CA PHE A 91 5.89 3.34 3.23
C PHE A 91 4.44 3.12 2.84
N PHE A 92 4.25 2.13 1.97
CA PHE A 92 2.91 1.79 1.49
C PHE A 92 2.14 0.94 2.51
N GLU A 93 2.68 -0.21 2.87
CA GLU A 93 2.02 -1.10 3.83
C GLU A 93 1.55 -0.33 5.06
N THR A 94 2.26 0.75 5.38
CA THR A 94 1.92 1.56 6.55
C THR A 94 1.01 2.72 6.17
N HIS A 95 1.05 3.12 4.90
CA HIS A 95 0.23 4.23 4.43
C HIS A 95 -1.00 3.74 3.66
N LEU A 96 -1.13 2.43 3.48
CA LEU A 96 -2.27 1.87 2.76
C LEU A 96 -3.14 1.04 3.69
N ALA A 97 -4.24 0.54 3.14
CA ALA A 97 -5.17 -0.26 3.90
C ALA A 97 -5.42 -1.61 3.23
N LYS A 98 -6.01 -2.55 3.97
CA LYS A 98 -6.28 -3.87 3.42
C LYS A 98 -7.68 -4.33 3.80
N ASP A 99 -8.60 -3.39 3.94
CA ASP A 99 -9.98 -3.71 4.30
C ASP A 99 -10.07 -4.25 5.72
N GLY A 100 -9.48 -5.42 5.94
CA GLY A 100 -9.50 -6.03 7.25
C GLY A 100 -9.31 -7.53 7.19
N ALA A 101 -8.50 -8.06 8.10
CA ALA A 101 -8.24 -9.49 8.15
C ALA A 101 -8.12 -9.97 9.59
N GLY A 102 -7.58 -11.17 9.76
CA GLY A 102 -7.42 -11.72 11.10
C GLY A 102 -6.78 -10.73 12.05
N LYS A 103 -5.73 -10.07 11.58
CA LYS A 103 -5.02 -9.08 12.37
C LYS A 103 -4.71 -9.59 13.78
N ASN A 104 -5.63 -9.39 14.71
CA ASN A 104 -5.44 -9.85 16.08
C ASN A 104 -6.27 -11.08 16.36
N SER A 105 -5.66 -12.26 16.19
CA SER A 105 -6.36 -13.51 16.42
C SER A 105 -6.26 -13.94 17.89
N TYR A 106 -5.10 -14.47 18.28
CA TYR A 106 -4.89 -14.91 19.65
C TYR A 106 -6.00 -15.86 20.09
N SER A 107 -5.69 -17.15 20.10
CA SER A 107 -6.67 -18.17 20.48
C SER A 107 -6.71 -18.33 22.00
N VAL A 108 -7.31 -19.42 22.45
CA VAL A 108 -7.42 -19.71 23.88
C VAL A 108 -6.16 -20.36 24.41
N VAL A 109 -6.18 -20.70 25.70
CA VAL A 109 -5.05 -21.34 26.35
C VAL A 109 -5.50 -22.53 27.19
N GLU A 110 -5.18 -23.74 26.72
CA GLU A 110 -5.56 -24.96 27.42
C GLU A 110 -4.77 -25.11 28.71
N ASP A 111 -5.47 -25.57 29.76
CA ASP A 111 -4.84 -25.77 31.05
C ASP A 111 -4.33 -27.20 31.20
N ALA A 112 -3.44 -27.42 32.16
CA ALA A 112 -2.87 -28.75 32.38
C ALA A 112 -2.90 -29.11 33.87
N ASP A 113 -3.00 -30.40 34.16
CA ASP A 113 -3.02 -30.87 35.54
C ASP A 113 -2.91 -32.39 35.59
N GLY A 114 -2.06 -32.88 36.49
CA GLY A 114 -1.87 -34.31 36.63
C GLY A 114 -2.67 -34.89 37.78
N ASP A 115 -2.27 -36.06 38.25
CA ASP A 115 -2.94 -36.73 39.34
C ASP A 115 -2.96 -35.87 40.60
N ASP A 116 -4.04 -35.95 41.36
CA ASP A 116 -4.17 -35.19 42.60
C ASP A 116 -4.11 -36.11 43.81
N ASP A 117 -3.36 -35.70 44.83
CA ASP A 117 -3.21 -36.48 46.04
C ASP A 117 -2.24 -35.81 47.01
N GLU A 118 -2.68 -34.71 47.60
CA GLU A 118 -1.84 -33.97 48.55
C GLU A 118 -1.93 -34.56 49.94
N ASP A 119 -3.06 -34.37 50.58
CA ASP A 119 -3.29 -34.87 51.93
C ASP A 119 -4.37 -35.96 51.94
N TYR A 120 -4.73 -36.46 50.76
CA TYR A 120 -5.74 -37.50 50.67
C TYR A 120 -7.01 -37.10 51.43
N LEU A 121 -7.82 -38.09 51.80
CA LEU A 121 -9.05 -37.84 52.53
C LEU A 121 -9.19 -38.81 53.70
N ARG A 122 -9.45 -38.26 54.88
CA ARG A 122 -9.61 -39.08 56.09
C ARG A 122 -10.59 -40.22 55.85
N THR A 123 -10.07 -41.36 55.43
CA THR A 123 -10.90 -42.53 55.17
C THR A 123 -10.38 -43.74 55.94
N ASN A 124 -10.07 -43.53 57.22
CA ASN A 124 -9.55 -44.60 58.06
C ASN A 124 -9.99 -44.41 59.51
N ARG A 125 -9.48 -43.36 60.15
CA ARG A 125 -9.82 -43.06 61.53
C ARG A 125 -11.13 -42.29 61.61
N ILE A 126 -12.22 -42.95 61.25
CA ILE A 126 -13.54 -42.32 61.28
C ILE A 126 -13.57 -41.07 60.41
N MET A 1 -2.18 37.33 36.04
CA MET A 1 -2.77 36.05 35.57
C MET A 1 -3.98 35.67 36.41
N ALA A 2 -5.13 35.54 35.76
CA ALA A 2 -6.37 35.19 36.44
C ALA A 2 -6.32 33.76 36.98
N SER A 3 -6.07 33.62 38.28
CA SER A 3 -6.00 32.31 38.91
C SER A 3 -4.81 31.51 38.38
N HIS A 4 -4.95 31.01 37.15
CA HIS A 4 -3.90 30.23 36.52
C HIS A 4 -3.97 30.33 35.00
N HIS A 5 -2.92 30.87 34.39
CA HIS A 5 -2.87 31.03 32.94
C HIS A 5 -2.39 29.75 32.27
N HIS A 6 -3.30 29.05 31.62
CA HIS A 6 -2.96 27.81 30.92
C HIS A 6 -3.01 28.00 29.42
N HIS A 7 -4.21 28.17 28.88
CA HIS A 7 -4.39 28.38 27.45
C HIS A 7 -3.69 27.28 26.64
N HIS A 8 -4.46 26.30 26.20
CA HIS A 8 -3.92 25.19 25.42
C HIS A 8 -4.91 24.73 24.37
N HIS A 9 -5.99 24.09 24.82
CA HIS A 9 -7.01 23.59 23.90
C HIS A 9 -6.41 22.66 22.85
N LEU A 10 -6.44 21.37 23.15
CA LEU A 10 -5.89 20.37 22.24
C LEU A 10 -6.91 20.02 21.15
N ASP A 11 -6.42 19.91 19.92
CA ASP A 11 -7.29 19.58 18.79
C ASP A 11 -7.54 18.08 18.70
N GLN A 12 -8.79 17.70 18.52
CA GLN A 12 -9.17 16.30 18.43
C GLN A 12 -9.52 15.92 16.99
N GLN A 13 -8.83 16.52 16.04
CA GLN A 13 -9.07 16.24 14.62
C GLN A 13 -8.63 14.83 14.26
N PRO A 14 -9.46 14.10 13.48
CA PRO A 14 -9.13 12.73 13.07
C PRO A 14 -7.95 12.66 12.11
N ALA A 15 -6.80 12.24 12.63
CA ALA A 15 -5.59 12.13 11.81
C ALA A 15 -4.50 11.36 12.56
N ALA A 16 -4.60 10.03 12.52
CA ALA A 16 -3.63 9.17 13.18
C ALA A 16 -2.60 8.63 12.20
N GLN A 17 -3.07 7.85 11.23
CA GLN A 17 -2.18 7.26 10.23
C GLN A 17 -2.47 7.83 8.84
N ARG A 18 -3.56 8.59 8.70
CA ARG A 18 -3.92 9.19 7.41
C ARG A 18 -3.67 8.25 6.24
N THR A 19 -4.23 7.05 6.34
CA THR A 19 -4.08 6.06 5.28
C THR A 19 -4.46 6.63 3.93
N TYR A 20 -4.20 5.86 2.87
CA TYR A 20 -4.51 6.30 1.51
C TYR A 20 -5.40 5.29 0.81
N ALA A 21 -6.30 5.80 -0.03
CA ALA A 21 -7.23 4.95 -0.76
C ALA A 21 -6.57 4.27 -1.96
N LYS A 22 -5.55 4.90 -2.53
CA LYS A 22 -4.86 4.32 -3.67
C LYS A 22 -3.39 4.70 -3.70
N ALA A 23 -2.60 3.89 -4.39
CA ALA A 23 -1.17 4.13 -4.51
C ALA A 23 -0.60 3.37 -5.69
N ILE A 24 0.43 3.93 -6.34
CA ILE A 24 1.03 3.27 -7.48
C ILE A 24 2.55 3.48 -7.54
N LEU A 25 3.27 2.37 -7.55
CA LEU A 25 4.73 2.38 -7.65
C LEU A 25 5.14 2.19 -9.10
N GLU A 26 5.18 3.28 -9.86
CA GLU A 26 5.52 3.20 -11.28
C GLU A 26 7.03 3.23 -11.50
N VAL A 27 7.52 2.22 -12.23
CA VAL A 27 8.94 2.10 -12.55
C VAL A 27 9.12 1.48 -13.92
N CYS A 28 10.26 1.74 -14.55
CA CYS A 28 10.55 1.18 -15.86
C CYS A 28 11.62 0.09 -15.79
N THR A 29 12.06 -0.23 -14.57
CA THR A 29 13.08 -1.25 -14.37
C THR A 29 14.40 -0.85 -15.02
N CYS A 30 14.52 0.42 -15.40
CA CYS A 30 15.74 0.92 -16.01
C CYS A 30 16.83 1.10 -14.97
N LYS A 31 16.41 1.21 -13.71
CA LYS A 31 17.35 1.38 -12.60
C LYS A 31 17.80 0.03 -12.03
N PHE A 32 17.61 -1.04 -12.80
CA PHE A 32 17.99 -2.38 -12.38
C PHE A 32 19.44 -2.42 -11.90
N ARG A 33 20.26 -1.51 -12.42
CA ARG A 33 21.67 -1.45 -12.06
C ARG A 33 21.93 -0.46 -10.93
N ALA A 34 21.41 0.75 -11.10
CA ALA A 34 21.60 1.80 -10.12
C ALA A 34 20.84 1.53 -8.82
N TYR A 35 19.53 1.36 -8.94
CA TYR A 35 18.69 1.13 -7.77
C TYR A 35 18.15 -0.30 -7.75
N PRO A 36 19.05 -1.29 -7.64
CA PRO A 36 18.66 -2.72 -7.61
C PRO A 36 17.85 -3.08 -6.37
N GLN A 37 17.97 -2.27 -5.32
CA GLN A 37 17.24 -2.52 -4.08
C GLN A 37 15.75 -2.27 -4.25
N ILE A 38 15.41 -1.21 -4.96
CA ILE A 38 14.01 -0.85 -5.18
C ILE A 38 13.21 -2.05 -5.66
N GLN A 39 13.28 -2.35 -6.97
CA GLN A 39 12.56 -3.48 -7.52
C GLN A 39 12.75 -4.72 -6.67
N ALA A 40 13.89 -4.78 -5.97
CA ALA A 40 14.19 -5.89 -5.09
C ALA A 40 13.01 -6.21 -4.18
N PHE A 41 12.53 -5.19 -3.48
CA PHE A 41 11.39 -5.36 -2.60
C PHE A 41 10.13 -5.62 -3.42
N ILE A 42 10.12 -5.13 -4.65
CA ILE A 42 8.99 -5.35 -5.54
C ILE A 42 8.91 -6.82 -5.90
N GLN A 43 10.08 -7.42 -6.11
CA GLN A 43 10.18 -8.83 -6.45
C GLN A 43 10.01 -9.70 -5.22
N SER A 44 10.31 -9.15 -4.05
CA SER A 44 10.19 -9.86 -2.80
C SER A 44 8.82 -10.53 -2.68
N GLY A 45 7.77 -9.75 -2.97
CA GLY A 45 6.42 -10.28 -2.89
C GLY A 45 5.58 -9.60 -1.83
N ARG A 46 6.23 -8.90 -0.91
CA ARG A 46 5.52 -8.20 0.16
C ARG A 46 4.51 -7.20 -0.37
N PRO A 47 4.89 -6.40 -1.40
CA PRO A 47 3.98 -5.40 -1.98
C PRO A 47 2.78 -6.04 -2.64
N ALA A 48 2.93 -7.31 -3.02
CA ALA A 48 1.84 -8.04 -3.63
C ALA A 48 0.67 -8.16 -2.66
N LYS A 49 1.01 -8.30 -1.38
CA LYS A 49 0.01 -8.41 -0.33
C LYS A 49 -0.73 -7.08 -0.15
N PHE A 50 -0.16 -6.00 -0.68
CA PHE A 50 -0.77 -4.69 -0.56
C PHE A 50 -1.64 -4.39 -1.79
N PRO A 51 -2.96 -4.61 -1.69
CA PRO A 51 -3.88 -4.38 -2.81
C PRO A 51 -3.88 -2.92 -3.26
N ASN A 52 -4.06 -2.01 -2.31
CA ASN A 52 -4.07 -0.58 -2.60
C ASN A 52 -2.86 -0.19 -3.44
N LEU A 53 -1.74 -0.87 -3.19
CA LEU A 53 -0.50 -0.60 -3.90
C LEU A 53 -0.50 -1.32 -5.26
N GLN A 54 -0.48 -0.52 -6.32
CA GLN A 54 -0.53 -1.04 -7.69
C GLN A 54 0.75 -1.76 -8.10
N ILE A 55 1.90 -1.09 -7.96
CA ILE A 55 3.17 -1.68 -8.39
C ILE A 55 3.18 -1.87 -9.90
N LYS A 56 3.19 -0.77 -10.64
CA LYS A 56 3.18 -0.84 -12.09
C LYS A 56 4.58 -0.69 -12.66
N TYR A 57 4.78 -1.22 -13.87
CA TYR A 57 6.05 -1.14 -14.56
C TYR A 57 5.92 -0.23 -15.75
N VAL A 58 5.76 1.05 -15.44
CA VAL A 58 5.57 2.10 -16.41
C VAL A 58 6.35 1.86 -17.71
N ARG A 59 5.92 2.53 -18.77
CA ARG A 59 6.55 2.40 -20.09
C ARG A 59 8.04 2.72 -20.03
N GLY A 60 8.39 3.84 -19.42
CA GLY A 60 9.79 4.23 -19.34
C GLY A 60 10.02 5.55 -18.65
N LEU A 61 9.73 5.59 -17.35
CA LEU A 61 9.89 6.80 -16.56
C LEU A 61 10.79 6.52 -15.35
N ASP A 62 10.85 7.47 -14.43
CA ASP A 62 11.65 7.31 -13.23
C ASP A 62 10.81 6.73 -12.09
N PRO A 63 11.45 5.96 -11.19
CA PRO A 63 10.75 5.35 -10.05
C PRO A 63 10.15 6.39 -9.11
N VAL A 64 8.82 6.42 -9.05
CA VAL A 64 8.12 7.36 -8.19
C VAL A 64 6.98 6.68 -7.44
N VAL A 65 6.64 7.24 -6.28
CA VAL A 65 5.59 6.72 -5.44
C VAL A 65 4.37 7.62 -5.53
N LYS A 66 3.33 7.16 -6.21
CA LYS A 66 2.12 7.94 -6.39
C LYS A 66 1.00 7.42 -5.48
N LEU A 67 0.76 8.14 -4.38
CA LEU A 67 -0.29 7.76 -3.45
C LEU A 67 -1.56 8.51 -3.77
N LEU A 68 -2.38 7.94 -4.63
CA LEU A 68 -3.64 8.55 -5.05
C LEU A 68 -4.78 8.23 -4.10
N ASP A 69 -5.96 8.68 -4.48
CA ASP A 69 -7.17 8.47 -3.69
C ASP A 69 -8.20 7.69 -4.50
N ALA A 70 -8.47 8.15 -5.72
CA ALA A 70 -9.44 7.49 -6.60
C ALA A 70 -9.69 8.30 -7.87
N SER A 71 -9.77 9.62 -7.72
CA SER A 71 -10.03 10.50 -8.86
C SER A 71 -8.75 10.74 -9.68
N GLY A 72 -7.61 10.63 -9.03
CA GLY A 72 -6.34 10.83 -9.71
C GLY A 72 -5.57 12.01 -9.16
N LYS A 73 -5.93 12.45 -7.96
CA LYS A 73 -5.27 13.58 -7.31
C LYS A 73 -3.79 13.29 -7.08
N VAL A 74 -3.50 12.11 -6.54
CA VAL A 74 -2.14 11.72 -6.24
C VAL A 74 -1.65 12.48 -5.02
N GLN A 75 -2.09 12.05 -3.84
CA GLN A 75 -1.72 12.70 -2.58
C GLN A 75 -0.23 13.03 -2.55
N GLU A 76 0.60 12.04 -2.86
CA GLU A 76 2.04 12.25 -2.85
C GLU A 76 2.73 11.59 -4.03
N THR A 77 3.71 12.30 -4.59
CA THR A 77 4.51 11.81 -5.71
C THR A 77 5.97 12.09 -5.43
N LEU A 78 6.64 11.13 -4.81
CA LEU A 78 8.05 11.31 -4.45
C LEU A 78 8.96 10.41 -5.26
N SER A 79 9.98 11.00 -5.88
CA SER A 79 10.94 10.26 -6.68
C SER A 79 11.79 9.38 -5.77
N ILE A 80 11.58 8.06 -5.86
CA ILE A 80 12.31 7.12 -5.04
C ILE A 80 13.50 6.53 -5.78
N THR A 81 14.17 7.35 -6.57
CA THR A 81 15.34 6.90 -7.33
C THR A 81 16.33 6.21 -6.41
N LYS A 82 16.79 6.93 -5.39
CA LYS A 82 17.74 6.37 -4.43
C LYS A 82 17.20 6.52 -3.02
N TRP A 83 17.08 7.77 -2.57
CA TRP A 83 16.56 8.08 -1.23
C TRP A 83 17.02 7.09 -0.16
N ASN A 84 16.27 5.99 -0.01
CA ASN A 84 16.60 4.99 1.00
C ASN A 84 15.91 3.64 0.75
N THR A 85 14.79 3.65 0.02
CA THR A 85 14.06 2.43 -0.29
C THR A 85 13.79 1.63 0.98
N ASP A 86 13.48 0.34 0.83
CA ASP A 86 13.18 -0.51 1.98
C ASP A 86 12.00 0.06 2.77
N THR A 87 12.27 1.08 3.57
CA THR A 87 11.23 1.75 4.35
C THR A 87 10.03 2.02 3.46
N VAL A 88 10.34 2.41 2.24
CA VAL A 88 9.31 2.68 1.23
C VAL A 88 8.30 1.55 1.18
N GLU A 89 8.80 0.32 1.15
CA GLU A 89 7.94 -0.85 1.13
C GLU A 89 6.95 -0.77 2.28
N GLU A 90 7.45 -0.29 3.42
CA GLU A 90 6.63 -0.12 4.61
C GLU A 90 5.75 1.11 4.45
N PHE A 91 6.23 2.07 3.67
CA PHE A 91 5.50 3.31 3.41
C PHE A 91 4.05 3.00 3.02
N PHE A 92 3.90 2.10 2.06
CA PHE A 92 2.58 1.72 1.57
C PHE A 92 1.85 0.81 2.57
N GLU A 93 2.48 -0.30 2.94
CA GLU A 93 1.86 -1.25 3.87
C GLU A 93 1.30 -0.54 5.09
N THR A 94 1.89 0.58 5.45
CA THR A 94 1.45 1.34 6.61
C THR A 94 0.55 2.51 6.24
N HIS A 95 0.76 3.08 5.05
CA HIS A 95 -0.04 4.20 4.60
C HIS A 95 -1.30 3.72 3.87
N LEU A 96 -1.33 2.46 3.48
CA LEU A 96 -2.48 1.90 2.78
C LEU A 96 -3.37 1.12 3.74
N ALA A 97 -4.54 0.73 3.26
CA ALA A 97 -5.49 0.00 4.07
C ALA A 97 -5.78 -1.38 3.48
N LYS A 98 -6.59 -2.17 4.19
CA LYS A 98 -6.93 -3.51 3.74
C LYS A 98 -7.77 -3.46 2.46
N ASP A 99 -8.97 -2.91 2.57
CA ASP A 99 -9.88 -2.79 1.44
C ASP A 99 -10.17 -4.17 0.84
N GLY A 100 -10.98 -4.95 1.53
CA GLY A 100 -11.31 -6.28 1.05
C GLY A 100 -11.93 -6.27 -0.33
N ALA A 101 -11.48 -7.17 -1.19
CA ALA A 101 -11.99 -7.25 -2.55
C ALA A 101 -11.43 -8.48 -3.27
N GLY A 102 -11.91 -8.71 -4.49
CA GLY A 102 -11.45 -9.84 -5.26
C GLY A 102 -11.54 -11.15 -4.50
N LYS A 103 -12.77 -11.61 -4.26
CA LYS A 103 -12.99 -12.85 -3.53
C LYS A 103 -13.72 -13.87 -4.40
N ASN A 104 -13.92 -15.06 -3.86
CA ASN A 104 -14.61 -16.12 -4.59
C ASN A 104 -16.04 -15.70 -4.93
N SER A 105 -16.65 -16.43 -5.87
CA SER A 105 -18.02 -16.15 -6.29
C SER A 105 -18.10 -14.84 -7.06
N TYR A 106 -19.32 -14.45 -7.42
CA TYR A 106 -19.54 -13.21 -8.15
C TYR A 106 -18.96 -13.31 -9.56
N SER A 107 -17.64 -13.37 -9.63
CA SER A 107 -16.92 -13.46 -10.90
C SER A 107 -17.55 -12.59 -11.99
N VAL A 108 -18.49 -13.14 -12.74
CA VAL A 108 -19.16 -12.41 -13.81
C VAL A 108 -20.67 -12.66 -13.79
N VAL A 109 -21.37 -12.02 -14.71
CA VAL A 109 -22.81 -12.18 -14.80
C VAL A 109 -23.27 -12.22 -16.25
N GLU A 110 -24.27 -13.05 -16.54
CA GLU A 110 -24.80 -13.18 -17.88
C GLU A 110 -25.83 -12.10 -18.18
N ASP A 111 -26.07 -11.86 -19.46
CA ASP A 111 -27.02 -10.84 -19.89
C ASP A 111 -28.46 -11.36 -19.77
N ALA A 112 -29.06 -11.17 -18.60
CA ALA A 112 -30.43 -11.61 -18.36
C ALA A 112 -31.43 -10.53 -18.76
N ASP A 113 -32.71 -10.78 -18.47
CA ASP A 113 -33.76 -9.83 -18.80
C ASP A 113 -33.87 -9.63 -20.30
N GLY A 114 -35.10 -9.52 -20.80
CA GLY A 114 -35.31 -9.33 -22.22
C GLY A 114 -36.55 -10.03 -22.72
N ASP A 115 -37.02 -9.63 -23.91
CA ASP A 115 -38.21 -10.23 -24.49
C ASP A 115 -38.05 -10.38 -26.01
N ASP A 116 -38.10 -11.61 -26.48
CA ASP A 116 -37.97 -11.90 -27.91
C ASP A 116 -39.01 -12.92 -28.36
N ASP A 117 -40.01 -12.44 -29.09
CA ASP A 117 -41.07 -13.31 -29.59
C ASP A 117 -41.78 -12.67 -30.79
N GLU A 118 -41.80 -13.40 -31.90
CA GLU A 118 -42.44 -12.93 -33.11
C GLU A 118 -43.94 -12.73 -32.92
N ASP A 119 -44.31 -11.62 -32.29
CA ASP A 119 -45.72 -11.32 -32.04
C ASP A 119 -46.39 -10.74 -33.27
N TYR A 120 -45.59 -10.19 -34.18
CA TYR A 120 -46.10 -9.60 -35.40
C TYR A 120 -45.76 -10.47 -36.61
N LEU A 121 -45.75 -9.86 -37.79
CA LEU A 121 -45.46 -10.59 -39.03
C LEU A 121 -44.13 -10.13 -39.62
N ARG A 122 -43.06 -10.83 -39.28
CA ARG A 122 -41.73 -10.50 -39.78
C ARG A 122 -41.73 -10.39 -41.30
N THR A 123 -40.66 -9.79 -41.84
CA THR A 123 -40.54 -9.63 -43.29
C THR A 123 -40.43 -10.98 -43.99
N ASN A 124 -39.30 -11.65 -43.78
CA ASN A 124 -39.06 -12.95 -44.39
C ASN A 124 -38.56 -13.95 -43.35
N ARG A 125 -39.07 -15.18 -43.43
CA ARG A 125 -38.69 -16.22 -42.49
C ARG A 125 -37.92 -17.34 -43.19
N ILE A 126 -36.93 -17.89 -42.51
CA ILE A 126 -36.12 -18.97 -43.06
C ILE A 126 -36.40 -20.30 -42.36
N MET A 1 2.75 28.69 -6.53
CA MET A 1 1.32 28.61 -6.93
C MET A 1 0.51 27.83 -5.88
N ALA A 2 1.01 26.66 -5.50
CA ALA A 2 0.33 25.83 -4.52
C ALA A 2 1.33 25.23 -3.54
N SER A 3 0.82 24.81 -2.38
CA SER A 3 1.67 24.20 -1.35
C SER A 3 2.85 25.11 -1.01
N HIS A 4 2.69 25.88 0.05
CA HIS A 4 3.74 26.80 0.50
C HIS A 4 3.56 27.17 1.97
N HIS A 5 2.41 27.75 2.29
CA HIS A 5 2.12 28.14 3.67
C HIS A 5 3.16 29.12 4.19
N HIS A 6 2.78 29.90 5.19
CA HIS A 6 3.68 30.89 5.78
C HIS A 6 4.06 30.51 7.21
N HIS A 7 5.28 30.02 7.37
CA HIS A 7 5.78 29.62 8.69
C HIS A 7 4.98 28.45 9.24
N HIS A 8 5.47 27.24 9.02
CA HIS A 8 4.80 26.03 9.49
C HIS A 8 5.73 25.20 10.37
N HIS A 9 6.72 25.85 10.96
CA HIS A 9 7.68 25.16 11.82
C HIS A 9 7.09 24.93 13.21
N LEU A 10 6.01 24.15 13.27
CA LEU A 10 5.36 23.85 14.53
C LEU A 10 5.82 22.51 15.09
N ASP A 11 5.40 21.42 14.46
CA ASP A 11 5.78 20.09 14.89
C ASP A 11 5.12 19.02 14.02
N GLN A 12 3.91 19.30 13.57
CA GLN A 12 3.19 18.36 12.72
C GLN A 12 3.10 16.99 13.38
N GLN A 13 2.34 16.90 14.47
CA GLN A 13 2.18 15.65 15.19
C GLN A 13 1.08 14.80 14.55
N PRO A 14 1.33 13.49 14.37
CA PRO A 14 0.36 12.58 13.76
C PRO A 14 -0.79 12.24 14.71
N ALA A 15 -2.01 12.28 14.18
CA ALA A 15 -3.19 11.98 14.98
C ALA A 15 -3.56 10.50 14.87
N ALA A 16 -3.72 10.03 13.64
CA ALA A 16 -4.07 8.64 13.40
C ALA A 16 -3.37 8.11 12.15
N GLN A 17 -3.48 6.80 11.92
CA GLN A 17 -2.86 6.16 10.76
C GLN A 17 -3.14 6.95 9.49
N ARG A 18 -4.33 7.54 9.40
CA ARG A 18 -4.72 8.33 8.23
C ARG A 18 -4.34 7.64 6.93
N THR A 19 -4.70 6.36 6.82
CA THR A 19 -4.40 5.58 5.62
C THR A 19 -4.94 6.26 4.37
N TYR A 20 -4.45 5.82 3.22
CA TYR A 20 -4.88 6.38 1.95
C TYR A 20 -5.81 5.42 1.22
N ALA A 21 -6.35 5.87 0.09
CA ALA A 21 -7.27 5.07 -0.70
C ALA A 21 -6.57 4.29 -1.80
N LYS A 22 -5.44 4.81 -2.29
CA LYS A 22 -4.71 4.13 -3.35
C LYS A 22 -3.32 4.73 -3.57
N ALA A 23 -2.48 3.98 -4.29
CA ALA A 23 -1.12 4.42 -4.60
C ALA A 23 -0.54 3.52 -5.70
N ILE A 24 0.56 3.96 -6.30
CA ILE A 24 1.18 3.19 -7.38
C ILE A 24 2.68 3.41 -7.44
N LEU A 25 3.42 2.31 -7.59
CA LEU A 25 4.87 2.38 -7.70
C LEU A 25 5.26 2.32 -9.18
N GLU A 26 5.25 3.47 -9.83
CA GLU A 26 5.56 3.56 -11.25
C GLU A 26 7.07 3.52 -11.50
N VAL A 27 7.50 2.43 -12.15
CA VAL A 27 8.90 2.23 -12.48
C VAL A 27 9.04 1.60 -13.86
N CYS A 28 10.27 1.45 -14.32
CA CYS A 28 10.52 0.85 -15.63
C CYS A 28 11.59 -0.23 -15.56
N THR A 29 12.08 -0.52 -14.36
CA THR A 29 13.12 -1.53 -14.18
C THR A 29 14.41 -1.13 -14.89
N CYS A 30 14.51 0.14 -15.28
CA CYS A 30 15.68 0.65 -15.96
C CYS A 30 16.85 0.77 -14.99
N LYS A 31 16.51 0.96 -13.72
CA LYS A 31 17.52 1.10 -12.67
C LYS A 31 17.96 -0.26 -12.11
N PHE A 32 17.69 -1.33 -12.85
CA PHE A 32 18.06 -2.67 -12.41
C PHE A 32 19.49 -2.70 -11.89
N ARG A 33 20.32 -1.80 -12.41
CA ARG A 33 21.71 -1.72 -12.01
C ARG A 33 21.92 -0.65 -10.94
N ALA A 34 21.34 0.51 -11.20
CA ALA A 34 21.46 1.65 -10.29
C ALA A 34 20.77 1.39 -8.95
N TYR A 35 19.45 1.26 -8.98
CA TYR A 35 18.69 1.03 -7.75
C TYR A 35 18.12 -0.39 -7.73
N PRO A 36 18.99 -1.40 -7.72
CA PRO A 36 18.58 -2.81 -7.70
C PRO A 36 17.82 -3.19 -6.44
N GLN A 37 17.93 -2.35 -5.41
CA GLN A 37 17.24 -2.61 -4.14
C GLN A 37 15.75 -2.31 -4.28
N ILE A 38 15.44 -1.22 -4.97
CA ILE A 38 14.07 -0.81 -5.18
C ILE A 38 13.23 -1.98 -5.70
N GLN A 39 13.32 -2.23 -7.00
CA GLN A 39 12.59 -3.33 -7.61
C GLN A 39 12.72 -4.60 -6.77
N ALA A 40 13.83 -4.71 -6.06
CA ALA A 40 14.09 -5.87 -5.20
C ALA A 40 12.89 -6.11 -4.28
N PHE A 41 12.53 -5.09 -3.52
CA PHE A 41 11.41 -5.20 -2.59
C PHE A 41 10.11 -5.43 -3.37
N ILE A 42 10.06 -4.91 -4.60
CA ILE A 42 8.89 -5.07 -5.44
C ILE A 42 8.67 -6.53 -5.79
N GLN A 43 9.78 -7.21 -6.10
CA GLN A 43 9.73 -8.63 -6.46
C GLN A 43 9.70 -9.51 -5.21
N SER A 44 10.13 -8.95 -4.08
CA SER A 44 10.16 -9.69 -2.82
C SER A 44 8.86 -10.48 -2.61
N GLY A 45 7.74 -9.90 -3.03
CA GLY A 45 6.46 -10.57 -2.90
C GLY A 45 5.57 -9.92 -1.85
N ARG A 46 6.16 -9.10 -0.98
CA ARG A 46 5.41 -8.43 0.08
C ARG A 46 4.36 -7.47 -0.50
N PRO A 47 4.74 -6.66 -1.51
CA PRO A 47 3.81 -5.70 -2.12
C PRO A 47 2.60 -6.40 -2.72
N ALA A 48 2.76 -7.67 -3.05
CA ALA A 48 1.67 -8.45 -3.61
C ALA A 48 0.52 -8.50 -2.62
N LYS A 49 0.86 -8.53 -1.34
CA LYS A 49 -0.13 -8.58 -0.27
C LYS A 49 -0.80 -7.22 -0.07
N PHE A 50 -0.24 -6.17 -0.68
CA PHE A 50 -0.80 -4.83 -0.56
C PHE A 50 -1.69 -4.51 -1.76
N PRO A 51 -3.01 -4.72 -1.62
CA PRO A 51 -3.96 -4.45 -2.70
C PRO A 51 -3.98 -2.98 -3.09
N ASN A 52 -4.04 -2.11 -2.09
CA ASN A 52 -4.03 -0.68 -2.31
C ASN A 52 -2.84 -0.24 -3.16
N LEU A 53 -1.79 -1.06 -3.14
CA LEU A 53 -0.58 -0.77 -3.89
C LEU A 53 -0.64 -1.42 -5.28
N GLN A 54 -0.47 -0.60 -6.30
CA GLN A 54 -0.55 -1.05 -7.69
C GLN A 54 0.73 -1.72 -8.19
N ILE A 55 1.88 -1.08 -8.00
CA ILE A 55 3.14 -1.62 -8.48
C ILE A 55 3.14 -1.68 -10.01
N LYS A 56 3.19 -0.52 -10.65
CA LYS A 56 3.17 -0.46 -12.11
C LYS A 56 4.58 -0.36 -12.67
N TYR A 57 4.75 -0.89 -13.88
CA TYR A 57 6.04 -0.86 -14.56
C TYR A 57 5.93 0.04 -15.78
N VAL A 58 5.74 1.32 -15.49
CA VAL A 58 5.59 2.35 -16.49
C VAL A 58 6.44 2.09 -17.74
N ARG A 59 6.03 2.69 -18.87
CA ARG A 59 6.73 2.52 -20.13
C ARG A 59 8.24 2.73 -19.97
N GLY A 60 8.63 3.83 -19.34
CA GLY A 60 10.04 4.12 -19.15
C GLY A 60 10.30 5.46 -18.49
N LEU A 61 9.95 5.57 -17.22
CA LEU A 61 10.13 6.80 -16.47
C LEU A 61 11.00 6.54 -15.24
N ASP A 62 11.00 7.50 -14.32
CA ASP A 62 11.78 7.37 -13.09
C ASP A 62 10.91 6.79 -11.97
N PRO A 63 11.52 6.03 -11.05
CA PRO A 63 10.81 5.42 -9.93
C PRO A 63 10.18 6.45 -9.00
N VAL A 64 8.86 6.47 -8.94
CA VAL A 64 8.13 7.42 -8.09
C VAL A 64 7.01 6.74 -7.34
N VAL A 65 6.64 7.33 -6.20
CA VAL A 65 5.58 6.80 -5.37
C VAL A 65 4.32 7.65 -5.54
N LYS A 66 3.44 7.23 -6.43
CA LYS A 66 2.22 7.97 -6.71
C LYS A 66 1.05 7.52 -5.84
N LEU A 67 0.72 8.32 -4.84
CA LEU A 67 -0.41 8.02 -3.98
C LEU A 67 -1.64 8.60 -4.65
N LEU A 68 -2.74 7.86 -4.66
CA LEU A 68 -3.94 8.33 -5.33
C LEU A 68 -5.19 8.15 -4.47
N ASP A 69 -6.34 8.48 -5.06
CA ASP A 69 -7.61 8.35 -4.37
C ASP A 69 -8.48 7.30 -5.05
N ALA A 70 -8.63 7.42 -6.36
CA ALA A 70 -9.45 6.48 -7.12
C ALA A 70 -9.55 6.88 -8.59
N SER A 71 -10.05 8.09 -8.82
CA SER A 71 -10.22 8.60 -10.19
C SER A 71 -8.88 8.96 -10.82
N GLY A 72 -7.87 9.18 -9.99
CA GLY A 72 -6.55 9.52 -10.50
C GLY A 72 -6.05 10.87 -9.99
N LYS A 73 -6.55 11.28 -8.82
CA LYS A 73 -6.15 12.55 -8.22
C LYS A 73 -4.63 12.62 -8.06
N VAL A 74 -4.06 11.60 -7.43
CA VAL A 74 -2.63 11.54 -7.19
C VAL A 74 -2.22 12.46 -6.04
N GLN A 75 -2.65 12.10 -4.84
CA GLN A 75 -2.37 12.88 -3.64
C GLN A 75 -0.88 13.22 -3.49
N GLU A 76 0.00 12.24 -3.68
CA GLU A 76 1.43 12.49 -3.54
C GLU A 76 2.26 11.82 -4.62
N THR A 77 3.38 12.46 -4.97
CA THR A 77 4.30 11.94 -5.97
C THR A 77 5.73 12.26 -5.54
N LEU A 78 6.40 11.28 -4.93
CA LEU A 78 7.76 11.48 -4.45
C LEU A 78 8.74 10.58 -5.18
N SER A 79 9.79 11.17 -5.75
CA SER A 79 10.79 10.41 -6.48
C SER A 79 11.63 9.58 -5.53
N ILE A 80 11.64 8.27 -5.74
CA ILE A 80 12.40 7.35 -4.90
C ILE A 80 13.61 6.79 -5.63
N THR A 81 14.31 7.65 -6.36
CA THR A 81 15.48 7.24 -7.11
C THR A 81 16.60 6.78 -6.19
N LYS A 82 16.74 7.43 -5.04
CA LYS A 82 17.77 7.08 -4.08
C LYS A 82 17.21 7.11 -2.65
N TRP A 83 16.90 8.31 -2.16
CA TRP A 83 16.34 8.51 -0.82
C TRP A 83 16.86 7.49 0.20
N ASN A 84 16.19 6.34 0.29
CA ASN A 84 16.57 5.31 1.24
C ASN A 84 15.94 3.94 0.93
N THR A 85 14.84 3.94 0.16
CA THR A 85 14.16 2.69 -0.20
C THR A 85 13.91 1.83 1.03
N ASP A 86 13.56 0.57 0.81
CA ASP A 86 13.28 -0.35 1.92
C ASP A 86 12.12 0.18 2.76
N THR A 87 12.41 1.16 3.62
CA THR A 87 11.38 1.77 4.44
C THR A 87 10.22 2.20 3.55
N VAL A 88 10.52 2.47 2.28
CA VAL A 88 9.50 2.87 1.32
C VAL A 88 8.46 1.76 1.21
N GLU A 89 8.94 0.52 1.09
CA GLU A 89 8.05 -0.63 1.00
C GLU A 89 7.06 -0.58 2.16
N GLU A 90 7.55 -0.17 3.31
CA GLU A 90 6.71 -0.04 4.50
C GLU A 90 5.79 1.16 4.34
N PHE A 91 6.28 2.16 3.62
CA PHE A 91 5.51 3.38 3.36
C PHE A 91 4.10 3.04 2.92
N PHE A 92 4.00 2.07 2.02
CA PHE A 92 2.71 1.62 1.50
C PHE A 92 1.97 0.75 2.51
N GLU A 93 2.55 -0.41 2.84
CA GLU A 93 1.93 -1.33 3.77
C GLU A 93 1.40 -0.62 5.01
N THR A 94 2.00 0.52 5.34
CA THR A 94 1.58 1.29 6.51
C THR A 94 0.54 2.35 6.14
N HIS A 95 0.85 3.15 5.13
CA HIS A 95 -0.06 4.21 4.69
C HIS A 95 -1.28 3.64 3.97
N LEU A 96 -1.20 2.38 3.55
CA LEU A 96 -2.30 1.74 2.85
C LEU A 96 -3.16 0.94 3.83
N ALA A 97 -4.17 0.26 3.29
CA ALA A 97 -5.08 -0.53 4.10
C ALA A 97 -5.21 -1.95 3.55
N LYS A 98 -5.96 -2.79 4.26
CA LYS A 98 -6.17 -4.17 3.83
C LYS A 98 -7.64 -4.43 3.51
N ASP A 99 -8.14 -3.74 2.48
CA ASP A 99 -9.53 -3.89 2.06
C ASP A 99 -10.50 -3.51 3.17
N GLY A 100 -10.70 -4.42 4.12
CA GLY A 100 -11.61 -4.17 5.22
C GLY A 100 -11.16 -4.82 6.51
N ALA A 101 -12.11 -5.06 7.41
CA ALA A 101 -11.81 -5.69 8.69
C ALA A 101 -12.88 -6.72 9.06
N GLY A 102 -12.45 -7.97 9.20
CA GLY A 102 -13.39 -9.03 9.55
C GLY A 102 -14.56 -9.11 8.58
N LYS A 103 -14.28 -8.88 7.31
CA LYS A 103 -15.32 -8.93 6.27
C LYS A 103 -14.75 -9.43 4.95
N ASN A 104 -15.51 -10.28 4.27
CA ASN A 104 -15.09 -10.83 2.99
C ASN A 104 -16.25 -10.87 2.00
N SER A 105 -17.28 -11.64 2.34
CA SER A 105 -18.45 -11.76 1.48
C SER A 105 -19.71 -11.95 2.32
N TYR A 106 -19.80 -13.06 3.03
CA TYR A 106 -20.95 -13.35 3.88
C TYR A 106 -20.58 -14.34 4.98
N SER A 107 -19.33 -14.25 5.44
CA SER A 107 -18.84 -15.12 6.51
C SER A 107 -18.77 -16.57 6.06
N VAL A 108 -18.38 -17.44 6.97
CA VAL A 108 -18.26 -18.87 6.69
C VAL A 108 -19.55 -19.42 6.09
N VAL A 109 -19.55 -20.72 5.81
CA VAL A 109 -20.70 -21.40 5.24
C VAL A 109 -21.02 -22.68 5.99
N GLU A 110 -22.06 -22.65 6.81
CA GLU A 110 -22.45 -23.81 7.59
C GLU A 110 -23.08 -24.87 6.70
N ASP A 111 -22.69 -26.13 6.92
CA ASP A 111 -23.21 -27.24 6.15
C ASP A 111 -24.48 -27.79 6.77
N ALA A 112 -25.47 -28.09 5.93
CA ALA A 112 -26.75 -28.62 6.40
C ALA A 112 -26.80 -30.13 6.23
N ASP A 113 -27.80 -30.76 6.84
CA ASP A 113 -27.97 -32.20 6.76
C ASP A 113 -29.29 -32.64 7.37
N GLY A 114 -30.26 -32.95 6.52
CA GLY A 114 -31.56 -33.38 7.00
C GLY A 114 -32.41 -34.00 5.91
N ASP A 115 -32.51 -35.32 5.91
CA ASP A 115 -33.29 -36.03 4.93
C ASP A 115 -34.77 -36.09 5.33
N ASP A 116 -35.61 -35.47 4.52
CA ASP A 116 -37.05 -35.44 4.80
C ASP A 116 -37.85 -35.93 3.60
N ASP A 117 -37.28 -36.91 2.88
CA ASP A 117 -37.94 -37.47 1.72
C ASP A 117 -39.35 -37.95 2.06
N GLU A 118 -39.46 -38.71 3.15
CA GLU A 118 -40.73 -39.24 3.62
C GLU A 118 -41.64 -39.67 2.45
N ASP A 119 -41.38 -40.86 1.91
CA ASP A 119 -42.16 -41.39 0.81
C ASP A 119 -42.77 -42.75 1.14
N TYR A 120 -42.69 -43.15 2.40
CA TYR A 120 -43.23 -44.42 2.84
C TYR A 120 -44.67 -44.59 2.37
N LEU A 121 -45.14 -45.82 2.44
CA LEU A 121 -46.50 -46.15 2.03
C LEU A 121 -47.35 -46.56 3.23
N ARG A 122 -47.98 -45.59 3.87
CA ARG A 122 -48.83 -45.86 5.03
C ARG A 122 -50.17 -46.44 4.58
N THR A 123 -50.61 -46.05 3.38
CA THR A 123 -51.87 -46.53 2.82
C THR A 123 -53.05 -46.09 3.67
N ASN A 124 -53.23 -46.74 4.82
CA ASN A 124 -54.34 -46.41 5.72
C ASN A 124 -54.34 -47.32 6.94
N ARG A 125 -54.61 -48.60 6.72
CA ARG A 125 -54.65 -49.57 7.81
C ARG A 125 -53.26 -49.79 8.40
N ILE A 126 -52.85 -48.90 9.29
CA ILE A 126 -51.54 -48.99 9.93
C ILE A 126 -51.56 -48.31 11.30
N MET A 1 14.14 33.97 1.68
CA MET A 1 12.66 33.91 1.65
C MET A 1 12.19 32.50 1.32
N ALA A 2 10.94 32.20 1.68
CA ALA A 2 10.36 30.88 1.42
C ALA A 2 8.91 30.83 1.85
N SER A 3 8.14 29.94 1.21
CA SER A 3 6.72 29.79 1.53
C SER A 3 5.95 31.05 1.17
N HIS A 4 5.72 31.26 -0.13
CA HIS A 4 4.98 32.42 -0.60
C HIS A 4 4.26 32.11 -1.90
N HIS A 5 2.93 32.24 -1.89
CA HIS A 5 2.13 31.97 -3.07
C HIS A 5 2.23 30.50 -3.45
N HIS A 6 1.39 30.09 -4.40
CA HIS A 6 1.38 28.70 -4.86
C HIS A 6 0.93 27.76 -3.76
N HIS A 7 1.80 27.53 -2.79
CA HIS A 7 1.50 26.66 -1.66
C HIS A 7 1.23 25.22 -2.14
N HIS A 8 2.27 24.38 -2.05
CA HIS A 8 2.15 22.99 -2.48
C HIS A 8 3.20 22.12 -1.80
N HIS A 9 2.77 21.35 -0.81
CA HIS A 9 3.68 20.47 -0.07
C HIS A 9 2.93 19.67 0.98
N LEU A 10 2.45 20.35 2.01
CA LEU A 10 1.70 19.70 3.08
C LEU A 10 2.48 18.52 3.66
N ASP A 11 3.10 18.74 4.81
CA ASP A 11 3.89 17.70 5.46
C ASP A 11 3.89 17.89 6.98
N GLN A 12 3.13 17.06 7.67
CA GLN A 12 3.04 17.13 9.13
C GLN A 12 2.67 15.77 9.72
N GLN A 13 1.47 15.31 9.41
CA GLN A 13 0.99 14.02 9.90
C GLN A 13 0.83 14.04 11.42
N PRO A 14 -0.34 13.60 11.93
CA PRO A 14 -0.61 13.58 13.37
C PRO A 14 0.02 12.36 14.06
N ALA A 15 -0.41 12.09 15.29
CA ALA A 15 0.12 10.95 16.03
C ALA A 15 -0.24 9.64 15.35
N ALA A 16 -1.51 9.45 15.06
CA ALA A 16 -1.98 8.24 14.39
C ALA A 16 -1.65 8.28 12.91
N GLN A 17 -2.26 7.37 12.16
CA GLN A 17 -2.02 7.29 10.73
C GLN A 17 -3.27 7.67 9.93
N ARG A 18 -3.06 8.20 8.74
CA ARG A 18 -4.16 8.60 7.87
C ARG A 18 -4.13 7.81 6.57
N THR A 19 -4.15 6.48 6.69
CA THR A 19 -4.10 5.58 5.55
C THR A 19 -4.87 6.10 4.34
N TYR A 20 -4.53 5.58 3.16
CA TYR A 20 -5.16 5.98 1.91
C TYR A 20 -5.94 4.82 1.30
N ALA A 21 -6.44 5.02 0.09
CA ALA A 21 -7.21 3.99 -0.59
C ALA A 21 -6.55 3.53 -1.89
N LYS A 22 -5.73 4.37 -2.50
CA LYS A 22 -5.07 4.00 -3.74
C LYS A 22 -3.64 4.51 -3.81
N ALA A 23 -2.83 3.86 -4.64
CA ALA A 23 -1.45 4.25 -4.82
C ALA A 23 -0.81 3.43 -5.94
N ILE A 24 0.27 3.94 -6.51
CA ILE A 24 0.96 3.25 -7.60
C ILE A 24 2.46 3.47 -7.58
N LEU A 25 3.20 2.37 -7.63
CA LEU A 25 4.66 2.43 -7.65
C LEU A 25 5.13 2.29 -9.10
N GLU A 26 5.13 3.40 -9.83
CA GLU A 26 5.50 3.39 -11.23
C GLU A 26 7.02 3.35 -11.43
N VAL A 27 7.46 2.28 -12.08
CA VAL A 27 8.88 2.08 -12.39
C VAL A 27 9.03 1.49 -13.78
N CYS A 28 10.25 1.49 -14.30
CA CYS A 28 10.50 0.95 -15.63
C CYS A 28 11.59 -0.13 -15.58
N THR A 29 12.04 -0.47 -14.37
CA THR A 29 13.08 -1.48 -14.20
C THR A 29 14.38 -1.05 -14.89
N CYS A 30 14.48 0.22 -15.26
CA CYS A 30 15.67 0.74 -15.91
C CYS A 30 16.78 0.93 -14.88
N LYS A 31 16.38 1.11 -13.62
CA LYS A 31 17.34 1.30 -12.54
C LYS A 31 17.80 -0.03 -11.94
N PHE A 32 17.56 -1.13 -12.67
CA PHE A 32 17.95 -2.45 -12.21
C PHE A 32 19.43 -2.47 -11.82
N ARG A 33 20.20 -1.57 -12.42
CA ARG A 33 21.63 -1.48 -12.14
C ARG A 33 21.92 -0.53 -10.98
N ALA A 34 21.33 0.66 -11.06
CA ALA A 34 21.53 1.68 -10.03
C ALA A 34 20.79 1.34 -8.74
N TYR A 35 19.48 1.17 -8.85
CA TYR A 35 18.66 0.88 -7.68
C TYR A 35 18.11 -0.55 -7.71
N PRO A 36 18.99 -1.56 -7.75
CA PRO A 36 18.57 -2.96 -7.80
C PRO A 36 17.79 -3.37 -6.54
N GLN A 37 17.86 -2.54 -5.50
CA GLN A 37 17.17 -2.81 -4.24
C GLN A 37 15.68 -2.48 -4.35
N ILE A 38 15.37 -1.37 -5.00
CA ILE A 38 13.98 -0.94 -5.18
C ILE A 38 13.13 -2.10 -5.71
N GLN A 39 13.20 -2.32 -7.03
CA GLN A 39 12.44 -3.41 -7.65
C GLN A 39 12.62 -4.70 -6.87
N ALA A 40 13.74 -4.81 -6.16
CA ALA A 40 14.01 -5.99 -5.35
C ALA A 40 12.82 -6.31 -4.46
N PHE A 41 12.38 -5.32 -3.67
CA PHE A 41 11.24 -5.50 -2.79
C PHE A 41 9.96 -5.65 -3.62
N ILE A 42 9.94 -4.98 -4.78
CA ILE A 42 8.79 -5.04 -5.66
C ILE A 42 8.58 -6.47 -6.16
N GLN A 43 9.69 -7.17 -6.36
CA GLN A 43 9.64 -8.55 -6.82
C GLN A 43 9.63 -9.52 -5.65
N SER A 44 10.03 -9.03 -4.47
CA SER A 44 10.07 -9.86 -3.27
C SER A 44 8.74 -10.57 -3.06
N GLY A 45 7.70 -9.81 -2.75
CA GLY A 45 6.39 -10.40 -2.52
C GLY A 45 5.56 -9.63 -1.52
N ARG A 46 6.22 -8.86 -0.66
CA ARG A 46 5.53 -8.08 0.36
C ARG A 46 4.59 -7.03 -0.27
N PRO A 47 5.06 -6.29 -1.30
CA PRO A 47 4.24 -5.28 -1.96
C PRO A 47 3.09 -5.90 -2.74
N ALA A 48 3.20 -7.18 -3.04
CA ALA A 48 2.16 -7.90 -3.77
C ALA A 48 0.91 -8.04 -2.90
N LYS A 49 1.13 -8.12 -1.59
CA LYS A 49 0.03 -8.25 -0.64
C LYS A 49 -0.72 -6.92 -0.47
N PHE A 50 -0.09 -5.82 -0.89
CA PHE A 50 -0.71 -4.50 -0.77
C PHE A 50 -1.62 -4.22 -1.96
N PRO A 51 -2.95 -4.29 -1.77
CA PRO A 51 -3.93 -4.06 -2.84
C PRO A 51 -3.87 -2.63 -3.39
N ASN A 52 -4.00 -1.65 -2.50
CA ASN A 52 -3.97 -0.25 -2.91
C ASN A 52 -2.70 0.08 -3.68
N LEU A 53 -1.67 -0.74 -3.50
CA LEU A 53 -0.41 -0.52 -4.18
C LEU A 53 -0.39 -1.24 -5.52
N GLN A 54 -0.58 -0.46 -6.58
CA GLN A 54 -0.63 -0.97 -7.94
C GLN A 54 0.66 -1.68 -8.36
N ILE A 55 1.80 -1.03 -8.15
CA ILE A 55 3.08 -1.62 -8.56
C ILE A 55 3.13 -1.76 -10.07
N LYS A 56 3.21 -0.64 -10.78
CA LYS A 56 3.23 -0.67 -12.24
C LYS A 56 4.65 -0.59 -12.79
N TYR A 57 4.83 -1.11 -13.99
CA TYR A 57 6.13 -1.09 -14.65
C TYR A 57 6.06 -0.15 -15.85
N VAL A 58 5.79 1.11 -15.52
CA VAL A 58 5.65 2.19 -16.49
C VAL A 58 6.51 1.99 -17.75
N ARG A 59 6.06 2.60 -18.85
CA ARG A 59 6.74 2.50 -20.13
C ARG A 59 8.25 2.73 -19.99
N GLY A 60 8.63 3.82 -19.32
CA GLY A 60 10.05 4.11 -19.16
C GLY A 60 10.30 5.43 -18.46
N LEU A 61 9.94 5.49 -17.18
CA LEU A 61 10.13 6.70 -16.38
C LEU A 61 10.96 6.39 -15.14
N ASP A 62 10.94 7.30 -14.18
CA ASP A 62 11.68 7.11 -12.93
C ASP A 62 10.78 6.53 -11.84
N PRO A 63 11.36 5.80 -10.88
CA PRO A 63 10.60 5.20 -9.77
C PRO A 63 9.97 6.26 -8.87
N VAL A 64 8.64 6.28 -8.83
CA VAL A 64 7.92 7.24 -8.01
C VAL A 64 6.82 6.57 -7.21
N VAL A 65 6.51 7.15 -6.05
CA VAL A 65 5.49 6.64 -5.17
C VAL A 65 4.24 7.51 -5.23
N LYS A 66 3.21 7.03 -5.91
CA LYS A 66 1.98 7.77 -6.07
C LYS A 66 0.94 7.32 -5.05
N LEU A 67 0.67 8.18 -4.06
CA LEU A 67 -0.32 7.88 -3.03
C LEU A 67 -1.68 8.51 -3.35
N LEU A 68 -2.43 7.87 -4.24
CA LEU A 68 -3.74 8.36 -4.65
C LEU A 68 -4.83 7.98 -3.67
N ASP A 69 -6.07 8.25 -4.06
CA ASP A 69 -7.23 7.94 -3.25
C ASP A 69 -8.15 6.98 -4.00
N ALA A 70 -8.58 7.40 -5.19
CA ALA A 70 -9.47 6.58 -6.01
C ALA A 70 -9.86 7.30 -7.29
N SER A 71 -10.05 8.62 -7.19
CA SER A 71 -10.45 9.42 -8.34
C SER A 71 -9.24 9.89 -9.15
N GLY A 72 -8.07 9.84 -8.53
CA GLY A 72 -6.86 10.27 -9.22
C GLY A 72 -6.26 11.53 -8.60
N LYS A 73 -6.51 11.71 -7.31
CA LYS A 73 -6.01 12.86 -6.58
C LYS A 73 -4.49 12.83 -6.48
N VAL A 74 -3.94 11.69 -6.10
CA VAL A 74 -2.49 11.54 -5.96
C VAL A 74 -1.96 12.39 -4.81
N GLN A 75 -2.23 11.92 -3.60
CA GLN A 75 -1.80 12.62 -2.40
C GLN A 75 -0.30 12.89 -2.41
N GLU A 76 0.50 11.84 -2.62
CA GLU A 76 1.94 12.01 -2.64
C GLU A 76 2.61 11.37 -3.86
N THR A 77 3.59 12.07 -4.41
CA THR A 77 4.35 11.60 -5.55
C THR A 77 5.83 11.90 -5.31
N LEU A 78 6.56 10.92 -4.79
CA LEU A 78 7.96 11.12 -4.47
C LEU A 78 8.89 10.26 -5.33
N SER A 79 9.83 10.91 -6.01
CA SER A 79 10.78 10.19 -6.85
C SER A 79 11.77 9.46 -5.96
N ILE A 80 11.39 8.25 -5.55
CA ILE A 80 12.23 7.44 -4.66
C ILE A 80 13.65 7.27 -5.18
N THR A 81 13.83 6.46 -6.23
CA THR A 81 15.15 6.23 -6.81
C THR A 81 16.13 5.70 -5.75
N LYS A 82 16.70 6.61 -4.96
CA LYS A 82 17.62 6.24 -3.91
C LYS A 82 17.01 6.62 -2.56
N TRP A 83 16.81 7.93 -2.37
CA TRP A 83 16.21 8.47 -1.14
C TRP A 83 16.50 7.64 0.11
N ASN A 84 15.69 6.62 0.34
CA ASN A 84 15.84 5.77 1.53
C ASN A 84 15.61 4.30 1.19
N THR A 85 14.68 4.03 0.28
CA THR A 85 14.35 2.66 -0.11
C THR A 85 14.07 1.80 1.12
N ASP A 86 13.70 0.54 0.91
CA ASP A 86 13.38 -0.35 2.02
C ASP A 86 12.22 0.22 2.82
N THR A 87 12.51 1.20 3.66
CA THR A 87 11.47 1.86 4.45
C THR A 87 10.34 2.29 3.52
N VAL A 88 10.70 2.56 2.26
CA VAL A 88 9.70 2.93 1.26
C VAL A 88 8.64 1.85 1.18
N GLU A 89 9.09 0.60 1.16
CA GLU A 89 8.18 -0.54 1.12
C GLU A 89 7.16 -0.40 2.23
N GLU A 90 7.63 0.00 3.39
CA GLU A 90 6.76 0.23 4.54
C GLU A 90 5.90 1.46 4.31
N PHE A 91 6.46 2.41 3.58
CA PHE A 91 5.75 3.66 3.26
C PHE A 91 4.34 3.37 2.78
N PHE A 92 4.22 2.38 1.90
CA PHE A 92 2.93 1.98 1.35
C PHE A 92 2.13 1.17 2.36
N GLU A 93 2.64 0.01 2.75
CA GLU A 93 1.95 -0.86 3.69
C GLU A 93 1.41 -0.09 4.89
N THR A 94 2.06 1.01 5.23
CA THR A 94 1.65 1.84 6.35
C THR A 94 0.64 2.91 5.92
N HIS A 95 0.79 3.39 4.69
CA HIS A 95 -0.10 4.41 4.17
C HIS A 95 -1.30 3.79 3.45
N LEU A 96 -1.25 2.48 3.20
CA LEU A 96 -2.33 1.79 2.53
C LEU A 96 -3.08 0.89 3.49
N ALA A 97 -4.10 0.21 2.99
CA ALA A 97 -4.91 -0.68 3.81
C ALA A 97 -4.96 -2.08 3.23
N LYS A 98 -4.72 -3.08 4.08
CA LYS A 98 -4.75 -4.48 3.65
C LYS A 98 -6.16 -4.93 3.28
N ASP A 99 -7.16 -4.10 3.58
CA ASP A 99 -8.55 -4.43 3.28
C ASP A 99 -9.04 -5.56 4.18
N GLY A 100 -9.32 -5.22 5.43
CA GLY A 100 -9.80 -6.22 6.37
C GLY A 100 -10.42 -5.61 7.61
N ALA A 101 -11.47 -6.24 8.12
CA ALA A 101 -12.16 -5.77 9.31
C ALA A 101 -12.47 -6.91 10.26
N GLY A 102 -13.27 -7.86 9.79
CA GLY A 102 -13.64 -9.00 10.61
C GLY A 102 -12.72 -10.19 10.38
N LYS A 103 -13.08 -11.02 9.40
CA LYS A 103 -12.29 -12.19 9.06
C LYS A 103 -12.22 -13.17 10.24
N ASN A 104 -12.47 -14.44 9.96
CA ASN A 104 -12.45 -15.47 11.00
C ASN A 104 -11.00 -15.88 11.30
N SER A 105 -10.64 -15.87 12.58
CA SER A 105 -9.30 -16.24 13.01
C SER A 105 -9.29 -17.61 13.67
N TYR A 106 -10.35 -17.92 14.42
CA TYR A 106 -10.45 -19.20 15.11
C TYR A 106 -10.74 -20.33 14.11
N SER A 107 -10.22 -21.51 14.42
CA SER A 107 -10.41 -22.67 13.55
C SER A 107 -11.85 -23.18 13.64
N VAL A 108 -12.13 -23.91 14.72
CA VAL A 108 -13.46 -24.47 14.92
C VAL A 108 -13.98 -24.16 16.33
N VAL A 109 -15.21 -24.57 16.60
CA VAL A 109 -15.81 -24.34 17.91
C VAL A 109 -16.42 -25.63 18.45
N GLU A 110 -16.04 -26.01 19.66
CA GLU A 110 -16.55 -27.20 20.30
C GLU A 110 -17.98 -27.01 20.76
N ASP A 111 -18.51 -27.98 21.49
CA ASP A 111 -19.87 -27.91 22.00
C ASP A 111 -20.11 -26.61 22.76
N ALA A 112 -20.66 -25.61 22.08
CA ALA A 112 -20.92 -24.32 22.69
C ALA A 112 -22.33 -23.83 22.35
N ASP A 113 -22.68 -22.65 22.85
CA ASP A 113 -23.99 -22.08 22.60
C ASP A 113 -23.90 -20.56 22.47
N GLY A 114 -24.95 -19.96 21.93
CA GLY A 114 -24.97 -18.51 21.75
C GLY A 114 -24.71 -17.77 23.04
N ASP A 115 -24.95 -16.46 23.02
CA ASP A 115 -24.74 -15.63 24.20
C ASP A 115 -25.57 -16.14 25.38
N ASP A 116 -25.13 -15.80 26.59
CA ASP A 116 -25.83 -16.23 27.80
C ASP A 116 -26.93 -15.23 28.17
N ASP A 117 -28.15 -15.74 28.30
CA ASP A 117 -29.29 -14.91 28.64
C ASP A 117 -30.57 -15.73 28.70
N GLU A 118 -30.75 -16.60 27.71
CA GLU A 118 -31.93 -17.46 27.64
C GLU A 118 -31.75 -18.69 28.51
N ASP A 119 -32.43 -18.71 29.65
CA ASP A 119 -32.35 -19.84 30.58
C ASP A 119 -32.86 -21.13 29.96
N TYR A 120 -33.57 -21.01 28.84
CA TYR A 120 -34.12 -22.18 28.15
C TYR A 120 -34.84 -23.11 29.11
N LEU A 121 -34.11 -24.06 29.68
CA LEU A 121 -34.70 -25.02 30.62
C LEU A 121 -33.73 -25.33 31.75
N ARG A 122 -32.49 -25.62 31.40
CA ARG A 122 -31.46 -25.94 32.38
C ARG A 122 -30.36 -24.88 32.39
N THR A 123 -29.57 -24.86 33.46
CA THR A 123 -28.48 -23.91 33.59
C THR A 123 -27.35 -24.47 34.45
N ASN A 124 -26.68 -25.50 33.94
CA ASN A 124 -25.58 -26.13 34.66
C ASN A 124 -24.35 -26.25 33.77
N ARG A 125 -24.44 -27.11 32.76
CA ARG A 125 -23.33 -27.33 31.82
C ARG A 125 -22.00 -27.46 32.56
N ILE A 126 -21.69 -28.66 33.03
CA ILE A 126 -20.45 -28.91 33.74
C ILE A 126 -20.26 -27.91 34.88
N MET A 1 6.47 13.35 26.35
CA MET A 1 5.20 13.68 25.65
C MET A 1 4.00 13.43 26.56
N ALA A 2 3.12 14.42 26.66
CA ALA A 2 1.94 14.30 27.50
C ALA A 2 2.29 13.82 28.90
N SER A 3 3.15 14.58 29.57
CA SER A 3 3.59 14.22 30.92
C SER A 3 3.60 15.45 31.84
N HIS A 4 4.48 16.39 31.54
CA HIS A 4 4.57 17.62 32.33
C HIS A 4 4.47 18.86 31.44
N HIS A 5 4.67 20.02 32.04
CA HIS A 5 4.60 21.28 31.29
C HIS A 5 5.49 21.23 30.06
N HIS A 6 5.35 22.25 29.21
CA HIS A 6 6.14 22.33 27.98
C HIS A 6 6.44 23.78 27.61
N HIS A 7 7.71 24.17 27.71
CA HIS A 7 8.12 25.53 27.39
C HIS A 7 8.81 25.58 26.04
N HIS A 8 8.12 25.10 25.00
CA HIS A 8 8.66 25.10 23.65
C HIS A 8 7.59 24.74 22.64
N HIS A 9 6.81 23.70 22.95
CA HIS A 9 5.74 23.26 22.06
C HIS A 9 4.44 23.98 22.40
N LEU A 10 3.80 24.56 21.38
CA LEU A 10 2.56 25.29 21.57
C LEU A 10 1.36 24.42 21.18
N ASP A 11 1.59 23.46 20.28
CA ASP A 11 0.52 22.58 19.83
C ASP A 11 0.78 21.14 20.28
N GLN A 12 -0.26 20.51 20.83
CA GLN A 12 -0.16 19.13 21.31
C GLN A 12 -1.21 18.26 20.64
N GLN A 13 -1.17 18.20 19.32
CA GLN A 13 -2.12 17.40 18.55
C GLN A 13 -1.68 15.94 18.49
N PRO A 14 -2.59 15.05 18.09
CA PRO A 14 -2.30 13.62 17.99
C PRO A 14 -1.15 13.34 17.03
N ALA A 15 -0.95 12.06 16.71
CA ALA A 15 0.11 11.67 15.80
C ALA A 15 0.02 10.19 15.43
N ALA A 16 -1.09 9.82 14.78
CA ALA A 16 -1.29 8.42 14.38
C ALA A 16 -0.94 8.22 12.92
N GLN A 17 -0.82 6.96 12.51
CA GLN A 17 -0.48 6.64 11.13
C GLN A 17 -1.39 7.38 10.15
N ARG A 18 -1.13 7.19 8.86
CA ARG A 18 -1.93 7.83 7.82
C ARG A 18 -2.08 6.87 6.64
N THR A 19 -3.33 6.57 6.28
CA THR A 19 -3.60 5.67 5.18
C THR A 19 -4.08 6.40 3.94
N TYR A 20 -4.12 5.67 2.84
CA TYR A 20 -4.57 6.21 1.56
C TYR A 20 -5.54 5.26 0.89
N ALA A 21 -6.31 5.79 -0.07
CA ALA A 21 -7.30 4.98 -0.78
C ALA A 21 -6.67 4.22 -1.95
N LYS A 22 -5.61 4.77 -2.52
CA LYS A 22 -4.93 4.13 -3.64
C LYS A 22 -3.52 4.67 -3.82
N ALA A 23 -2.68 3.89 -4.48
CA ALA A 23 -1.31 4.31 -4.74
C ALA A 23 -0.70 3.46 -5.85
N ILE A 24 0.36 3.99 -6.48
CA ILE A 24 1.00 3.27 -7.57
C ILE A 24 2.52 3.48 -7.60
N LEU A 25 3.25 2.37 -7.65
CA LEU A 25 4.70 2.41 -7.71
C LEU A 25 5.14 2.26 -9.16
N GLU A 26 5.15 3.36 -9.90
CA GLU A 26 5.52 3.33 -11.30
C GLU A 26 7.04 3.34 -11.51
N VAL A 27 7.52 2.31 -12.19
CA VAL A 27 8.93 2.17 -12.50
C VAL A 27 9.12 1.53 -13.87
N CYS A 28 10.34 1.59 -14.39
CA CYS A 28 10.62 1.00 -15.69
C CYS A 28 11.70 -0.09 -15.59
N THR A 29 12.13 -0.37 -14.37
CA THR A 29 13.15 -1.39 -14.14
C THR A 29 14.46 -1.02 -14.82
N CYS A 30 14.59 0.24 -15.24
CA CYS A 30 15.80 0.73 -15.89
C CYS A 30 16.90 0.92 -14.84
N LYS A 31 16.48 1.17 -13.60
CA LYS A 31 17.42 1.37 -12.50
C LYS A 31 17.84 0.06 -11.85
N PHE A 32 17.54 -1.06 -12.52
CA PHE A 32 17.90 -2.37 -11.99
C PHE A 32 19.36 -2.42 -11.60
N ARG A 33 20.17 -1.60 -12.26
CA ARG A 33 21.61 -1.56 -11.99
C ARG A 33 21.92 -0.60 -10.85
N ALA A 34 21.46 0.63 -10.98
CA ALA A 34 21.70 1.66 -9.98
C ALA A 34 20.90 1.42 -8.70
N TYR A 35 19.58 1.28 -8.84
CA TYR A 35 18.71 1.08 -7.69
C TYR A 35 18.11 -0.33 -7.69
N PRO A 36 18.97 -1.37 -7.62
CA PRO A 36 18.52 -2.76 -7.60
C PRO A 36 17.73 -3.12 -6.36
N GLN A 37 17.82 -2.28 -5.33
CA GLN A 37 17.10 -2.51 -4.08
C GLN A 37 15.61 -2.24 -4.26
N ILE A 38 15.30 -1.18 -4.99
CA ILE A 38 13.92 -0.80 -5.24
C ILE A 38 13.11 -1.98 -5.74
N GLN A 39 13.21 -2.27 -7.04
CA GLN A 39 12.50 -3.40 -7.63
C GLN A 39 12.65 -4.65 -6.75
N ALA A 40 13.73 -4.72 -6.01
CA ALA A 40 13.98 -5.83 -5.11
C ALA A 40 12.78 -6.07 -4.20
N PHE A 41 12.41 -5.03 -3.46
CA PHE A 41 11.25 -5.12 -2.56
C PHE A 41 9.98 -5.26 -3.37
N ILE A 42 9.98 -4.71 -4.58
CA ILE A 42 8.82 -4.78 -5.45
C ILE A 42 8.53 -6.21 -5.87
N GLN A 43 9.60 -6.98 -6.09
CA GLN A 43 9.47 -8.37 -6.49
C GLN A 43 9.53 -9.30 -5.28
N SER A 44 9.97 -8.77 -4.14
CA SER A 44 10.08 -9.57 -2.92
C SER A 44 8.79 -10.33 -2.65
N GLY A 45 7.65 -9.68 -2.90
CA GLY A 45 6.36 -10.31 -2.67
C GLY A 45 5.51 -9.58 -1.66
N ARG A 46 6.13 -8.70 -0.88
CA ARG A 46 5.41 -7.93 0.13
C ARG A 46 4.36 -7.02 -0.49
N PRO A 47 4.69 -6.32 -1.60
CA PRO A 47 3.75 -5.41 -2.26
C PRO A 47 2.53 -6.15 -2.79
N ALA A 48 2.71 -7.43 -3.11
CA ALA A 48 1.61 -8.24 -3.61
C ALA A 48 0.49 -8.29 -2.59
N LYS A 49 0.86 -8.23 -1.32
CA LYS A 49 -0.10 -8.25 -0.23
C LYS A 49 -0.80 -6.89 -0.07
N PHE A 50 -0.25 -5.86 -0.69
CA PHE A 50 -0.83 -4.52 -0.61
C PHE A 50 -1.78 -4.26 -1.78
N PRO A 51 -3.10 -4.40 -1.56
CA PRO A 51 -4.10 -4.18 -2.61
C PRO A 51 -4.10 -2.74 -3.10
N ASN A 52 -4.16 -1.80 -2.17
CA ASN A 52 -4.17 -0.38 -2.51
C ASN A 52 -2.99 -0.04 -3.41
N LEU A 53 -1.92 -0.81 -3.28
CA LEU A 53 -0.71 -0.59 -4.06
C LEU A 53 -0.82 -1.27 -5.42
N GLN A 54 -0.46 -0.53 -6.47
CA GLN A 54 -0.54 -1.03 -7.84
C GLN A 54 0.74 -1.75 -8.28
N ILE A 55 1.88 -1.10 -8.11
CA ILE A 55 3.16 -1.69 -8.52
C ILE A 55 3.16 -1.90 -10.03
N LYS A 56 3.36 -0.81 -10.77
CA LYS A 56 3.36 -0.89 -12.23
C LYS A 56 4.77 -0.73 -12.80
N TYR A 57 4.97 -1.24 -14.00
CA TYR A 57 6.25 -1.14 -14.68
C TYR A 57 6.11 -0.20 -15.85
N VAL A 58 5.82 1.05 -15.51
CA VAL A 58 5.60 2.12 -16.47
C VAL A 58 6.42 1.98 -17.75
N ARG A 59 5.90 2.54 -18.83
CA ARG A 59 6.56 2.49 -20.14
C ARG A 59 8.06 2.73 -20.03
N GLY A 60 8.44 3.79 -19.35
CA GLY A 60 9.85 4.12 -19.20
C GLY A 60 10.09 5.45 -18.53
N LEU A 61 9.77 5.53 -17.25
CA LEU A 61 9.94 6.76 -16.49
C LEU A 61 10.83 6.52 -15.27
N ASP A 62 10.82 7.47 -14.33
CA ASP A 62 11.62 7.35 -13.13
C ASP A 62 10.78 6.76 -11.99
N PRO A 63 11.41 6.03 -11.07
CA PRO A 63 10.73 5.41 -9.93
C PRO A 63 10.08 6.44 -9.02
N VAL A 64 8.75 6.42 -8.95
CA VAL A 64 8.01 7.34 -8.10
C VAL A 64 6.86 6.65 -7.38
N VAL A 65 6.45 7.24 -6.26
CA VAL A 65 5.36 6.70 -5.47
C VAL A 65 4.16 7.63 -5.54
N LYS A 66 3.13 7.20 -6.25
CA LYS A 66 1.93 8.02 -6.40
C LYS A 66 0.78 7.45 -5.59
N LEU A 67 0.44 8.13 -4.48
CA LEU A 67 -0.65 7.69 -3.61
C LEU A 67 -1.93 8.40 -3.99
N LEU A 68 -2.65 7.83 -4.94
CA LEU A 68 -3.89 8.41 -5.42
C LEU A 68 -5.08 8.07 -4.53
N ASP A 69 -6.26 8.41 -5.01
CA ASP A 69 -7.49 8.14 -4.28
C ASP A 69 -8.40 7.21 -5.08
N ALA A 70 -8.75 7.61 -6.30
CA ALA A 70 -9.62 6.82 -7.15
C ALA A 70 -9.71 7.38 -8.57
N SER A 71 -10.21 8.60 -8.68
CA SER A 71 -10.38 9.25 -9.98
C SER A 71 -9.04 9.74 -10.54
N GLY A 72 -8.07 9.93 -9.65
CA GLY A 72 -6.77 10.39 -10.08
C GLY A 72 -6.31 11.62 -9.33
N LYS A 73 -6.55 11.61 -8.02
CA LYS A 73 -6.16 12.72 -7.16
C LYS A 73 -4.64 12.78 -6.99
N VAL A 74 -4.04 11.65 -6.68
CA VAL A 74 -2.59 11.58 -6.50
C VAL A 74 -2.17 12.35 -5.26
N GLN A 75 -2.59 11.86 -4.10
CA GLN A 75 -2.27 12.48 -2.82
C GLN A 75 -0.80 12.91 -2.76
N GLU A 76 0.10 11.97 -3.06
CA GLU A 76 1.53 12.29 -3.01
C GLU A 76 2.30 11.62 -4.13
N THR A 77 3.32 12.31 -4.63
CA THR A 77 4.18 11.79 -5.68
C THR A 77 5.63 12.14 -5.39
N LEU A 78 6.35 11.21 -4.77
CA LEU A 78 7.73 11.46 -4.41
C LEU A 78 8.68 10.53 -5.16
N SER A 79 9.71 11.10 -5.77
CA SER A 79 10.68 10.32 -6.52
C SER A 79 11.54 9.48 -5.58
N ILE A 80 11.76 8.22 -5.95
CA ILE A 80 12.56 7.32 -5.13
C ILE A 80 13.70 6.70 -5.94
N THR A 81 14.61 7.55 -6.40
CA THR A 81 15.76 7.09 -7.18
C THR A 81 16.90 6.65 -6.27
N LYS A 82 16.98 7.25 -5.09
CA LYS A 82 18.02 6.92 -4.13
C LYS A 82 17.43 6.89 -2.71
N TRP A 83 17.01 8.05 -2.22
CA TRP A 83 16.41 8.20 -0.89
C TRP A 83 16.95 7.20 0.13
N ASN A 84 16.35 6.02 0.17
CA ASN A 84 16.75 4.98 1.13
C ASN A 84 16.15 3.62 0.83
N THR A 85 15.04 3.57 0.08
CA THR A 85 14.38 2.32 -0.27
C THR A 85 14.13 1.49 0.99
N ASP A 86 13.80 0.20 0.81
CA ASP A 86 13.52 -0.66 1.95
C ASP A 86 12.33 -0.13 2.73
N THR A 87 12.59 0.88 3.57
CA THR A 87 11.53 1.50 4.35
C THR A 87 10.38 1.90 3.42
N VAL A 88 10.71 2.12 2.14
CA VAL A 88 9.70 2.46 1.15
C VAL A 88 8.65 1.37 1.10
N GLU A 89 9.10 0.12 1.09
CA GLU A 89 8.19 -1.01 1.09
C GLU A 89 7.24 -0.87 2.25
N GLU A 90 7.78 -0.38 3.36
CA GLU A 90 6.99 -0.14 4.56
C GLU A 90 6.10 1.08 4.38
N PHE A 91 6.58 2.01 3.57
CA PHE A 91 5.85 3.25 3.28
C PHE A 91 4.40 2.94 2.93
N PHE A 92 4.21 1.97 2.04
CA PHE A 92 2.89 1.55 1.61
C PHE A 92 2.18 0.73 2.68
N GLU A 93 2.76 -0.41 3.06
CA GLU A 93 2.16 -1.28 4.06
C GLU A 93 1.69 -0.49 5.29
N THR A 94 2.33 0.65 5.53
CA THR A 94 1.98 1.49 6.66
C THR A 94 1.07 2.66 6.24
N HIS A 95 1.03 2.95 4.94
CA HIS A 95 0.21 4.05 4.43
C HIS A 95 -1.00 3.53 3.65
N LEU A 96 -1.15 2.21 3.54
CA LEU A 96 -2.27 1.64 2.81
C LEU A 96 -3.25 0.96 3.75
N ALA A 97 -4.38 0.52 3.19
CA ALA A 97 -5.41 -0.14 3.97
C ALA A 97 -5.71 -1.53 3.42
N LYS A 98 -6.04 -2.46 4.31
CA LYS A 98 -6.35 -3.83 3.92
C LYS A 98 -7.80 -3.96 3.46
N ASP A 99 -8.20 -3.13 2.51
CA ASP A 99 -9.57 -3.15 1.99
C ASP A 99 -10.59 -3.13 3.13
N GLY A 100 -10.25 -2.42 4.21
CA GLY A 100 -11.14 -2.33 5.35
C GLY A 100 -10.42 -1.98 6.62
N ALA A 101 -11.11 -2.12 7.75
CA ALA A 101 -10.52 -1.81 9.05
C ALA A 101 -11.21 -2.58 10.16
N GLY A 102 -12.49 -2.30 10.37
CA GLY A 102 -13.24 -2.98 11.41
C GLY A 102 -14.28 -3.93 10.86
N LYS A 103 -14.57 -4.99 11.60
CA LYS A 103 -15.54 -5.99 11.17
C LYS A 103 -16.12 -6.74 12.36
N ASN A 104 -17.40 -6.53 12.64
CA ASN A 104 -18.06 -7.19 13.76
C ASN A 104 -18.40 -8.64 13.40
N SER A 105 -17.54 -9.55 13.80
CA SER A 105 -17.74 -10.97 13.51
C SER A 105 -18.09 -11.74 14.78
N TYR A 106 -17.19 -11.72 15.75
CA TYR A 106 -17.40 -12.42 17.01
C TYR A 106 -18.76 -12.07 17.60
N SER A 107 -19.44 -13.08 18.14
CA SER A 107 -20.75 -12.89 18.74
C SER A 107 -20.91 -13.74 19.99
N VAL A 108 -21.87 -13.36 20.84
CA VAL A 108 -22.16 -14.06 22.10
C VAL A 108 -20.90 -14.63 22.75
N VAL A 109 -21.09 -15.57 23.64
CA VAL A 109 -19.99 -16.22 24.34
C VAL A 109 -19.24 -17.16 23.40
N GLU A 110 -17.98 -16.84 23.16
CA GLU A 110 -17.14 -17.65 22.29
C GLU A 110 -17.10 -19.10 22.78
N ASP A 111 -16.95 -20.02 21.85
CA ASP A 111 -16.91 -21.44 22.17
C ASP A 111 -15.54 -21.84 22.72
N ALA A 112 -15.47 -23.00 23.36
CA ALA A 112 -14.22 -23.48 23.94
C ALA A 112 -13.65 -22.48 24.93
N ASP A 113 -14.48 -21.58 25.42
CA ASP A 113 -14.04 -20.57 26.37
C ASP A 113 -13.44 -21.22 27.61
N GLY A 114 -12.58 -20.48 28.30
CA GLY A 114 -11.94 -21.01 29.50
C GLY A 114 -10.49 -21.38 29.27
N ASP A 115 -9.97 -21.08 28.09
CA ASP A 115 -8.57 -21.39 27.77
C ASP A 115 -8.04 -20.45 26.69
N ASP A 116 -7.49 -19.32 27.11
CA ASP A 116 -6.94 -18.34 26.18
C ASP A 116 -5.83 -18.96 25.34
N ASP A 117 -5.97 -18.85 24.02
CA ASP A 117 -4.98 -19.40 23.11
C ASP A 117 -4.88 -20.92 23.26
N GLU A 118 -5.07 -21.64 22.16
CA GLU A 118 -5.00 -23.10 22.18
C GLU A 118 -3.56 -23.57 22.03
N ASP A 119 -3.11 -24.36 23.00
CA ASP A 119 -1.74 -24.89 22.97
C ASP A 119 -1.50 -25.72 21.73
N TYR A 120 -2.57 -26.24 21.15
CA TYR A 120 -2.47 -27.07 19.95
C TYR A 120 -3.54 -26.66 18.94
N LEU A 121 -3.87 -27.57 18.02
CA LEU A 121 -4.87 -27.31 17.01
C LEU A 121 -6.19 -28.02 17.33
N ARG A 122 -6.16 -29.34 17.29
CA ARG A 122 -7.36 -30.13 17.56
C ARG A 122 -7.12 -31.08 18.73
N THR A 123 -8.13 -31.22 19.59
CA THR A 123 -8.05 -32.10 20.74
C THR A 123 -9.42 -32.61 21.15
N ASN A 124 -10.21 -33.02 20.16
CA ASN A 124 -11.56 -33.53 20.41
C ASN A 124 -11.66 -35.00 20.03
N ARG A 125 -11.28 -35.87 20.96
CA ARG A 125 -11.34 -37.31 20.72
C ARG A 125 -10.53 -37.70 19.49
N ILE A 126 -9.27 -38.08 19.71
CA ILE A 126 -8.40 -38.47 18.61
C ILE A 126 -8.95 -39.67 17.86
N MET A 1 -14.27 -11.14 16.66
CA MET A 1 -13.87 -12.56 16.53
C MET A 1 -14.10 -13.05 15.10
N ALA A 2 -15.36 -13.26 14.74
CA ALA A 2 -15.72 -13.72 13.41
C ALA A 2 -16.00 -12.55 12.48
N SER A 3 -15.12 -12.37 11.49
CA SER A 3 -15.28 -11.28 10.54
C SER A 3 -15.16 -11.80 9.10
N HIS A 4 -15.94 -11.19 8.20
CA HIS A 4 -15.94 -11.60 6.79
C HIS A 4 -15.88 -10.38 5.88
N HIS A 5 -16.79 -9.44 6.10
CA HIS A 5 -16.86 -8.21 5.30
C HIS A 5 -18.11 -7.41 5.62
N HIS A 6 -17.94 -6.33 6.36
CA HIS A 6 -19.07 -5.47 6.74
C HIS A 6 -19.07 -4.17 5.95
N HIS A 7 -17.93 -3.85 5.31
CA HIS A 7 -17.81 -2.63 4.53
C HIS A 7 -17.94 -1.39 5.41
N HIS A 8 -17.66 -1.55 6.70
CA HIS A 8 -17.73 -0.44 7.63
C HIS A 8 -17.27 -0.86 9.02
N HIS A 9 -16.40 -0.04 9.62
CA HIS A 9 -15.88 -0.33 10.96
C HIS A 9 -15.04 -1.61 10.95
N LEU A 10 -13.97 -1.60 11.74
CA LEU A 10 -13.09 -2.75 11.84
C LEU A 10 -12.01 -2.52 12.89
N ASP A 11 -11.11 -3.50 13.02
CA ASP A 11 -10.03 -3.41 13.99
C ASP A 11 -9.24 -2.11 13.81
N GLN A 12 -8.74 -1.91 12.60
CA GLN A 12 -7.96 -0.73 12.28
C GLN A 12 -8.70 0.54 12.67
N GLN A 13 -9.70 0.92 11.87
CA GLN A 13 -10.49 2.12 12.13
C GLN A 13 -9.60 3.37 12.09
N PRO A 14 -10.07 4.45 11.43
CA PRO A 14 -9.30 5.70 11.32
C PRO A 14 -9.18 6.42 12.66
N ALA A 15 -7.94 6.62 13.10
CA ALA A 15 -7.69 7.31 14.36
C ALA A 15 -6.27 7.88 14.41
N ALA A 16 -5.28 7.01 14.26
CA ALA A 16 -3.88 7.43 14.29
C ALA A 16 -3.27 7.43 12.89
N GLN A 17 -3.37 6.29 12.21
CA GLN A 17 -2.82 6.17 10.85
C GLN A 17 -3.76 6.78 9.81
N ARG A 18 -3.24 7.73 9.04
CA ARG A 18 -4.02 8.40 8.01
C ARG A 18 -3.88 7.67 6.67
N THR A 19 -4.15 6.37 6.69
CA THR A 19 -4.05 5.55 5.48
C THR A 19 -4.66 6.24 4.27
N TYR A 20 -4.37 5.71 3.08
CA TYR A 20 -4.89 6.28 1.84
C TYR A 20 -5.84 5.31 1.15
N ALA A 21 -6.32 5.70 -0.03
CA ALA A 21 -7.24 4.86 -0.78
C ALA A 21 -6.51 4.02 -1.82
N LYS A 22 -5.71 4.68 -2.65
CA LYS A 22 -4.95 3.98 -3.69
C LYS A 22 -3.54 4.55 -3.79
N ALA A 23 -2.66 3.78 -4.43
CA ALA A 23 -1.27 4.20 -4.61
C ALA A 23 -0.58 3.39 -5.71
N ILE A 24 0.21 4.07 -6.53
CA ILE A 24 0.91 3.41 -7.62
C ILE A 24 2.40 3.74 -7.64
N LEU A 25 3.21 2.72 -7.84
CA LEU A 25 4.64 2.89 -7.93
C LEU A 25 5.06 2.67 -9.38
N GLU A 26 5.08 3.75 -10.15
CA GLU A 26 5.42 3.68 -11.56
C GLU A 26 6.91 3.62 -11.81
N VAL A 27 7.39 2.40 -12.03
CA VAL A 27 8.81 2.15 -12.34
C VAL A 27 8.95 1.55 -13.73
N CYS A 28 10.18 1.30 -14.16
CA CYS A 28 10.42 0.72 -15.48
C CYS A 28 11.58 -0.27 -15.45
N THR A 29 12.02 -0.65 -14.26
CA THR A 29 13.13 -1.58 -14.10
C THR A 29 14.36 -1.11 -14.88
N CYS A 30 14.40 0.18 -15.20
CA CYS A 30 15.53 0.74 -15.92
C CYS A 30 16.70 0.93 -14.96
N LYS A 31 16.36 1.11 -13.69
CA LYS A 31 17.37 1.29 -12.64
C LYS A 31 17.88 -0.05 -12.10
N PHE A 32 17.65 -1.13 -12.85
CA PHE A 32 18.10 -2.46 -12.44
C PHE A 32 19.56 -2.42 -11.98
N ARG A 33 20.31 -1.47 -12.52
CA ARG A 33 21.71 -1.30 -12.19
C ARG A 33 21.89 -0.26 -11.08
N ALA A 34 21.22 0.87 -11.26
CA ALA A 34 21.31 1.97 -10.32
C ALA A 34 20.67 1.64 -8.98
N TYR A 35 19.35 1.44 -9.00
CA TYR A 35 18.60 1.16 -7.78
C TYR A 35 18.08 -0.28 -7.79
N PRO A 36 18.99 -1.26 -7.83
CA PRO A 36 18.63 -2.69 -7.86
C PRO A 36 17.91 -3.13 -6.58
N GLN A 37 18.01 -2.32 -5.53
CA GLN A 37 17.37 -2.65 -4.26
C GLN A 37 15.88 -2.35 -4.31
N ILE A 38 15.51 -1.30 -5.01
CA ILE A 38 14.12 -0.91 -5.14
C ILE A 38 13.27 -2.10 -5.60
N GLN A 39 13.33 -2.41 -6.89
CA GLN A 39 12.59 -3.55 -7.43
C GLN A 39 12.79 -4.78 -6.57
N ALA A 40 13.92 -4.82 -5.88
CA ALA A 40 14.24 -5.93 -4.99
C ALA A 40 13.09 -6.21 -4.04
N PHE A 41 12.70 -5.18 -3.26
CA PHE A 41 11.61 -5.33 -2.33
C PHE A 41 10.36 -5.76 -3.09
N ILE A 42 10.26 -5.31 -4.34
CA ILE A 42 9.13 -5.68 -5.19
C ILE A 42 9.21 -7.15 -5.55
N GLN A 43 10.42 -7.60 -5.88
CA GLN A 43 10.65 -8.99 -6.23
C GLN A 43 10.32 -9.88 -5.03
N SER A 44 10.46 -9.31 -3.84
CA SER A 44 10.17 -10.05 -2.61
C SER A 44 8.73 -10.57 -2.62
N GLY A 45 7.80 -9.70 -3.02
CA GLY A 45 6.40 -10.09 -3.08
C GLY A 45 5.55 -9.45 -2.00
N ARG A 46 6.18 -8.67 -1.12
CA ARG A 46 5.47 -8.01 -0.03
C ARG A 46 4.50 -6.95 -0.55
N PRO A 47 4.91 -6.12 -1.51
CA PRO A 47 4.04 -5.07 -2.06
C PRO A 47 2.85 -5.66 -2.81
N ALA A 48 2.96 -6.92 -3.20
CA ALA A 48 1.89 -7.60 -3.91
C ALA A 48 0.70 -7.80 -2.99
N LYS A 49 0.98 -8.06 -1.71
CA LYS A 49 -0.06 -8.26 -0.72
C LYS A 49 -0.87 -6.99 -0.52
N PHE A 50 -0.27 -5.85 -0.83
CA PHE A 50 -0.94 -4.56 -0.67
C PHE A 50 -1.96 -4.33 -1.78
N PRO A 51 -3.27 -4.38 -1.45
CA PRO A 51 -4.34 -4.18 -2.43
C PRO A 51 -4.44 -2.74 -2.92
N ASN A 52 -4.05 -1.81 -2.05
CA ASN A 52 -4.09 -0.39 -2.38
C ASN A 52 -2.82 0.07 -3.08
N LEU A 53 -2.03 -0.89 -3.55
CA LEU A 53 -0.77 -0.57 -4.23
C LEU A 53 -0.69 -1.28 -5.58
N GLN A 54 -0.30 -0.53 -6.60
CA GLN A 54 -0.19 -1.06 -7.97
C GLN A 54 1.18 -1.66 -8.26
N ILE A 55 2.22 -0.83 -8.23
CA ILE A 55 3.58 -1.28 -8.53
C ILE A 55 3.71 -1.53 -10.03
N LYS A 56 3.36 -0.53 -10.83
CA LYS A 56 3.42 -0.66 -12.28
C LYS A 56 4.84 -0.56 -12.82
N TYR A 57 5.02 -1.10 -14.03
CA TYR A 57 6.31 -1.09 -14.70
C TYR A 57 6.22 -0.21 -15.93
N VAL A 58 5.83 1.05 -15.69
CA VAL A 58 5.66 2.06 -16.73
C VAL A 58 6.60 1.86 -17.93
N ARG A 59 6.17 2.35 -19.09
CA ARG A 59 6.94 2.22 -20.32
C ARG A 59 8.43 2.47 -20.09
N GLY A 60 8.76 3.58 -19.42
CA GLY A 60 10.15 3.89 -19.17
C GLY A 60 10.34 5.25 -18.50
N LEU A 61 9.94 5.35 -17.25
CA LEU A 61 10.08 6.59 -16.49
C LEU A 61 10.92 6.36 -15.25
N ASP A 62 10.90 7.33 -14.33
CA ASP A 62 11.66 7.22 -13.09
C ASP A 62 10.79 6.63 -11.99
N PRO A 63 11.41 5.87 -11.06
CA PRO A 63 10.69 5.26 -9.93
C PRO A 63 10.07 6.32 -9.01
N VAL A 64 8.74 6.37 -8.98
CA VAL A 64 8.04 7.32 -8.12
C VAL A 64 6.89 6.68 -7.38
N VAL A 65 6.79 7.00 -6.09
CA VAL A 65 5.73 6.47 -5.24
C VAL A 65 4.53 7.42 -5.28
N LYS A 66 3.37 6.90 -5.64
CA LYS A 66 2.18 7.73 -5.74
C LYS A 66 1.03 7.16 -4.92
N LEU A 67 0.37 8.04 -4.19
CA LEU A 67 -0.77 7.65 -3.37
C LEU A 67 -2.02 8.36 -3.86
N LEU A 68 -2.75 7.72 -4.76
CA LEU A 68 -3.95 8.31 -5.35
C LEU A 68 -5.17 8.14 -4.44
N ASP A 69 -6.31 8.57 -4.95
CA ASP A 69 -7.57 8.50 -4.20
C ASP A 69 -8.47 7.38 -4.75
N ALA A 70 -8.71 7.41 -6.06
CA ALA A 70 -9.55 6.41 -6.69
C ALA A 70 -9.65 6.61 -8.19
N SER A 71 -9.94 7.83 -8.61
CA SER A 71 -10.08 8.14 -10.03
C SER A 71 -8.74 8.53 -10.64
N GLY A 72 -7.98 9.37 -9.94
CA GLY A 72 -6.70 9.80 -10.44
C GLY A 72 -6.25 11.12 -9.84
N LYS A 73 -6.37 11.23 -8.52
CA LYS A 73 -5.98 12.44 -7.81
C LYS A 73 -4.47 12.46 -7.55
N VAL A 74 -3.94 11.39 -6.97
CA VAL A 74 -2.52 11.28 -6.67
C VAL A 74 -2.15 12.20 -5.51
N GLN A 75 -2.58 11.81 -4.31
CA GLN A 75 -2.29 12.58 -3.10
C GLN A 75 -0.81 12.91 -3.01
N GLU A 76 0.03 11.88 -3.11
CA GLU A 76 1.47 12.08 -3.04
C GLU A 76 2.14 11.67 -4.35
N THR A 77 3.46 11.84 -4.39
CA THR A 77 4.28 11.52 -5.56
C THR A 77 5.74 11.83 -5.21
N LEU A 78 6.50 10.80 -4.84
CA LEU A 78 7.89 11.00 -4.45
C LEU A 78 8.84 10.15 -5.28
N SER A 79 9.83 10.81 -5.88
CA SER A 79 10.81 10.13 -6.70
C SER A 79 11.73 9.27 -5.84
N ILE A 80 11.51 7.97 -5.86
CA ILE A 80 12.30 7.05 -5.06
C ILE A 80 13.50 6.50 -5.85
N THR A 81 14.24 7.39 -6.48
CA THR A 81 15.41 6.97 -7.25
C THR A 81 16.49 6.42 -6.33
N LYS A 82 16.48 6.88 -5.09
CA LYS A 82 17.43 6.43 -4.09
C LYS A 82 16.82 6.55 -2.70
N TRP A 83 17.06 7.67 -2.02
CA TRP A 83 16.51 7.90 -0.69
C TRP A 83 16.99 6.86 0.33
N ASN A 84 16.53 5.63 0.19
CA ASN A 84 16.89 4.55 1.12
C ASN A 84 16.16 3.24 0.83
N THR A 85 15.06 3.30 0.08
CA THR A 85 14.28 2.11 -0.26
C THR A 85 13.96 1.32 1.00
N ASP A 86 13.55 0.06 0.84
CA ASP A 86 13.20 -0.79 1.98
C ASP A 86 12.07 -0.14 2.77
N THR A 87 12.43 0.84 3.61
CA THR A 87 11.44 1.56 4.40
C THR A 87 10.30 2.01 3.51
N VAL A 88 10.59 2.21 2.22
CA VAL A 88 9.59 2.63 1.27
C VAL A 88 8.49 1.58 1.21
N GLU A 89 8.90 0.31 1.17
CA GLU A 89 7.94 -0.79 1.14
C GLU A 89 6.98 -0.64 2.32
N GLU A 90 7.53 -0.22 3.45
CA GLU A 90 6.73 0.00 4.65
C GLU A 90 5.87 1.24 4.46
N PHE A 91 6.40 2.20 3.70
CA PHE A 91 5.70 3.45 3.42
C PHE A 91 4.27 3.17 3.01
N PHE A 92 4.10 2.14 2.17
CA PHE A 92 2.78 1.75 1.69
C PHE A 92 2.02 0.96 2.75
N GLU A 93 2.52 -0.20 3.12
CA GLU A 93 1.87 -1.05 4.11
C GLU A 93 1.40 -0.23 5.32
N THR A 94 2.09 0.88 5.58
CA THR A 94 1.74 1.74 6.71
C THR A 94 0.78 2.86 6.30
N HIS A 95 0.79 3.22 5.02
CA HIS A 95 -0.09 4.26 4.51
C HIS A 95 -1.31 3.66 3.82
N LEU A 96 -1.31 2.35 3.60
CA LEU A 96 -2.42 1.68 2.94
C LEU A 96 -3.31 0.96 3.96
N ALA A 97 -4.45 0.49 3.49
CA ALA A 97 -5.40 -0.22 4.33
C ALA A 97 -5.96 -1.44 3.61
N LYS A 98 -6.52 -2.36 4.38
CA LYS A 98 -7.10 -3.58 3.82
C LYS A 98 -8.52 -3.35 3.35
N ASP A 99 -9.15 -2.29 3.85
CA ASP A 99 -10.52 -1.97 3.47
C ASP A 99 -10.57 -1.41 2.06
N GLY A 100 -9.86 -0.31 1.84
CA GLY A 100 -9.83 0.32 0.52
C GLY A 100 -10.98 1.28 0.32
N ALA A 101 -10.67 2.57 0.36
CA ALA A 101 -11.68 3.60 0.17
C ALA A 101 -12.79 3.49 1.21
N GLY A 102 -13.63 4.52 1.28
CA GLY A 102 -14.72 4.52 2.24
C GLY A 102 -14.26 4.86 3.64
N LYS A 103 -13.78 6.08 3.83
CA LYS A 103 -13.30 6.53 5.12
C LYS A 103 -13.65 7.99 5.37
N ASN A 104 -13.77 8.37 6.64
CA ASN A 104 -14.10 9.74 7.01
C ASN A 104 -13.00 10.36 7.86
N SER A 105 -12.55 11.54 7.46
CA SER A 105 -11.51 12.25 8.19
C SER A 105 -11.93 12.48 9.63
N TYR A 106 -11.12 13.25 10.37
CA TYR A 106 -11.43 13.54 11.76
C TYR A 106 -11.38 12.28 12.60
N SER A 107 -10.45 12.23 13.56
CA SER A 107 -10.31 11.08 14.44
C SER A 107 -10.86 11.38 15.83
N VAL A 108 -10.05 12.07 16.63
CA VAL A 108 -10.45 12.43 17.99
C VAL A 108 -11.20 13.76 18.00
N VAL A 109 -11.59 14.18 19.20
CA VAL A 109 -12.32 15.44 19.35
C VAL A 109 -11.51 16.45 20.13
N GLU A 110 -10.77 17.29 19.41
CA GLU A 110 -9.94 18.32 20.03
C GLU A 110 -10.10 19.66 19.33
N ASP A 111 -11.17 19.77 18.60
CA ASP A 111 -11.47 20.99 17.85
C ASP A 111 -12.16 22.02 18.73
N ALA A 112 -11.91 23.30 18.44
CA ALA A 112 -12.51 24.38 19.20
C ALA A 112 -13.19 25.40 18.28
N ASP A 113 -13.47 24.99 17.05
CA ASP A 113 -14.12 25.85 16.07
C ASP A 113 -15.61 25.58 15.99
N GLY A 114 -16.30 26.30 15.12
CA GLY A 114 -17.73 26.13 14.96
C GLY A 114 -18.11 25.68 13.56
N ASP A 115 -17.14 25.24 12.78
CA ASP A 115 -17.38 24.79 11.41
C ASP A 115 -18.31 23.59 11.40
N ASP A 116 -19.23 23.57 10.45
CA ASP A 116 -20.19 22.47 10.32
C ASP A 116 -19.49 21.19 9.89
N ASP A 117 -18.94 20.46 10.86
CA ASP A 117 -18.24 19.22 10.58
C ASP A 117 -19.08 18.29 9.71
N GLU A 118 -18.44 17.63 8.75
CA GLU A 118 -19.14 16.72 7.86
C GLU A 118 -19.22 15.33 8.47
N ASP A 119 -20.43 14.90 8.79
CA ASP A 119 -20.66 13.59 9.39
C ASP A 119 -20.88 12.54 8.31
N TYR A 120 -21.68 12.89 7.32
CA TYR A 120 -21.99 11.98 6.22
C TYR A 120 -22.30 12.77 4.95
N LEU A 121 -23.01 12.13 4.03
CA LEU A 121 -23.38 12.77 2.77
C LEU A 121 -24.70 13.52 2.91
N ARG A 122 -25.57 13.00 3.77
CA ARG A 122 -26.88 13.61 3.99
C ARG A 122 -26.73 15.11 4.28
N THR A 123 -26.17 15.43 5.44
CA THR A 123 -25.96 16.82 5.82
C THR A 123 -27.26 17.63 5.68
N ASN A 124 -27.20 18.89 6.06
CA ASN A 124 -28.36 19.77 5.97
C ASN A 124 -28.20 20.79 4.85
N ARG A 125 -29.09 20.72 3.86
CA ARG A 125 -29.06 21.64 2.73
C ARG A 125 -28.98 23.09 3.21
N ILE A 126 -27.99 23.81 2.70
CA ILE A 126 -27.80 25.21 3.07
C ILE A 126 -27.69 25.38 4.58
N MET A 1 -5.53 15.06 25.05
CA MET A 1 -5.90 13.63 24.94
C MET A 1 -7.38 13.42 25.27
N ALA A 2 -7.74 13.65 26.52
CA ALA A 2 -9.12 13.50 26.98
C ALA A 2 -9.67 12.12 26.62
N SER A 3 -9.15 11.09 27.29
CA SER A 3 -9.60 9.73 27.05
C SER A 3 -9.49 9.37 25.57
N HIS A 4 -10.12 8.25 25.19
CA HIS A 4 -10.10 7.79 23.80
C HIS A 4 -8.76 7.17 23.45
N HIS A 5 -7.70 7.97 23.53
CA HIS A 5 -6.35 7.48 23.22
C HIS A 5 -5.57 7.21 24.50
N HIS A 6 -5.84 6.07 25.12
CA HIS A 6 -5.16 5.70 26.36
C HIS A 6 -5.15 4.18 26.53
N HIS A 7 -3.97 3.58 26.33
CA HIS A 7 -3.83 2.13 26.47
C HIS A 7 -4.85 1.40 25.61
N HIS A 8 -4.49 1.14 24.35
CA HIS A 8 -5.37 0.46 23.42
C HIS A 8 -4.58 -0.10 22.23
N HIS A 9 -5.28 -0.66 21.26
CA HIS A 9 -4.65 -1.23 20.07
C HIS A 9 -3.87 -2.50 20.42
N LEU A 10 -4.20 -3.58 19.73
CA LEU A 10 -3.54 -4.87 19.97
C LEU A 10 -2.42 -5.11 18.97
N ASP A 11 -2.74 -4.99 17.68
CA ASP A 11 -1.75 -5.21 16.63
C ASP A 11 -1.08 -3.90 16.23
N GLN A 12 -1.75 -3.15 15.36
CA GLN A 12 -1.23 -1.88 14.89
C GLN A 12 -2.23 -1.21 13.95
N GLN A 13 -3.44 -0.98 14.45
CA GLN A 13 -4.48 -0.34 13.65
C GLN A 13 -4.20 1.15 13.49
N PRO A 14 -4.48 1.71 12.30
CA PRO A 14 -4.26 3.13 12.02
C PRO A 14 -4.91 4.04 13.05
N ALA A 15 -4.08 4.68 13.87
CA ALA A 15 -4.56 5.58 14.90
C ALA A 15 -3.92 6.96 14.78
N ALA A 16 -2.60 6.96 14.58
CA ALA A 16 -1.85 8.21 14.44
C ALA A 16 -1.72 8.59 12.97
N GLN A 17 -0.94 7.81 12.24
CA GLN A 17 -0.72 8.05 10.81
C GLN A 17 -2.04 8.05 10.05
N ARG A 18 -2.01 8.58 8.84
CA ARG A 18 -3.20 8.63 7.99
C ARG A 18 -3.03 7.72 6.78
N THR A 19 -4.01 6.86 6.56
CA THR A 19 -3.97 5.94 5.44
C THR A 19 -4.64 6.52 4.21
N TYR A 20 -4.29 5.96 3.05
CA TYR A 20 -4.85 6.42 1.78
C TYR A 20 -5.72 5.34 1.14
N ALA A 21 -6.45 5.73 0.10
CA ALA A 21 -7.34 4.81 -0.60
C ALA A 21 -6.65 4.08 -1.74
N LYS A 22 -5.57 4.67 -2.26
CA LYS A 22 -4.84 4.05 -3.36
C LYS A 22 -3.46 4.67 -3.57
N ALA A 23 -2.61 3.96 -4.29
CA ALA A 23 -1.25 4.42 -4.59
C ALA A 23 -0.64 3.54 -5.67
N ILE A 24 0.47 4.00 -6.26
CA ILE A 24 1.12 3.23 -7.31
C ILE A 24 2.63 3.47 -7.36
N LEU A 25 3.37 2.39 -7.57
CA LEU A 25 4.82 2.46 -7.68
C LEU A 25 5.21 2.39 -9.15
N GLU A 26 5.15 3.55 -9.82
CA GLU A 26 5.46 3.62 -11.24
C GLU A 26 6.96 3.59 -11.50
N VAL A 27 7.39 2.51 -12.13
CA VAL A 27 8.81 2.31 -12.47
C VAL A 27 8.95 1.77 -13.88
N CYS A 28 10.19 1.69 -14.35
CA CYS A 28 10.49 1.17 -15.68
C CYS A 28 11.55 0.07 -15.60
N THR A 29 11.92 -0.32 -14.38
CA THR A 29 12.93 -1.34 -14.16
C THR A 29 14.25 -0.98 -14.83
N CYS A 30 14.42 0.28 -15.19
CA CYS A 30 15.65 0.75 -15.82
C CYS A 30 16.75 0.87 -14.78
N LYS A 31 16.32 1.01 -13.52
CA LYS A 31 17.26 1.15 -12.40
C LYS A 31 17.71 -0.22 -11.86
N PHE A 32 17.48 -1.28 -12.64
CA PHE A 32 17.87 -2.61 -12.22
C PHE A 32 19.36 -2.66 -11.87
N ARG A 33 20.12 -1.72 -12.41
CA ARG A 33 21.56 -1.65 -12.17
C ARG A 33 21.89 -0.67 -11.05
N ALA A 34 21.36 0.54 -11.18
CA ALA A 34 21.60 1.59 -10.20
C ALA A 34 20.91 1.32 -8.87
N TYR A 35 19.60 1.13 -8.91
CA TYR A 35 18.82 0.89 -7.70
C TYR A 35 18.30 -0.55 -7.67
N PRO A 36 19.21 -1.54 -7.62
CA PRO A 36 18.84 -2.96 -7.56
C PRO A 36 18.05 -3.31 -6.30
N GLN A 37 18.13 -2.46 -5.30
CA GLN A 37 17.43 -2.68 -4.04
C GLN A 37 15.93 -2.39 -4.19
N ILE A 38 15.63 -1.35 -4.95
CA ILE A 38 14.24 -0.96 -5.18
C ILE A 38 13.44 -2.15 -5.71
N GLN A 39 13.67 -2.49 -6.98
CA GLN A 39 12.99 -3.62 -7.59
C GLN A 39 13.05 -4.84 -6.67
N ALA A 40 14.10 -4.90 -5.87
CA ALA A 40 14.30 -5.99 -4.94
C ALA A 40 13.04 -6.21 -4.09
N PHE A 41 12.65 -5.20 -3.32
CA PHE A 41 11.48 -5.30 -2.48
C PHE A 41 10.24 -5.55 -3.33
N ILE A 42 10.26 -5.07 -4.57
CA ILE A 42 9.13 -5.25 -5.48
C ILE A 42 8.99 -6.72 -5.84
N GLN A 43 10.11 -7.35 -6.15
CA GLN A 43 10.12 -8.77 -6.51
C GLN A 43 9.98 -9.65 -5.26
N SER A 44 10.29 -9.07 -4.10
CA SER A 44 10.21 -9.80 -2.84
C SER A 44 8.88 -10.54 -2.72
N GLY A 45 7.78 -9.81 -2.91
CA GLY A 45 6.46 -10.41 -2.82
C GLY A 45 5.56 -9.73 -1.80
N ARG A 46 6.17 -8.99 -0.87
CA ARG A 46 5.43 -8.29 0.16
C ARG A 46 4.40 -7.32 -0.43
N PRO A 47 4.78 -6.55 -1.47
CA PRO A 47 3.86 -5.59 -2.10
C PRO A 47 2.67 -6.28 -2.74
N ALA A 48 2.82 -7.57 -3.05
CA ALA A 48 1.75 -8.34 -3.64
C ALA A 48 0.57 -8.43 -2.68
N LYS A 49 0.89 -8.47 -1.38
CA LYS A 49 -0.12 -8.54 -0.34
C LYS A 49 -0.79 -7.18 -0.13
N PHE A 50 -0.22 -6.13 -0.70
CA PHE A 50 -0.78 -4.79 -0.56
C PHE A 50 -1.68 -4.45 -1.75
N PRO A 51 -2.99 -4.71 -1.65
CA PRO A 51 -3.93 -4.42 -2.73
C PRO A 51 -3.92 -2.95 -3.12
N ASN A 52 -3.99 -2.07 -2.12
CA ASN A 52 -3.97 -0.64 -2.35
C ASN A 52 -2.75 -0.23 -3.18
N LEU A 53 -1.71 -1.07 -3.15
CA LEU A 53 -0.49 -0.79 -3.89
C LEU A 53 -0.55 -1.44 -5.27
N GLN A 54 -0.36 -0.63 -6.31
CA GLN A 54 -0.42 -1.10 -7.69
C GLN A 54 0.87 -1.76 -8.18
N ILE A 55 2.01 -1.11 -7.98
CA ILE A 55 3.29 -1.64 -8.45
C ILE A 55 3.27 -1.73 -9.98
N LYS A 56 3.29 -0.57 -10.64
CA LYS A 56 3.25 -0.53 -12.09
C LYS A 56 4.64 -0.37 -12.70
N TYR A 57 4.79 -0.87 -13.91
CA TYR A 57 6.06 -0.79 -14.63
C TYR A 57 5.85 0.13 -15.82
N VAL A 58 5.63 1.40 -15.50
CA VAL A 58 5.38 2.44 -16.47
C VAL A 58 6.21 2.26 -17.76
N ARG A 59 5.74 2.88 -18.84
CA ARG A 59 6.41 2.79 -20.13
C ARG A 59 7.92 2.97 -20.00
N GLY A 60 8.34 4.03 -19.32
CA GLY A 60 9.76 4.28 -19.16
C GLY A 60 10.07 5.57 -18.44
N LEU A 61 9.73 5.63 -17.15
CA LEU A 61 9.99 6.82 -16.34
C LEU A 61 10.83 6.46 -15.12
N ASP A 62 10.95 7.40 -14.19
CA ASP A 62 11.73 7.19 -12.97
C ASP A 62 10.85 6.62 -11.87
N PRO A 63 11.45 5.82 -10.95
CA PRO A 63 10.71 5.23 -9.83
C PRO A 63 10.11 6.27 -8.91
N VAL A 64 8.78 6.28 -8.82
CA VAL A 64 8.07 7.22 -7.97
C VAL A 64 6.92 6.56 -7.23
N VAL A 65 6.52 7.17 -6.12
CA VAL A 65 5.43 6.67 -5.31
C VAL A 65 4.23 7.59 -5.43
N LYS A 66 3.27 7.21 -6.28
CA LYS A 66 2.10 8.02 -6.52
C LYS A 66 0.90 7.55 -5.73
N LEU A 67 0.50 8.33 -4.73
CA LEU A 67 -0.67 8.01 -3.93
C LEU A 67 -1.88 8.55 -4.65
N LEU A 68 -2.98 7.81 -4.65
CA LEU A 68 -4.17 8.25 -5.36
C LEU A 68 -5.44 8.02 -4.55
N ASP A 69 -6.56 8.36 -5.16
CA ASP A 69 -7.86 8.20 -4.52
C ASP A 69 -8.74 7.26 -5.33
N ALA A 70 -8.94 7.58 -6.61
CA ALA A 70 -9.76 6.76 -7.48
C ALA A 70 -9.95 7.42 -8.84
N SER A 71 -10.02 8.74 -8.85
CA SER A 71 -10.21 9.49 -10.10
C SER A 71 -8.89 9.69 -10.83
N GLY A 72 -7.78 9.54 -10.11
CA GLY A 72 -6.48 9.72 -10.72
C GLY A 72 -5.83 11.04 -10.33
N LYS A 73 -6.37 11.68 -9.31
CA LYS A 73 -5.84 12.96 -8.84
C LYS A 73 -4.36 12.83 -8.48
N VAL A 74 -4.03 11.78 -7.74
CA VAL A 74 -2.66 11.52 -7.30
C VAL A 74 -2.31 12.46 -6.15
N GLN A 75 -2.81 12.11 -4.96
CA GLN A 75 -2.57 12.91 -3.76
C GLN A 75 -1.10 13.31 -3.62
N GLU A 76 -0.19 12.36 -3.82
CA GLU A 76 1.23 12.65 -3.67
C GLU A 76 2.08 11.90 -4.70
N THR A 77 3.24 12.48 -5.00
CA THR A 77 4.20 11.89 -5.94
C THR A 77 5.61 12.18 -5.47
N LEU A 78 6.26 11.19 -4.86
CA LEU A 78 7.62 11.37 -4.36
C LEU A 78 8.62 10.48 -5.08
N SER A 79 9.62 11.09 -5.70
CA SER A 79 10.65 10.34 -6.40
C SER A 79 11.43 9.48 -5.43
N ILE A 80 11.48 8.19 -5.68
CA ILE A 80 12.18 7.27 -4.79
C ILE A 80 13.54 6.84 -5.33
N THR A 81 14.05 7.57 -6.32
CA THR A 81 15.35 7.26 -6.89
C THR A 81 16.41 7.20 -5.79
N LYS A 82 16.16 7.97 -4.73
CA LYS A 82 17.06 8.02 -3.59
C LYS A 82 16.35 8.69 -2.42
N TRP A 83 16.39 8.06 -1.25
CA TRP A 83 15.73 8.60 -0.08
C TRP A 83 15.88 7.68 1.12
N ASN A 84 15.69 6.39 0.92
CA ASN A 84 15.78 5.43 2.03
C ASN A 84 15.63 3.99 1.55
N THR A 85 14.81 3.76 0.53
CA THR A 85 14.55 2.42 0.00
C THR A 85 14.16 1.48 1.13
N ASP A 86 13.76 0.26 0.78
CA ASP A 86 13.34 -0.72 1.80
C ASP A 86 12.17 -0.15 2.61
N THR A 87 12.49 0.72 3.56
CA THR A 87 11.47 1.37 4.37
C THR A 87 10.36 1.91 3.47
N VAL A 88 10.72 2.21 2.22
CA VAL A 88 9.75 2.69 1.25
C VAL A 88 8.65 1.65 1.11
N GLU A 89 9.05 0.39 1.01
CA GLU A 89 8.10 -0.71 0.91
C GLU A 89 7.09 -0.60 2.04
N GLU A 90 7.59 -0.23 3.21
CA GLU A 90 6.74 -0.04 4.38
C GLU A 90 5.86 1.20 4.19
N PHE A 91 6.40 2.17 3.46
CA PHE A 91 5.68 3.41 3.17
C PHE A 91 4.26 3.09 2.72
N PHE A 92 4.16 2.13 1.79
CA PHE A 92 2.86 1.71 1.27
C PHE A 92 2.06 0.93 2.30
N GLU A 93 2.56 -0.24 2.69
CA GLU A 93 1.86 -1.09 3.66
C GLU A 93 1.37 -0.27 4.86
N THR A 94 2.05 0.83 5.15
CA THR A 94 1.68 1.67 6.27
C THR A 94 0.71 2.78 5.85
N HIS A 95 1.01 3.44 4.73
CA HIS A 95 0.17 4.52 4.24
C HIS A 95 -1.07 3.99 3.50
N LEU A 96 -1.08 2.70 3.19
CA LEU A 96 -2.21 2.10 2.48
C LEU A 96 -3.13 1.38 3.45
N ALA A 97 -4.28 0.96 2.94
CA ALA A 97 -5.27 0.26 3.75
C ALA A 97 -5.73 -1.02 3.07
N LYS A 98 -5.77 -2.10 3.84
CA LYS A 98 -6.19 -3.40 3.30
C LYS A 98 -7.71 -3.47 3.18
N ASP A 99 -8.27 -2.66 2.29
CA ASP A 99 -9.72 -2.64 2.09
C ASP A 99 -10.18 -3.89 1.36
N GLY A 100 -10.55 -4.92 2.13
CA GLY A 100 -11.00 -6.16 1.54
C GLY A 100 -10.20 -7.36 2.03
N ALA A 101 -10.85 -8.52 2.10
CA ALA A 101 -10.19 -9.73 2.55
C ALA A 101 -10.15 -10.78 1.43
N GLY A 102 -9.35 -10.51 0.42
CA GLY A 102 -9.23 -11.44 -0.70
C GLY A 102 -10.18 -11.09 -1.84
N LYS A 103 -11.06 -12.03 -2.18
CA LYS A 103 -12.01 -11.82 -3.26
C LYS A 103 -11.29 -11.62 -4.59
N ASN A 104 -11.62 -12.47 -5.56
CA ASN A 104 -11.00 -12.39 -6.87
C ASN A 104 -11.93 -12.96 -7.95
N SER A 105 -11.62 -12.67 -9.20
CA SER A 105 -12.43 -13.16 -10.32
C SER A 105 -12.39 -14.68 -10.40
N TYR A 106 -11.25 -15.21 -10.82
CA TYR A 106 -11.07 -16.65 -10.95
C TYR A 106 -11.26 -17.36 -9.61
N SER A 107 -11.12 -18.68 -9.61
CA SER A 107 -11.27 -19.47 -8.40
C SER A 107 -10.33 -18.99 -7.30
N VAL A 108 -9.07 -19.38 -7.39
CA VAL A 108 -8.07 -18.99 -6.40
C VAL A 108 -6.73 -18.68 -7.05
N VAL A 109 -5.77 -18.27 -6.24
CA VAL A 109 -4.44 -17.93 -6.74
C VAL A 109 -3.36 -18.33 -5.73
N GLU A 110 -2.43 -19.17 -6.17
CA GLU A 110 -1.35 -19.62 -5.32
C GLU A 110 -0.23 -18.58 -5.24
N ASP A 111 0.26 -18.34 -4.03
CA ASP A 111 1.32 -17.37 -3.82
C ASP A 111 2.69 -18.01 -4.01
N ALA A 112 3.53 -17.38 -4.84
CA ALA A 112 4.86 -17.89 -5.11
C ALA A 112 5.90 -17.21 -4.22
N ASP A 113 6.95 -17.94 -3.87
CA ASP A 113 8.01 -17.42 -3.03
C ASP A 113 9.32 -18.17 -3.24
N GLY A 114 10.42 -17.57 -2.82
CA GLY A 114 11.71 -18.19 -2.97
C GLY A 114 12.80 -17.49 -2.18
N ASP A 115 14.05 -17.83 -2.46
CA ASP A 115 15.18 -17.21 -1.76
C ASP A 115 16.40 -17.13 -2.68
N ASP A 116 16.71 -15.91 -3.13
CA ASP A 116 17.84 -15.68 -4.01
C ASP A 116 17.63 -16.37 -5.36
N ASP A 117 16.87 -15.73 -6.23
CA ASP A 117 16.59 -16.27 -7.56
C ASP A 117 15.66 -15.35 -8.33
N GLU A 118 16.23 -14.55 -9.22
CA GLU A 118 15.45 -13.62 -10.03
C GLU A 118 15.20 -14.18 -11.42
N ASP A 119 14.36 -15.22 -11.49
CA ASP A 119 14.02 -15.85 -12.76
C ASP A 119 15.25 -16.49 -13.40
N TYR A 120 16.23 -16.82 -12.57
CA TYR A 120 17.46 -17.44 -13.06
C TYR A 120 18.08 -16.66 -14.22
N LEU A 121 17.65 -16.97 -15.43
CA LEU A 121 18.16 -16.29 -16.62
C LEU A 121 17.03 -15.95 -17.59
N ARG A 122 16.97 -14.69 -18.00
CA ARG A 122 15.94 -14.24 -18.93
C ARG A 122 16.21 -14.77 -20.34
N THR A 123 17.49 -14.92 -20.66
CA THR A 123 17.90 -15.42 -21.97
C THR A 123 17.47 -14.47 -23.09
N ASN A 124 16.18 -14.45 -23.39
CA ASN A 124 15.64 -13.59 -24.43
C ASN A 124 14.12 -13.60 -24.42
N ARG A 125 13.54 -12.94 -23.42
CA ARG A 125 12.08 -12.88 -23.28
C ARG A 125 11.49 -11.91 -24.29
N ILE A 126 10.27 -12.20 -24.73
CA ILE A 126 9.58 -11.36 -25.70
C ILE A 126 9.42 -9.93 -25.18
#